data_5S90
# 
_entry.id   5S90 
# 
_audit_conform.dict_name       mmcif_pdbx.dic 
_audit_conform.dict_version    5.387 
_audit_conform.dict_location   http://mmcif.pdb.org/dictionaries/ascii/mmcif_pdbx.dic 
# 
loop_
_database_2.database_id 
_database_2.database_code 
_database_2.pdbx_database_accession 
_database_2.pdbx_DOI 
PDB   5S90         pdb_00005s90 10.2210/pdb5s90/pdb 
WWPDB D_1001404209 ?            ?                   
# 
loop_
_pdbx_audit_revision_history.ordinal 
_pdbx_audit_revision_history.data_content_type 
_pdbx_audit_revision_history.major_revision 
_pdbx_audit_revision_history.minor_revision 
_pdbx_audit_revision_history.revision_date 
1 'Structure model' 1 0 2021-02-17 
2 'Structure model' 1 1 2024-03-06 
# 
_pdbx_audit_revision_details.ordinal             1 
_pdbx_audit_revision_details.revision_ordinal    1 
_pdbx_audit_revision_details.data_content_type   'Structure model' 
_pdbx_audit_revision_details.provider            repository 
_pdbx_audit_revision_details.type                'Initial release' 
_pdbx_audit_revision_details.description         ? 
_pdbx_audit_revision_details.details             ? 
# 
loop_
_pdbx_audit_revision_group.ordinal 
_pdbx_audit_revision_group.revision_ordinal 
_pdbx_audit_revision_group.data_content_type 
_pdbx_audit_revision_group.group 
1 2 'Structure model' 'Data collection'     
2 2 'Structure model' 'Database references' 
# 
loop_
_pdbx_audit_revision_category.ordinal 
_pdbx_audit_revision_category.revision_ordinal 
_pdbx_audit_revision_category.data_content_type 
_pdbx_audit_revision_category.category 
1 2 'Structure model' chem_comp_atom 
2 2 'Structure model' chem_comp_bond 
3 2 'Structure model' database_2     
# 
loop_
_pdbx_audit_revision_item.ordinal 
_pdbx_audit_revision_item.revision_ordinal 
_pdbx_audit_revision_item.data_content_type 
_pdbx_audit_revision_item.item 
1 2 'Structure model' '_database_2.pdbx_DOI'                
2 2 'Structure model' '_database_2.pdbx_database_accession' 
# 
_pdbx_database_status.entry_id                        5S90 
_pdbx_database_status.status_code                     REL 
_pdbx_database_status.status_code_sf                  REL 
_pdbx_database_status.status_code_mr                  ? 
_pdbx_database_status.status_code_cs                  ? 
_pdbx_database_status.recvd_initial_deposition_date   2021-01-22 
_pdbx_database_status.status_code_nmr_data            ? 
_pdbx_database_status.deposit_site                    RCSB 
_pdbx_database_status.process_site                    RCSB 
_pdbx_database_status.SG_entry                        ? 
_pdbx_database_status.pdb_format_compatible           Y 
_pdbx_database_status.methods_development_category    ? 
# 
loop_
_audit_author.name 
_audit_author.pdbx_ordinal 
_audit_author.identifier_ORCID 
'Grosjean, H.'     1  ? 
'Aimon, A.'        2  ? 
'Hassel-Hart , S.' 3  ? 
'Krojer, T.'       4  ? 
'Talon, R.'        5  ? 
'Douangamath, A.'  6  ? 
'Koekemoer, L.'    7  ? 
'Biggin, P.C.'     8  ? 
'Spencer, J.'      9  ? 
'von Delft, F.'    10 ? 
# 
_citation.id                        primary 
_citation.title                     
;Crystal Structures of the second bromodomain of Pleckstrin homology domain interacting protein (PHIP) in space group C2 soaked with crude reaction mixtures
;
_citation.journal_abbrev            'To Be Published' 
_citation.journal_volume            ? 
_citation.page_first                ? 
_citation.page_last                 ? 
_citation.year                      ? 
_citation.journal_id_ASTM           ? 
_citation.country                   ? 
_citation.journal_id_ISSN           ? 
_citation.journal_id_CSD            0353 
_citation.book_publisher            ? 
_citation.pdbx_database_id_PubMed   ? 
_citation.pdbx_database_id_DOI      ? 
# 
loop_
_citation_author.citation_id 
_citation_author.name 
_citation_author.identifier_ORCID 
_citation_author.ordinal 
primary 'Grosjean, H.'    ? 1  
primary 'Aimon, A.'       ? 2  
primary 'Hart , S.'       ? 3  
primary 'Krojer, T.'      ? 4  
primary 'Talon, R.'       ? 5  
primary 'Douangamath, A.' ? 6  
primary 'Koekemoer, L.'   ? 7  
primary 'Biggin, P.C.'    ? 8  
primary 'Spencer, J.'     ? 9  
primary 'von Delft, F.'   ? 10 
# 
loop_
_entity.id 
_entity.type 
_entity.src_method 
_entity.pdbx_description 
_entity.formula_weight 
_entity.pdbx_number_of_molecules 
_entity.pdbx_ec 
_entity.pdbx_mutation 
_entity.pdbx_fragment 
_entity.details 
1 polymer     man 'PH-interacting protein'                                          17627.859 1   ? ? ? ? 
2 non-polymer syn '4-(furan-2-carbonyl)-N-(2-methoxyethyl)piperazine-1-carboxamide' 281.308   1   ? ? ? ? 
3 water       nat water                                                             18.015    195 ? ? ? ? 
# 
_entity_name_com.entity_id   1 
_entity_name_com.name        
'PHIP,DDB1- and CUL4-associated factor 14,IRS-1 PH domain-binding protein,WD repeat-containing protein 11' 
# 
_entity_poly.entity_id                      1 
_entity_poly.type                           'polypeptide(L)' 
_entity_poly.nstd_linkage                   no 
_entity_poly.nstd_monomer                   no 
_entity_poly.pdbx_seq_one_letter_code       
;MHHHHHHSSGVDLGTENLYFQSMSYDIQAWKKQCEELLNLIFQCEDSEPFRQPVDLLEYPDYRDIIDTPMDFATVRETLE
AGNYESPMELCKDVRLIFSNSKAYTPSKRSRIYSMSLRLSAFFEEHISSVLSDYKSALRFHKRNTITKR
;
_entity_poly.pdbx_seq_one_letter_code_can   
;MHHHHHHSSGVDLGTENLYFQSMSYDIQAWKKQCEELLNLIFQCEDSEPFRQPVDLLEYPDYRDIIDTPMDFATVRETLE
AGNYESPMELCKDVRLIFSNSKAYTPSKRSRIYSMSLRLSAFFEEHISSVLSDYKSALRFHKRNTITKR
;
_entity_poly.pdbx_strand_id                 A 
_entity_poly.pdbx_target_identifier         ? 
# 
loop_
_pdbx_entity_nonpoly.entity_id 
_pdbx_entity_nonpoly.name 
_pdbx_entity_nonpoly.comp_id 
2 '4-(furan-2-carbonyl)-N-(2-methoxyethyl)piperazine-1-carboxamide' Y1P 
3 water                                                             HOH 
# 
loop_
_entity_poly_seq.entity_id 
_entity_poly_seq.num 
_entity_poly_seq.mon_id 
_entity_poly_seq.hetero 
1 1   MET n 
1 2   HIS n 
1 3   HIS n 
1 4   HIS n 
1 5   HIS n 
1 6   HIS n 
1 7   HIS n 
1 8   SER n 
1 9   SER n 
1 10  GLY n 
1 11  VAL n 
1 12  ASP n 
1 13  LEU n 
1 14  GLY n 
1 15  THR n 
1 16  GLU n 
1 17  ASN n 
1 18  LEU n 
1 19  TYR n 
1 20  PHE n 
1 21  GLN n 
1 22  SER n 
1 23  MET n 
1 24  SER n 
1 25  TYR n 
1 26  ASP n 
1 27  ILE n 
1 28  GLN n 
1 29  ALA n 
1 30  TRP n 
1 31  LYS n 
1 32  LYS n 
1 33  GLN n 
1 34  CYS n 
1 35  GLU n 
1 36  GLU n 
1 37  LEU n 
1 38  LEU n 
1 39  ASN n 
1 40  LEU n 
1 41  ILE n 
1 42  PHE n 
1 43  GLN n 
1 44  CYS n 
1 45  GLU n 
1 46  ASP n 
1 47  SER n 
1 48  GLU n 
1 49  PRO n 
1 50  PHE n 
1 51  ARG n 
1 52  GLN n 
1 53  PRO n 
1 54  VAL n 
1 55  ASP n 
1 56  LEU n 
1 57  LEU n 
1 58  GLU n 
1 59  TYR n 
1 60  PRO n 
1 61  ASP n 
1 62  TYR n 
1 63  ARG n 
1 64  ASP n 
1 65  ILE n 
1 66  ILE n 
1 67  ASP n 
1 68  THR n 
1 69  PRO n 
1 70  MET n 
1 71  ASP n 
1 72  PHE n 
1 73  ALA n 
1 74  THR n 
1 75  VAL n 
1 76  ARG n 
1 77  GLU n 
1 78  THR n 
1 79  LEU n 
1 80  GLU n 
1 81  ALA n 
1 82  GLY n 
1 83  ASN n 
1 84  TYR n 
1 85  GLU n 
1 86  SER n 
1 87  PRO n 
1 88  MET n 
1 89  GLU n 
1 90  LEU n 
1 91  CYS n 
1 92  LYS n 
1 93  ASP n 
1 94  VAL n 
1 95  ARG n 
1 96  LEU n 
1 97  ILE n 
1 98  PHE n 
1 99  SER n 
1 100 ASN n 
1 101 SER n 
1 102 LYS n 
1 103 ALA n 
1 104 TYR n 
1 105 THR n 
1 106 PRO n 
1 107 SER n 
1 108 LYS n 
1 109 ARG n 
1 110 SER n 
1 111 ARG n 
1 112 ILE n 
1 113 TYR n 
1 114 SER n 
1 115 MET n 
1 116 SER n 
1 117 LEU n 
1 118 ARG n 
1 119 LEU n 
1 120 SER n 
1 121 ALA n 
1 122 PHE n 
1 123 PHE n 
1 124 GLU n 
1 125 GLU n 
1 126 HIS n 
1 127 ILE n 
1 128 SER n 
1 129 SER n 
1 130 VAL n 
1 131 LEU n 
1 132 SER n 
1 133 ASP n 
1 134 TYR n 
1 135 LYS n 
1 136 SER n 
1 137 ALA n 
1 138 LEU n 
1 139 ARG n 
1 140 PHE n 
1 141 HIS n 
1 142 LYS n 
1 143 ARG n 
1 144 ASN n 
1 145 THR n 
1 146 ILE n 
1 147 THR n 
1 148 LYS n 
1 149 ARG n 
# 
_entity_src_gen.entity_id                          1 
_entity_src_gen.pdbx_src_id                        1 
_entity_src_gen.pdbx_alt_source_flag               sample 
_entity_src_gen.pdbx_seq_type                      'Biological sequence' 
_entity_src_gen.pdbx_beg_seq_num                   1 
_entity_src_gen.pdbx_end_seq_num                   149 
_entity_src_gen.gene_src_common_name               Human 
_entity_src_gen.gene_src_genus                     ? 
_entity_src_gen.pdbx_gene_src_gene                 'PHIP, DCAF14, WDR11' 
_entity_src_gen.gene_src_species                   ? 
_entity_src_gen.gene_src_strain                    ? 
_entity_src_gen.gene_src_tissue                    ? 
_entity_src_gen.gene_src_tissue_fraction           ? 
_entity_src_gen.gene_src_details                   ? 
_entity_src_gen.pdbx_gene_src_fragment             ? 
_entity_src_gen.pdbx_gene_src_scientific_name      'Homo sapiens' 
_entity_src_gen.pdbx_gene_src_ncbi_taxonomy_id     9606 
_entity_src_gen.pdbx_gene_src_variant              ? 
_entity_src_gen.pdbx_gene_src_cell_line            ? 
_entity_src_gen.pdbx_gene_src_atcc                 ? 
_entity_src_gen.pdbx_gene_src_organ                ? 
_entity_src_gen.pdbx_gene_src_organelle            ? 
_entity_src_gen.pdbx_gene_src_cell                 ? 
_entity_src_gen.pdbx_gene_src_cellular_location    ? 
_entity_src_gen.host_org_common_name               ? 
_entity_src_gen.pdbx_host_org_scientific_name      'Escherichia coli' 
_entity_src_gen.pdbx_host_org_ncbi_taxonomy_id     562 
_entity_src_gen.host_org_genus                     ? 
_entity_src_gen.pdbx_host_org_gene                 ? 
_entity_src_gen.pdbx_host_org_organ                ? 
_entity_src_gen.host_org_species                   ? 
_entity_src_gen.pdbx_host_org_tissue               ? 
_entity_src_gen.pdbx_host_org_tissue_fraction      ? 
_entity_src_gen.pdbx_host_org_strain               ? 
_entity_src_gen.pdbx_host_org_variant              ? 
_entity_src_gen.pdbx_host_org_cell_line            ? 
_entity_src_gen.pdbx_host_org_atcc                 ? 
_entity_src_gen.pdbx_host_org_culture_collection   ? 
_entity_src_gen.pdbx_host_org_cell                 ? 
_entity_src_gen.pdbx_host_org_organelle            ? 
_entity_src_gen.pdbx_host_org_cellular_location    ? 
_entity_src_gen.pdbx_host_org_vector_type          ? 
_entity_src_gen.pdbx_host_org_vector               ? 
_entity_src_gen.host_org_details                   ? 
_entity_src_gen.expression_system_id               ? 
_entity_src_gen.plasmid_name                       ? 
_entity_src_gen.plasmid_details                    ? 
_entity_src_gen.pdbx_description                   ? 
# 
loop_
_chem_comp.id 
_chem_comp.type 
_chem_comp.mon_nstd_flag 
_chem_comp.name 
_chem_comp.pdbx_synonyms 
_chem_comp.formula 
_chem_comp.formula_weight 
ALA 'L-peptide linking' y ALANINE                                                           ? 'C3 H7 N O2'     89.093  
ARG 'L-peptide linking' y ARGININE                                                          ? 'C6 H15 N4 O2 1' 175.209 
ASN 'L-peptide linking' y ASPARAGINE                                                        ? 'C4 H8 N2 O3'    132.118 
ASP 'L-peptide linking' y 'ASPARTIC ACID'                                                   ? 'C4 H7 N O4'     133.103 
CYS 'L-peptide linking' y CYSTEINE                                                          ? 'C3 H7 N O2 S'   121.158 
GLN 'L-peptide linking' y GLUTAMINE                                                         ? 'C5 H10 N2 O3'   146.144 
GLU 'L-peptide linking' y 'GLUTAMIC ACID'                                                   ? 'C5 H9 N O4'     147.129 
GLY 'peptide linking'   y GLYCINE                                                           ? 'C2 H5 N O2'     75.067  
HIS 'L-peptide linking' y HISTIDINE                                                         ? 'C6 H10 N3 O2 1' 156.162 
HOH non-polymer         . WATER                                                             ? 'H2 O'           18.015  
ILE 'L-peptide linking' y ISOLEUCINE                                                        ? 'C6 H13 N O2'    131.173 
LEU 'L-peptide linking' y LEUCINE                                                           ? 'C6 H13 N O2'    131.173 
LYS 'L-peptide linking' y LYSINE                                                            ? 'C6 H15 N2 O2 1' 147.195 
MET 'L-peptide linking' y METHIONINE                                                        ? 'C5 H11 N O2 S'  149.211 
PHE 'L-peptide linking' y PHENYLALANINE                                                     ? 'C9 H11 N O2'    165.189 
PRO 'L-peptide linking' y PROLINE                                                           ? 'C5 H9 N O2'     115.130 
SER 'L-peptide linking' y SERINE                                                            ? 'C3 H7 N O3'     105.093 
THR 'L-peptide linking' y THREONINE                                                         ? 'C4 H9 N O3'     119.119 
TRP 'L-peptide linking' y TRYPTOPHAN                                                        ? 'C11 H12 N2 O2'  204.225 
TYR 'L-peptide linking' y TYROSINE                                                          ? 'C9 H11 N O3'    181.189 
VAL 'L-peptide linking' y VALINE                                                            ? 'C5 H11 N O2'    117.146 
Y1P non-polymer         . '4-(furan-2-carbonyl)-N-(2-methoxyethyl)piperazine-1-carboxamide' ? 'C13 H19 N3 O4'  281.308 
# 
loop_
_pdbx_poly_seq_scheme.asym_id 
_pdbx_poly_seq_scheme.entity_id 
_pdbx_poly_seq_scheme.seq_id 
_pdbx_poly_seq_scheme.mon_id 
_pdbx_poly_seq_scheme.ndb_seq_num 
_pdbx_poly_seq_scheme.pdb_seq_num 
_pdbx_poly_seq_scheme.auth_seq_num 
_pdbx_poly_seq_scheme.pdb_mon_id 
_pdbx_poly_seq_scheme.auth_mon_id 
_pdbx_poly_seq_scheme.pdb_strand_id 
_pdbx_poly_seq_scheme.pdb_ins_code 
_pdbx_poly_seq_scheme.hetero 
A 1 1   MET 1   1292 ?    ?   ?   A . n 
A 1 2   HIS 2   1293 ?    ?   ?   A . n 
A 1 3   HIS 3   1294 ?    ?   ?   A . n 
A 1 4   HIS 4   1295 ?    ?   ?   A . n 
A 1 5   HIS 5   1296 ?    ?   ?   A . n 
A 1 6   HIS 6   1297 ?    ?   ?   A . n 
A 1 7   HIS 7   1298 ?    ?   ?   A . n 
A 1 8   SER 8   1299 ?    ?   ?   A . n 
A 1 9   SER 9   1300 ?    ?   ?   A . n 
A 1 10  GLY 10  1301 ?    ?   ?   A . n 
A 1 11  VAL 11  1302 ?    ?   ?   A . n 
A 1 12  ASP 12  1303 ?    ?   ?   A . n 
A 1 13  LEU 13  1304 ?    ?   ?   A . n 
A 1 14  GLY 14  1305 ?    ?   ?   A . n 
A 1 15  THR 15  1306 ?    ?   ?   A . n 
A 1 16  GLU 16  1307 ?    ?   ?   A . n 
A 1 17  ASN 17  1308 ?    ?   ?   A . n 
A 1 18  LEU 18  1309 ?    ?   ?   A . n 
A 1 19  TYR 19  1310 ?    ?   ?   A . n 
A 1 20  PHE 20  1311 ?    ?   ?   A . n 
A 1 21  GLN 21  1312 ?    ?   ?   A . n 
A 1 22  SER 22  1313 ?    ?   ?   A . n 
A 1 23  MET 23  1314 ?    ?   ?   A . n 
A 1 24  SER 24  1315 ?    ?   ?   A . n 
A 1 25  TYR 25  1316 1316 TYR TYR A . n 
A 1 26  ASP 26  1317 1317 ASP ASP A . n 
A 1 27  ILE 27  1318 1318 ILE ILE A . n 
A 1 28  GLN 28  1319 1319 GLN GLN A . n 
A 1 29  ALA 29  1320 1320 ALA ALA A . n 
A 1 30  TRP 30  1321 1321 TRP TRP A . n 
A 1 31  LYS 31  1322 1322 LYS LYS A . n 
A 1 32  LYS 32  1323 1323 LYS LYS A . n 
A 1 33  GLN 33  1324 1324 GLN GLN A . n 
A 1 34  CYS 34  1325 1325 CYS CYS A . n 
A 1 35  GLU 35  1326 1326 GLU GLU A . n 
A 1 36  GLU 36  1327 1327 GLU GLU A . n 
A 1 37  LEU 37  1328 1328 LEU LEU A . n 
A 1 38  LEU 38  1329 1329 LEU LEU A . n 
A 1 39  ASN 39  1330 1330 ASN ASN A . n 
A 1 40  LEU 40  1331 1331 LEU LEU A . n 
A 1 41  ILE 41  1332 1332 ILE ILE A . n 
A 1 42  PHE 42  1333 1333 PHE PHE A . n 
A 1 43  GLN 43  1334 1334 GLN GLN A . n 
A 1 44  CYS 44  1335 1335 CYS CYS A . n 
A 1 45  GLU 45  1336 1336 GLU GLU A . n 
A 1 46  ASP 46  1337 1337 ASP ASP A . n 
A 1 47  SER 47  1338 1338 SER SER A . n 
A 1 48  GLU 48  1339 1339 GLU GLU A . n 
A 1 49  PRO 49  1340 1340 PRO PRO A . n 
A 1 50  PHE 50  1341 1341 PHE PHE A . n 
A 1 51  ARG 51  1342 1342 ARG ARG A . n 
A 1 52  GLN 52  1343 1343 GLN GLN A . n 
A 1 53  PRO 53  1344 1344 PRO PRO A . n 
A 1 54  VAL 54  1345 1345 VAL VAL A . n 
A 1 55  ASP 55  1346 1346 ASP ASP A . n 
A 1 56  LEU 56  1347 1347 LEU LEU A . n 
A 1 57  LEU 57  1348 1348 LEU LEU A . n 
A 1 58  GLU 58  1349 1349 GLU GLU A . n 
A 1 59  TYR 59  1350 1350 TYR TYR A . n 
A 1 60  PRO 60  1351 1351 PRO PRO A . n 
A 1 61  ASP 61  1352 1352 ASP ASP A . n 
A 1 62  TYR 62  1353 1353 TYR TYR A . n 
A 1 63  ARG 63  1354 1354 ARG ARG A . n 
A 1 64  ASP 64  1355 1355 ASP ASP A . n 
A 1 65  ILE 65  1356 1356 ILE ILE A . n 
A 1 66  ILE 66  1357 1357 ILE ILE A . n 
A 1 67  ASP 67  1358 1358 ASP ASP A . n 
A 1 68  THR 68  1359 1359 THR THR A . n 
A 1 69  PRO 69  1360 1360 PRO PRO A . n 
A 1 70  MET 70  1361 1361 MET MET A . n 
A 1 71  ASP 71  1362 1362 ASP ASP A . n 
A 1 72  PHE 72  1363 1363 PHE PHE A . n 
A 1 73  ALA 73  1364 1364 ALA ALA A . n 
A 1 74  THR 74  1365 1365 THR THR A . n 
A 1 75  VAL 75  1366 1366 VAL VAL A . n 
A 1 76  ARG 76  1367 1367 ARG ARG A . n 
A 1 77  GLU 77  1368 1368 GLU GLU A . n 
A 1 78  THR 78  1369 1369 THR THR A . n 
A 1 79  LEU 79  1370 1370 LEU LEU A . n 
A 1 80  GLU 80  1371 1371 GLU GLU A . n 
A 1 81  ALA 81  1372 1372 ALA ALA A . n 
A 1 82  GLY 82  1373 1373 GLY GLY A . n 
A 1 83  ASN 83  1374 1374 ASN ASN A . n 
A 1 84  TYR 84  1375 1375 TYR TYR A . n 
A 1 85  GLU 85  1376 1376 GLU GLU A . n 
A 1 86  SER 86  1377 1377 SER SER A . n 
A 1 87  PRO 87  1378 1378 PRO PRO A . n 
A 1 88  MET 88  1379 1379 MET MET A . n 
A 1 89  GLU 89  1380 1380 GLU GLU A . n 
A 1 90  LEU 90  1381 1381 LEU LEU A . n 
A 1 91  CYS 91  1382 1382 CYS CYS A . n 
A 1 92  LYS 92  1383 1383 LYS LYS A . n 
A 1 93  ASP 93  1384 1384 ASP ASP A . n 
A 1 94  VAL 94  1385 1385 VAL VAL A . n 
A 1 95  ARG 95  1386 1386 ARG ARG A . n 
A 1 96  LEU 96  1387 1387 LEU LEU A . n 
A 1 97  ILE 97  1388 1388 ILE ILE A . n 
A 1 98  PHE 98  1389 1389 PHE PHE A . n 
A 1 99  SER 99  1390 1390 SER SER A . n 
A 1 100 ASN 100 1391 1391 ASN ASN A . n 
A 1 101 SER 101 1392 1392 SER SER A . n 
A 1 102 LYS 102 1393 1393 LYS LYS A . n 
A 1 103 ALA 103 1394 1394 ALA ALA A . n 
A 1 104 TYR 104 1395 1395 TYR TYR A . n 
A 1 105 THR 105 1396 1396 THR THR A . n 
A 1 106 PRO 106 1397 1397 PRO PRO A . n 
A 1 107 SER 107 1398 1398 SER SER A . n 
A 1 108 LYS 108 1399 1399 LYS LYS A . n 
A 1 109 ARG 109 1400 1400 ARG ARG A . n 
A 1 110 SER 110 1401 1401 SER SER A . n 
A 1 111 ARG 111 1402 1402 ARG ARG A . n 
A 1 112 ILE 112 1403 1403 ILE ILE A . n 
A 1 113 TYR 113 1404 1404 TYR TYR A . n 
A 1 114 SER 114 1405 1405 SER SER A . n 
A 1 115 MET 115 1406 1406 MET MET A . n 
A 1 116 SER 116 1407 1407 SER SER A . n 
A 1 117 LEU 117 1408 1408 LEU LEU A . n 
A 1 118 ARG 118 1409 1409 ARG ARG A . n 
A 1 119 LEU 119 1410 1410 LEU LEU A . n 
A 1 120 SER 120 1411 1411 SER SER A . n 
A 1 121 ALA 121 1412 1412 ALA ALA A . n 
A 1 122 PHE 122 1413 1413 PHE PHE A . n 
A 1 123 PHE 123 1414 1414 PHE PHE A . n 
A 1 124 GLU 124 1415 1415 GLU GLU A . n 
A 1 125 GLU 125 1416 1416 GLU GLU A . n 
A 1 126 HIS 126 1417 1417 HIS HIS A . n 
A 1 127 ILE 127 1418 1418 ILE ILE A . n 
A 1 128 SER 128 1419 1419 SER SER A . n 
A 1 129 SER 129 1420 1420 SER SER A . n 
A 1 130 VAL 130 1421 1421 VAL VAL A . n 
A 1 131 LEU 131 1422 1422 LEU LEU A . n 
A 1 132 SER 132 1423 1423 SER SER A . n 
A 1 133 ASP 133 1424 1424 ASP ASP A . n 
A 1 134 TYR 134 1425 1425 TYR TYR A . n 
A 1 135 LYS 135 1426 1426 LYS LYS A . n 
A 1 136 SER 136 1427 1427 SER SER A . n 
A 1 137 ALA 137 1428 1428 ALA ALA A . n 
A 1 138 LEU 138 1429 1429 LEU LEU A . n 
A 1 139 ARG 139 1430 1430 ARG ARG A . n 
A 1 140 PHE 140 1431 1431 PHE PHE A . n 
A 1 141 HIS 141 1432 1432 HIS HIS A . n 
A 1 142 LYS 142 1433 1433 LYS LYS A . n 
A 1 143 ARG 143 1434 1434 ARG ARG A . n 
A 1 144 ASN 144 1435 ?    ?   ?   A . n 
A 1 145 THR 145 1436 ?    ?   ?   A . n 
A 1 146 ILE 146 1437 ?    ?   ?   A . n 
A 1 147 THR 147 1438 ?    ?   ?   A . n 
A 1 148 LYS 148 1439 ?    ?   ?   A . n 
A 1 149 ARG 149 1440 ?    ?   ?   A . n 
# 
loop_
_pdbx_nonpoly_scheme.asym_id 
_pdbx_nonpoly_scheme.entity_id 
_pdbx_nonpoly_scheme.mon_id 
_pdbx_nonpoly_scheme.ndb_seq_num 
_pdbx_nonpoly_scheme.pdb_seq_num 
_pdbx_nonpoly_scheme.auth_seq_num 
_pdbx_nonpoly_scheme.pdb_mon_id 
_pdbx_nonpoly_scheme.auth_mon_id 
_pdbx_nonpoly_scheme.pdb_strand_id 
_pdbx_nonpoly_scheme.pdb_ins_code 
B 2 Y1P 1   1501 1501 Y1P LIG A . 
C 3 HOH 1   1601 128  HOH HOH A . 
C 3 HOH 2   1602 187  HOH HOH A . 
C 3 HOH 3   1603 60   HOH HOH A . 
C 3 HOH 4   1604 154  HOH HOH A . 
C 3 HOH 5   1605 197  HOH HOH A . 
C 3 HOH 6   1606 98   HOH HOH A . 
C 3 HOH 7   1607 89   HOH HOH A . 
C 3 HOH 8   1608 151  HOH HOH A . 
C 3 HOH 9   1609 144  HOH HOH A . 
C 3 HOH 10  1610 100  HOH HOH A . 
C 3 HOH 11  1611 162  HOH HOH A . 
C 3 HOH 12  1612 85   HOH HOH A . 
C 3 HOH 13  1613 52   HOH HOH A . 
C 3 HOH 14  1614 26   HOH HOH A . 
C 3 HOH 15  1615 183  HOH HOH A . 
C 3 HOH 16  1616 74   HOH HOH A . 
C 3 HOH 17  1617 137  HOH HOH A . 
C 3 HOH 18  1618 38   HOH HOH A . 
C 3 HOH 19  1619 17   HOH HOH A . 
C 3 HOH 20  1620 7    HOH HOH A . 
C 3 HOH 21  1621 10   HOH HOH A . 
C 3 HOH 22  1622 124  HOH HOH A . 
C 3 HOH 23  1623 12   HOH HOH A . 
C 3 HOH 24  1624 184  HOH HOH A . 
C 3 HOH 25  1625 159  HOH HOH A . 
C 3 HOH 26  1626 160  HOH HOH A . 
C 3 HOH 27  1627 172  HOH HOH A . 
C 3 HOH 28  1628 84   HOH HOH A . 
C 3 HOH 29  1629 130  HOH HOH A . 
C 3 HOH 30  1630 24   HOH HOH A . 
C 3 HOH 31  1631 129  HOH HOH A . 
C 3 HOH 32  1632 121  HOH HOH A . 
C 3 HOH 33  1633 41   HOH HOH A . 
C 3 HOH 34  1634 33   HOH HOH A . 
C 3 HOH 35  1635 45   HOH HOH A . 
C 3 HOH 36  1636 123  HOH HOH A . 
C 3 HOH 37  1637 106  HOH HOH A . 
C 3 HOH 38  1638 9    HOH HOH A . 
C 3 HOH 39  1639 20   HOH HOH A . 
C 3 HOH 40  1640 101  HOH HOH A . 
C 3 HOH 41  1641 139  HOH HOH A . 
C 3 HOH 42  1642 31   HOH HOH A . 
C 3 HOH 43  1643 14   HOH HOH A . 
C 3 HOH 44  1644 94   HOH HOH A . 
C 3 HOH 45  1645 205  HOH HOH A . 
C 3 HOH 46  1646 65   HOH HOH A . 
C 3 HOH 47  1647 59   HOH HOH A . 
C 3 HOH 48  1648 182  HOH HOH A . 
C 3 HOH 49  1649 92   HOH HOH A . 
C 3 HOH 50  1650 206  HOH HOH A . 
C 3 HOH 51  1651 70   HOH HOH A . 
C 3 HOH 52  1652 131  HOH HOH A . 
C 3 HOH 53  1653 77   HOH HOH A . 
C 3 HOH 54  1654 16   HOH HOH A . 
C 3 HOH 55  1655 141  HOH HOH A . 
C 3 HOH 56  1656 158  HOH HOH A . 
C 3 HOH 57  1657 25   HOH HOH A . 
C 3 HOH 58  1658 76   HOH HOH A . 
C 3 HOH 59  1659 174  HOH HOH A . 
C 3 HOH 60  1660 5    HOH HOH A . 
C 3 HOH 61  1661 50   HOH HOH A . 
C 3 HOH 62  1662 55   HOH HOH A . 
C 3 HOH 63  1663 1    HOH HOH A . 
C 3 HOH 64  1664 54   HOH HOH A . 
C 3 HOH 65  1665 28   HOH HOH A . 
C 3 HOH 66  1666 149  HOH HOH A . 
C 3 HOH 67  1667 4    HOH HOH A . 
C 3 HOH 68  1668 36   HOH HOH A . 
C 3 HOH 69  1669 62   HOH HOH A . 
C 3 HOH 70  1670 126  HOH HOH A . 
C 3 HOH 71  1671 143  HOH HOH A . 
C 3 HOH 72  1672 39   HOH HOH A . 
C 3 HOH 73  1673 64   HOH HOH A . 
C 3 HOH 74  1674 119  HOH HOH A . 
C 3 HOH 75  1675 21   HOH HOH A . 
C 3 HOH 76  1676 3    HOH HOH A . 
C 3 HOH 77  1677 127  HOH HOH A . 
C 3 HOH 78  1678 113  HOH HOH A . 
C 3 HOH 79  1679 179  HOH HOH A . 
C 3 HOH 80  1680 23   HOH HOH A . 
C 3 HOH 81  1681 120  HOH HOH A . 
C 3 HOH 82  1682 176  HOH HOH A . 
C 3 HOH 83  1683 191  HOH HOH A . 
C 3 HOH 84  1684 150  HOH HOH A . 
C 3 HOH 85  1685 140  HOH HOH A . 
C 3 HOH 86  1686 195  HOH HOH A . 
C 3 HOH 87  1687 88   HOH HOH A . 
C 3 HOH 88  1688 138  HOH HOH A . 
C 3 HOH 89  1689 173  HOH HOH A . 
C 3 HOH 90  1690 19   HOH HOH A . 
C 3 HOH 91  1691 67   HOH HOH A . 
C 3 HOH 92  1692 6    HOH HOH A . 
C 3 HOH 93  1693 63   HOH HOH A . 
C 3 HOH 94  1694 135  HOH HOH A . 
C 3 HOH 95  1695 96   HOH HOH A . 
C 3 HOH 96  1696 91   HOH HOH A . 
C 3 HOH 97  1697 27   HOH HOH A . 
C 3 HOH 98  1698 11   HOH HOH A . 
C 3 HOH 99  1699 80   HOH HOH A . 
C 3 HOH 100 1700 69   HOH HOH A . 
C 3 HOH 101 1701 71   HOH HOH A . 
C 3 HOH 102 1702 35   HOH HOH A . 
C 3 HOH 103 1703 83   HOH HOH A . 
C 3 HOH 104 1704 15   HOH HOH A . 
C 3 HOH 105 1705 152  HOH HOH A . 
C 3 HOH 106 1706 108  HOH HOH A . 
C 3 HOH 107 1707 44   HOH HOH A . 
C 3 HOH 108 1708 56   HOH HOH A . 
C 3 HOH 109 1709 40   HOH HOH A . 
C 3 HOH 110 1710 167  HOH HOH A . 
C 3 HOH 111 1711 116  HOH HOH A . 
C 3 HOH 112 1712 81   HOH HOH A . 
C 3 HOH 113 1713 145  HOH HOH A . 
C 3 HOH 114 1714 82   HOH HOH A . 
C 3 HOH 115 1715 117  HOH HOH A . 
C 3 HOH 116 1716 29   HOH HOH A . 
C 3 HOH 117 1717 166  HOH HOH A . 
C 3 HOH 118 1718 136  HOH HOH A . 
C 3 HOH 119 1719 105  HOH HOH A . 
C 3 HOH 120 1720 48   HOH HOH A . 
C 3 HOH 121 1721 177  HOH HOH A . 
C 3 HOH 122 1722 2    HOH HOH A . 
C 3 HOH 123 1723 18   HOH HOH A . 
C 3 HOH 124 1724 171  HOH HOH A . 
C 3 HOH 125 1725 161  HOH HOH A . 
C 3 HOH 126 1726 157  HOH HOH A . 
C 3 HOH 127 1727 122  HOH HOH A . 
C 3 HOH 128 1728 178  HOH HOH A . 
C 3 HOH 129 1729 165  HOH HOH A . 
C 3 HOH 130 1730 72   HOH HOH A . 
C 3 HOH 131 1731 34   HOH HOH A . 
C 3 HOH 132 1732 146  HOH HOH A . 
C 3 HOH 133 1733 22   HOH HOH A . 
C 3 HOH 134 1734 53   HOH HOH A . 
C 3 HOH 135 1735 86   HOH HOH A . 
C 3 HOH 136 1736 125  HOH HOH A . 
C 3 HOH 137 1737 142  HOH HOH A . 
C 3 HOH 138 1738 49   HOH HOH A . 
C 3 HOH 139 1739 57   HOH HOH A . 
C 3 HOH 140 1740 13   HOH HOH A . 
C 3 HOH 141 1741 109  HOH HOH A . 
C 3 HOH 142 1742 134  HOH HOH A . 
C 3 HOH 143 1743 204  HOH HOH A . 
C 3 HOH 144 1744 164  HOH HOH A . 
C 3 HOH 145 1745 95   HOH HOH A . 
C 3 HOH 146 1746 90   HOH HOH A . 
C 3 HOH 147 1747 194  HOH HOH A . 
C 3 HOH 148 1748 37   HOH HOH A . 
C 3 HOH 149 1749 175  HOH HOH A . 
C 3 HOH 150 1750 118  HOH HOH A . 
C 3 HOH 151 1751 181  HOH HOH A . 
C 3 HOH 152 1752 198  HOH HOH A . 
C 3 HOH 153 1753 75   HOH HOH A . 
C 3 HOH 154 1754 156  HOH HOH A . 
C 3 HOH 155 1755 153  HOH HOH A . 
C 3 HOH 156 1756 185  HOH HOH A . 
C 3 HOH 157 1757 8    HOH HOH A . 
C 3 HOH 158 1758 112  HOH HOH A . 
C 3 HOH 159 1759 115  HOH HOH A . 
C 3 HOH 160 1760 114  HOH HOH A . 
C 3 HOH 161 1761 202  HOH HOH A . 
C 3 HOH 162 1762 186  HOH HOH A . 
C 3 HOH 163 1763 61   HOH HOH A . 
C 3 HOH 164 1764 190  HOH HOH A . 
C 3 HOH 165 1765 30   HOH HOH A . 
C 3 HOH 166 1766 104  HOH HOH A . 
C 3 HOH 167 1767 199  HOH HOH A . 
C 3 HOH 168 1768 51   HOH HOH A . 
C 3 HOH 169 1769 110  HOH HOH A . 
C 3 HOH 170 1770 132  HOH HOH A . 
C 3 HOH 171 1771 93   HOH HOH A . 
C 3 HOH 172 1772 107  HOH HOH A . 
C 3 HOH 173 1773 188  HOH HOH A . 
C 3 HOH 174 1774 133  HOH HOH A . 
C 3 HOH 175 1775 193  HOH HOH A . 
C 3 HOH 176 1776 87   HOH HOH A . 
C 3 HOH 177 1777 201  HOH HOH A . 
C 3 HOH 178 1778 102  HOH HOH A . 
C 3 HOH 179 1779 180  HOH HOH A . 
C 3 HOH 180 1780 170  HOH HOH A . 
C 3 HOH 181 1781 103  HOH HOH A . 
C 3 HOH 182 1782 78   HOH HOH A . 
C 3 HOH 183 1783 68   HOH HOH A . 
C 3 HOH 184 1784 46   HOH HOH A . 
C 3 HOH 185 1785 73   HOH HOH A . 
C 3 HOH 186 1786 168  HOH HOH A . 
C 3 HOH 187 1787 196  HOH HOH A . 
C 3 HOH 188 1788 200  HOH HOH A . 
C 3 HOH 189 1789 97   HOH HOH A . 
C 3 HOH 190 1790 189  HOH HOH A . 
C 3 HOH 191 1791 192  HOH HOH A . 
C 3 HOH 192 1792 148  HOH HOH A . 
C 3 HOH 193 1793 111  HOH HOH A . 
C 3 HOH 194 1794 203  HOH HOH A . 
C 3 HOH 195 1795 79   HOH HOH A . 
# 
loop_
_pdbx_unobs_or_zero_occ_atoms.id 
_pdbx_unobs_or_zero_occ_atoms.PDB_model_num 
_pdbx_unobs_or_zero_occ_atoms.polymer_flag 
_pdbx_unobs_or_zero_occ_atoms.occupancy_flag 
_pdbx_unobs_or_zero_occ_atoms.auth_asym_id 
_pdbx_unobs_or_zero_occ_atoms.auth_comp_id 
_pdbx_unobs_or_zero_occ_atoms.auth_seq_id 
_pdbx_unobs_or_zero_occ_atoms.PDB_ins_code 
_pdbx_unobs_or_zero_occ_atoms.auth_atom_id 
_pdbx_unobs_or_zero_occ_atoms.label_alt_id 
_pdbx_unobs_or_zero_occ_atoms.label_asym_id 
_pdbx_unobs_or_zero_occ_atoms.label_comp_id 
_pdbx_unobs_or_zero_occ_atoms.label_seq_id 
_pdbx_unobs_or_zero_occ_atoms.label_atom_id 
1 1 Y 1 A LYS 1323 ? CE ? A LYS 32 CE 
2 1 Y 1 A LYS 1323 ? NZ ? A LYS 32 NZ 
# 
loop_
_software.pdbx_ordinal 
_software.name 
_software.version 
_software.date 
_software.type 
_software.contact_author 
_software.contact_author_email 
_software.classification 
_software.location 
_software.language 
_software.citation_id 
1 REFMAC      5.8.0267 ?               program 'Garib N. Murshudov' garib@ysbl.york.ac.uk    refinement        
http://www.ccp4.ac.uk/dist/html/refmac5.html        Fortran_77 ? 
2 Aimless     0.7.4    13/12/18        program 'Phil Evans'         ?                        'data scaling'    
http://www.mrc-lmb.cam.ac.uk/harry/pre/aimless.html ?          ? 
3 PDB_EXTRACT 3.23     'SEP. 23, 2016' package PDB                  deposit@deposit.rcsb.org 'data extraction' 
http://sw-tools.pdb.org/apps/PDB_EXTRACT/           C++        ? 
4 XDS         .        ?               program ?                    ?                        'data reduction'  ? ?          ? 
5 REFMAC      .        ?               program ?                    ?                        phasing           ? ?          ? 
# 
_cell.entry_id           5S90 
_cell.length_a           82.214 
_cell.length_b           27.156 
_cell.length_c           55.636 
_cell.angle_alpha        90.000 
_cell.angle_beta         99.590 
_cell.angle_gamma        90.000 
_cell.Z_PDB              4 
_cell.pdbx_unique_axis   ? 
# 
_symmetry.entry_id                         5S90 
_symmetry.space_group_name_H-M             'C 1 2 1' 
_symmetry.pdbx_full_space_group_name_H-M   ? 
_symmetry.cell_setting                     ? 
_symmetry.Int_Tables_number                5 
# 
_exptl.crystals_number   1 
_exptl.entry_id          5S90 
_exptl.method            'X-RAY DIFFRACTION' 
# 
_exptl_crystal.id                    1 
_exptl_crystal.pdbx_mosaicity        0.000 
_exptl_crystal.pdbx_mosaicity_esd    ? 
_exptl_crystal.density_Matthews      1.74 
_exptl_crystal.density_diffrn        ? 
_exptl_crystal.density_meas          ? 
_exptl_crystal.density_meas_temp     ? 
_exptl_crystal.density_percent_sol   29.19 
_exptl_crystal.size_max              ? 
_exptl_crystal.size_mid              ? 
_exptl_crystal.size_min              ? 
_exptl_crystal.size_rad              ? 
_exptl_crystal.description           ? 
_exptl_crystal.preparation           ? 
# 
_exptl_crystal_grow.crystal_id      1 
_exptl_crystal_grow.method          'VAPOR DIFFUSION, SITTING DROP' 
_exptl_crystal_grow.pH              5.6 
_exptl_crystal_grow.temp            277 
_exptl_crystal_grow.pdbx_details    '20% PEG 8000, 0.04M POTASSIUM PHOSPHATE' 
_exptl_crystal_grow.temp_details    ? 
_exptl_crystal_grow.pdbx_pH_range   ? 
# 
_diffrn.id                               1 
_diffrn.ambient_temp                     100 
_diffrn.crystal_id                       1 
_diffrn.ambient_temp_details             ? 
_diffrn.pdbx_serial_crystal_experiment   ? 
# 
_diffrn_detector.detector               PIXEL 
_diffrn_detector.type                   'DECTRIS PILATUS 6M' 
_diffrn_detector.pdbx_collection_date   2020-08-10 
_diffrn_detector.diffrn_id              1 
_diffrn_detector.details                ? 
# 
_diffrn_radiation.diffrn_id                        1 
_diffrn_radiation.wavelength_id                    1 
_diffrn_radiation.pdbx_diffrn_protocol             'SINGLE WAVELENGTH' 
_diffrn_radiation.pdbx_monochromatic_or_laue_m_l   ? 
_diffrn_radiation.monochromator                    ? 
_diffrn_radiation.pdbx_scattering_type             x-ray 
# 
_diffrn_radiation_wavelength.id           1 
_diffrn_radiation_wavelength.wavelength   0.9126 
_diffrn_radiation_wavelength.wt           1.0 
# 
_diffrn_source.diffrn_id                   1 
_diffrn_source.source                      SYNCHROTRON 
_diffrn_source.type                        'DIAMOND BEAMLINE I04-1' 
_diffrn_source.pdbx_wavelength_list        0.9126 
_diffrn_source.pdbx_synchrotron_site       Diamond 
_diffrn_source.pdbx_synchrotron_beamline   I04-1 
_diffrn_source.pdbx_wavelength             ? 
# 
_reflns.entry_id                     5S90 
_reflns.pdbx_diffrn_id               1 
_reflns.pdbx_ordinal                 1 
_reflns.observed_criterion_sigma_I   ? 
_reflns.observed_criterion_sigma_F   ? 
_reflns.d_resolution_low             54.820 
_reflns.d_resolution_high            1.100 
_reflns.number_obs                   37886 
_reflns.number_all                   ? 
_reflns.percent_possible_obs         76.400 
_reflns.pdbx_Rmerge_I_obs            0.057 
_reflns.pdbx_Rsym_value              ? 
_reflns.pdbx_netI_over_sigmaI        9.000 
_reflns.B_iso_Wilson_estimate        ? 
_reflns.pdbx_redundancy              2.400 
_reflns.pdbx_Rrim_I_all              0.070 
_reflns.pdbx_Rpim_I_all              0.040 
_reflns.pdbx_CC_half                 0.994 
_reflns.pdbx_netI_over_av_sigmaI     ? 
_reflns.pdbx_number_measured_all     92512 
_reflns.pdbx_scaling_rejects         101 
_reflns.pdbx_chi_squared             ? 
_reflns.Rmerge_F_all                 ? 
_reflns.Rmerge_F_obs                 ? 
_reflns.observed_criterion_F_max     ? 
_reflns.observed_criterion_F_min     ? 
_reflns.observed_criterion_I_max     ? 
_reflns.observed_criterion_I_min     ? 
_reflns.pdbx_d_res_high_opt          ? 
_reflns.pdbx_d_res_low_opt           ? 
_reflns.details                      ? 
_reflns.pdbx_CC_star                 ? 
# 
loop_
_reflns_shell.pdbx_diffrn_id 
_reflns_shell.pdbx_ordinal 
_reflns_shell.d_res_high 
_reflns_shell.d_res_low 
_reflns_shell.number_measured_obs 
_reflns_shell.number_measured_all 
_reflns_shell.number_unique_obs 
_reflns_shell.pdbx_rejects 
_reflns_shell.Rmerge_I_obs 
_reflns_shell.meanI_over_sigI_obs 
_reflns_shell.pdbx_Rsym_value 
_reflns_shell.pdbx_chi_squared 
_reflns_shell.pdbx_redundancy 
_reflns_shell.percent_possible_obs 
_reflns_shell.pdbx_netI_over_sigmaI_obs 
_reflns_shell.number_possible 
_reflns_shell.number_unique_all 
_reflns_shell.Rmerge_F_all 
_reflns_shell.Rmerge_F_obs 
_reflns_shell.Rmerge_I_all 
_reflns_shell.meanI_over_sigI_all 
_reflns_shell.percent_possible_all 
_reflns_shell.pdbx_Rrim_I_all 
_reflns_shell.pdbx_Rpim_I_all 
_reflns_shell.pdbx_CC_half 
_reflns_shell.pdbx_CC_star 
1 1 1.100 1.120  ? 158 ? ? ?     ? ? ? 1.000 ? 1.000  ? 157 ? ? ? ? 6.500  ?     ?     ?     ? 
1 2 6.020 54.820 ? 958 ? ? 0.056 ? ? ? 2.800 ? 16.900 ? 345 ? ? ? ? 99.800 0.071 0.043 0.981 ? 
# 
_refine.entry_id                                 5S90 
_refine.pdbx_refine_id                           'X-RAY DIFFRACTION' 
_refine.ls_d_res_high                            1.1000 
_refine.ls_d_res_low                             54.8600 
_refine.pdbx_ls_sigma_F                          0.000 
_refine.pdbx_data_cutoff_high_absF               ? 
_refine.pdbx_data_cutoff_low_absF                ? 
_refine.ls_percent_reflns_obs                    76.2700 
_refine.ls_number_reflns_obs                     35982 
_refine.ls_number_reflns_all                     ? 
_refine.pdbx_ls_cross_valid_method               THROUGHOUT 
_refine.ls_matrix_type                           ? 
_refine.pdbx_R_Free_selection_details            RANDOM 
_refine.details                                  
'HYDROGENS HAVE BEEN ADDED IN THE RIDING POSITIONS U VALUES      : REFINED INDIVIDUALLY' 
_refine.ls_R_factor_all                          ? 
_refine.ls_R_factor_obs                          0.1875 
_refine.ls_R_factor_R_work                       0.1865 
_refine.ls_wR_factor_R_work                      ? 
_refine.ls_R_factor_R_free                       0.2055 
_refine.ls_wR_factor_R_free                      ? 
_refine.ls_percent_reflns_R_free                 5.0000 
_refine.ls_number_reflns_R_free                  1891 
_refine.ls_number_reflns_R_work                  ? 
_refine.ls_R_factor_R_free_error                 ? 
_refine.B_iso_mean                               13.3880 
_refine.solvent_model_param_bsol                 ? 
_refine.solvent_model_param_ksol                 ? 
_refine.pdbx_isotropic_thermal_model             ? 
_refine.aniso_B[1][1]                            -0.0200 
_refine.aniso_B[2][2]                            0.7900 
_refine.aniso_B[3][3]                            -0.7900 
_refine.aniso_B[1][2]                            -0.0000 
_refine.aniso_B[1][3]                            0.1800 
_refine.aniso_B[2][3]                            0.0000 
_refine.correlation_coeff_Fo_to_Fc               0.9670 
_refine.correlation_coeff_Fo_to_Fc_free          0.9590 
_refine.overall_SU_R_Cruickshank_DPI             ? 
_refine.pdbx_overall_SU_R_free_Cruickshank_DPI   ? 
_refine.pdbx_overall_SU_R_Blow_DPI               ? 
_refine.pdbx_overall_SU_R_free_Blow_DPI          ? 
_refine.overall_SU_R_free                        ? 
_refine.pdbx_overall_ESU_R                       0.0530 
_refine.pdbx_overall_ESU_R_Free                  0.0530 
_refine.overall_SU_ML                            0.0460 
_refine.overall_SU_B                             1.0550 
_refine.solvent_model_details                    MASK 
_refine.pdbx_solvent_vdw_probe_radii             1.2000 
_refine.pdbx_solvent_ion_probe_radii             0.8000 
_refine.pdbx_solvent_shrinkage_radii             0.8000 
_refine.ls_number_parameters                     ? 
_refine.ls_number_restraints                     ? 
_refine.pdbx_starting_model                      5RJI 
_refine.pdbx_method_to_determine_struct          'FOURIER SYNTHESIS' 
_refine.pdbx_stereochemistry_target_values       'MAXIMUM LIKELIHOOD' 
_refine.pdbx_stereochem_target_val_spec_case     ? 
_refine.overall_FOM_work_R_set                   ? 
_refine.B_iso_max                                59.680 
_refine.B_iso_min                                5.310 
_refine.pdbx_overall_phase_error                 ? 
_refine.occupancy_max                            ? 
_refine.occupancy_min                            ? 
_refine.pdbx_diffrn_id                           1 
_refine.pdbx_TLS_residual_ADP_flag               ? 
_refine.pdbx_ls_sigma_I                          ? 
_refine.pdbx_data_cutoff_high_rms_absF           ? 
_refine.ls_R_factor_R_free_error_details         ? 
# 
_refine_hist.cycle_id                         final 
_refine_hist.pdbx_refine_id                   'X-RAY DIFFRACTION' 
_refine_hist.d_res_high                       1.1000 
_refine_hist.d_res_low                        54.8600 
_refine_hist.pdbx_number_atoms_ligand         20 
_refine_hist.number_atoms_solvent             195 
_refine_hist.number_atoms_total               1205 
_refine_hist.pdbx_number_residues_total       119 
_refine_hist.pdbx_B_iso_mean_ligand           5.80 
_refine_hist.pdbx_B_iso_mean_solvent          24.36 
_refine_hist.pdbx_number_atoms_protein        990 
_refine_hist.pdbx_number_atoms_nucleic_acid   0 
# 
loop_
_refine_ls_restr.pdbx_refine_id 
_refine_ls_restr.type 
_refine_ls_restr.number 
_refine_ls_restr.dev_ideal 
_refine_ls_restr.dev_ideal_target 
_refine_ls_restr.weight 
_refine_ls_restr.pdbx_restraint_function 
'X-RAY DIFFRACTION' r_bond_refined_d       1705 0.012  0.014  ? ? 
'X-RAY DIFFRACTION' r_bond_other_d         1334 0.001  0.017  ? ? 
'X-RAY DIFFRACTION' r_angle_refined_deg    1989 1.758  1.658  ? ? 
'X-RAY DIFFRACTION' r_angle_other_deg      3111 1.558  1.616  ? ? 
'X-RAY DIFFRACTION' r_dihedral_angle_1_deg 193  5.309  5.000  ? ? 
'X-RAY DIFFRACTION' r_dihedral_angle_2_deg 80   25.952 20.375 ? ? 
'X-RAY DIFFRACTION' r_dihedral_angle_3_deg 258  14.065 15.000 ? ? 
'X-RAY DIFFRACTION' r_dihedral_angle_4_deg 15   16.158 15.000 ? ? 
'X-RAY DIFFRACTION' r_chiral_restr         180  0.094  0.200  ? ? 
'X-RAY DIFFRACTION' r_gen_planes_refined   1813 0.009  0.020  ? ? 
'X-RAY DIFFRACTION' r_gen_planes_other     357  0.002  0.020  ? ? 
'X-RAY DIFFRACTION' r_mcbond_it            821  0.943  1.194  ? ? 
'X-RAY DIFFRACTION' r_mcbond_other         807  0.952  1.174  ? ? 
'X-RAY DIFFRACTION' r_mcangle_it           907  1.499  1.775  ? ? 
# 
_refine_ls_shell.d_res_high                       1.1000 
_refine_ls_shell.d_res_low                        1.1290 
_refine_ls_shell.pdbx_total_number_of_bins_used   20 
_refine_ls_shell.percent_reflns_obs               8.1700 
_refine_ls_shell.number_reflns_R_work             286 
_refine_ls_shell.R_factor_all                     ? 
_refine_ls_shell.R_factor_R_work                  0.5340 
_refine_ls_shell.R_factor_R_free                  0.5500 
_refine_ls_shell.percent_reflns_R_free            ? 
_refine_ls_shell.number_reflns_R_free             14 
_refine_ls_shell.R_factor_R_free_error            ? 
_refine_ls_shell.number_reflns_all                300 
_refine_ls_shell.number_reflns_obs                ? 
_refine_ls_shell.pdbx_refine_id                   'X-RAY DIFFRACTION' 
_refine_ls_shell.R_factor_obs                     ? 
# 
_struct.entry_id                  5S90 
_struct.title                     
'PanDDA analysis group deposition -- Crystal Structure of PHIP in complex with Z198194396 synthetic derivative' 
_struct.pdbx_model_details        ? 
_struct.pdbx_CASP_flag            ? 
_struct.pdbx_model_type_details   ? 
# 
_struct_keywords.entry_id        5S90 
_struct_keywords.text            
;SGC - Diamond I04-1 fragment screening, PanDDA, XChemExplorer, Robotic chemistry, Crystal soaking, Reaction crudes, SIGNALING PROTEIN
;
_struct_keywords.pdbx_keywords   'SIGNALING PROTEIN' 
# 
loop_
_struct_asym.id 
_struct_asym.pdbx_blank_PDB_chainid_flag 
_struct_asym.pdbx_modified 
_struct_asym.entity_id 
_struct_asym.details 
A N N 1 ? 
B N N 2 ? 
C N N 3 ? 
# 
_struct_ref.id                         1 
_struct_ref.db_name                    UNP 
_struct_ref.db_code                    PHIP_HUMAN 
_struct_ref.pdbx_db_accession          Q8WWQ0 
_struct_ref.pdbx_db_isoform            ? 
_struct_ref.entity_id                  1 
_struct_ref.pdbx_seq_one_letter_code   
;SYDIQAWKKQCEELLNLIFQCEDSEPFRQPVDLLEYPDYRDIIDTPMDFATVRETLEAGNYESPMELCKDVRLIFSNSKA
YTPSKRSRIYSMSLRLSAFFEEHISSVLSDYKSALRFHKRNTITKR
;
_struct_ref.pdbx_align_begin           1315 
# 
_struct_ref_seq.align_id                      1 
_struct_ref_seq.ref_id                        1 
_struct_ref_seq.pdbx_PDB_id_code              5S90 
_struct_ref_seq.pdbx_strand_id                A 
_struct_ref_seq.seq_align_beg                 24 
_struct_ref_seq.pdbx_seq_align_beg_ins_code   ? 
_struct_ref_seq.seq_align_end                 149 
_struct_ref_seq.pdbx_seq_align_end_ins_code   ? 
_struct_ref_seq.pdbx_db_accession             Q8WWQ0 
_struct_ref_seq.db_align_beg                  1315 
_struct_ref_seq.pdbx_db_align_beg_ins_code    ? 
_struct_ref_seq.db_align_end                  1440 
_struct_ref_seq.pdbx_db_align_end_ins_code    ? 
_struct_ref_seq.pdbx_auth_seq_align_beg       1315 
_struct_ref_seq.pdbx_auth_seq_align_end       1440 
# 
loop_
_struct_ref_seq_dif.align_id 
_struct_ref_seq_dif.pdbx_pdb_id_code 
_struct_ref_seq_dif.mon_id 
_struct_ref_seq_dif.pdbx_pdb_strand_id 
_struct_ref_seq_dif.seq_num 
_struct_ref_seq_dif.pdbx_pdb_ins_code 
_struct_ref_seq_dif.pdbx_seq_db_name 
_struct_ref_seq_dif.pdbx_seq_db_accession_code 
_struct_ref_seq_dif.db_mon_id 
_struct_ref_seq_dif.pdbx_seq_db_seq_num 
_struct_ref_seq_dif.details 
_struct_ref_seq_dif.pdbx_auth_seq_num 
_struct_ref_seq_dif.pdbx_ordinal 
1 5S90 MET A 1  ? UNP Q8WWQ0 ? ? 'initiating methionine' 1292 1  
1 5S90 HIS A 2  ? UNP Q8WWQ0 ? ? 'expression tag'        1293 2  
1 5S90 HIS A 3  ? UNP Q8WWQ0 ? ? 'expression tag'        1294 3  
1 5S90 HIS A 4  ? UNP Q8WWQ0 ? ? 'expression tag'        1295 4  
1 5S90 HIS A 5  ? UNP Q8WWQ0 ? ? 'expression tag'        1296 5  
1 5S90 HIS A 6  ? UNP Q8WWQ0 ? ? 'expression tag'        1297 6  
1 5S90 HIS A 7  ? UNP Q8WWQ0 ? ? 'expression tag'        1298 7  
1 5S90 SER A 8  ? UNP Q8WWQ0 ? ? 'expression tag'        1299 8  
1 5S90 SER A 9  ? UNP Q8WWQ0 ? ? 'expression tag'        1300 9  
1 5S90 GLY A 10 ? UNP Q8WWQ0 ? ? 'expression tag'        1301 10 
1 5S90 VAL A 11 ? UNP Q8WWQ0 ? ? 'expression tag'        1302 11 
1 5S90 ASP A 12 ? UNP Q8WWQ0 ? ? 'expression tag'        1303 12 
1 5S90 LEU A 13 ? UNP Q8WWQ0 ? ? 'expression tag'        1304 13 
1 5S90 GLY A 14 ? UNP Q8WWQ0 ? ? 'expression tag'        1305 14 
1 5S90 THR A 15 ? UNP Q8WWQ0 ? ? 'expression tag'        1306 15 
1 5S90 GLU A 16 ? UNP Q8WWQ0 ? ? 'expression tag'        1307 16 
1 5S90 ASN A 17 ? UNP Q8WWQ0 ? ? 'expression tag'        1308 17 
1 5S90 LEU A 18 ? UNP Q8WWQ0 ? ? 'expression tag'        1309 18 
1 5S90 TYR A 19 ? UNP Q8WWQ0 ? ? 'expression tag'        1310 19 
1 5S90 PHE A 20 ? UNP Q8WWQ0 ? ? 'expression tag'        1311 20 
1 5S90 GLN A 21 ? UNP Q8WWQ0 ? ? 'expression tag'        1312 21 
1 5S90 SER A 22 ? UNP Q8WWQ0 ? ? 'expression tag'        1313 22 
1 5S90 MET A 23 ? UNP Q8WWQ0 ? ? 'expression tag'        1314 23 
# 
_pdbx_struct_assembly.id                   1 
_pdbx_struct_assembly.details              author_and_software_defined_assembly 
_pdbx_struct_assembly.method_details       PISA 
_pdbx_struct_assembly.oligomeric_details   monomeric 
_pdbx_struct_assembly.oligomeric_count     1 
# 
_pdbx_struct_assembly_gen.assembly_id       1 
_pdbx_struct_assembly_gen.oper_expression   1 
_pdbx_struct_assembly_gen.asym_id_list      A,B,C 
# 
_pdbx_struct_oper_list.id                   1 
_pdbx_struct_oper_list.type                 'identity operation' 
_pdbx_struct_oper_list.name                 1_555 
_pdbx_struct_oper_list.symmetry_operation   x,y,z 
_pdbx_struct_oper_list.matrix[1][1]         1.0000000000 
_pdbx_struct_oper_list.matrix[1][2]         0.0000000000 
_pdbx_struct_oper_list.matrix[1][3]         0.0000000000 
_pdbx_struct_oper_list.vector[1]            0.0000000000 
_pdbx_struct_oper_list.matrix[2][1]         0.0000000000 
_pdbx_struct_oper_list.matrix[2][2]         1.0000000000 
_pdbx_struct_oper_list.matrix[2][3]         0.0000000000 
_pdbx_struct_oper_list.vector[2]            0.0000000000 
_pdbx_struct_oper_list.matrix[3][1]         0.0000000000 
_pdbx_struct_oper_list.matrix[3][2]         0.0000000000 
_pdbx_struct_oper_list.matrix[3][3]         1.0000000000 
_pdbx_struct_oper_list.vector[3]            0.0000000000 
# 
loop_
_struct_conf.conf_type_id 
_struct_conf.id 
_struct_conf.pdbx_PDB_helix_id 
_struct_conf.beg_label_comp_id 
_struct_conf.beg_label_asym_id 
_struct_conf.beg_label_seq_id 
_struct_conf.pdbx_beg_PDB_ins_code 
_struct_conf.end_label_comp_id 
_struct_conf.end_label_asym_id 
_struct_conf.end_label_seq_id 
_struct_conf.pdbx_end_PDB_ins_code 
_struct_conf.beg_auth_comp_id 
_struct_conf.beg_auth_asym_id 
_struct_conf.beg_auth_seq_id 
_struct_conf.end_auth_comp_id 
_struct_conf.end_auth_asym_id 
_struct_conf.end_auth_seq_id 
_struct_conf.pdbx_PDB_helix_class 
_struct_conf.details 
_struct_conf.pdbx_PDB_helix_length 
HELX_P HELX_P1 AA1 ALA A 29  ? CYS A 44  ? ALA A 1320 CYS A 1335 1 ? 16 
HELX_P HELX_P2 AA2 GLU A 45  ? ARG A 51  ? GLU A 1336 ARG A 1342 5 ? 7  
HELX_P HELX_P3 AA3 ASP A 61  ? ILE A 66  ? ASP A 1352 ILE A 1357 1 ? 6  
HELX_P HELX_P4 AA4 ASP A 71  ? ALA A 81  ? ASP A 1362 ALA A 1372 1 ? 11 
HELX_P HELX_P5 AA5 SER A 86  ? THR A 105 ? SER A 1377 THR A 1396 1 ? 20 
HELX_P HELX_P6 AA6 SER A 110 ? LYS A 142 ? SER A 1401 LYS A 1433 1 ? 33 
# 
_struct_conf_type.id          HELX_P 
_struct_conf_type.criteria    ? 
_struct_conf_type.reference   ? 
# 
_struct_site.id                   AC1 
_struct_site.pdbx_evidence_code   Software 
_struct_site.pdbx_auth_asym_id    A 
_struct_site.pdbx_auth_comp_id    Y1P 
_struct_site.pdbx_auth_seq_id     1501 
_struct_site.pdbx_auth_ins_code   ? 
_struct_site.pdbx_num_residues    11 
_struct_site.details              'binding site for residue Y1P A 1501' 
# 
loop_
_struct_site_gen.id 
_struct_site_gen.site_id 
_struct_site_gen.pdbx_num_res 
_struct_site_gen.label_comp_id 
_struct_site_gen.label_asym_id 
_struct_site_gen.label_seq_id 
_struct_site_gen.pdbx_auth_ins_code 
_struct_site_gen.auth_comp_id 
_struct_site_gen.auth_asym_id 
_struct_site_gen.auth_seq_id 
_struct_site_gen.label_atom_id 
_struct_site_gen.label_alt_id 
_struct_site_gen.symmetry 
_struct_site_gen.details 
1  AC1 11 PRO A 49  ? PRO A 1340 . ? 1_555 ? 
2  AC1 11 VAL A 54  ? VAL A 1345 . ? 1_555 ? 
3  AC1 11 TYR A 59  ? TYR A 1350 . ? 1_555 ? 
4  AC1 11 SER A 101 ? SER A 1392 . ? 1_555 ? 
5  AC1 11 THR A 105 ? THR A 1396 . ? 1_555 ? 
6  AC1 11 SER A 107 ? SER A 1398 . ? 4_456 ? 
7  AC1 11 ILE A 112 ? ILE A 1403 . ? 1_555 ? 
8  AC1 11 HOH C .   ? HOH A 1619 . ? 1_555 ? 
9  AC1 11 HOH C .   ? HOH A 1630 . ? 1_555 ? 
10 AC1 11 HOH C .   ? HOH A 1675 . ? 4_456 ? 
11 AC1 11 HOH C .   ? HOH A 1723 . ? 1_555 ? 
# 
loop_
_pdbx_validate_close_contact.id 
_pdbx_validate_close_contact.PDB_model_num 
_pdbx_validate_close_contact.auth_atom_id_1 
_pdbx_validate_close_contact.auth_asym_id_1 
_pdbx_validate_close_contact.auth_comp_id_1 
_pdbx_validate_close_contact.auth_seq_id_1 
_pdbx_validate_close_contact.PDB_ins_code_1 
_pdbx_validate_close_contact.label_alt_id_1 
_pdbx_validate_close_contact.auth_atom_id_2 
_pdbx_validate_close_contact.auth_asym_id_2 
_pdbx_validate_close_contact.auth_comp_id_2 
_pdbx_validate_close_contact.auth_seq_id_2 
_pdbx_validate_close_contact.PDB_ins_code_2 
_pdbx_validate_close_contact.label_alt_id_2 
_pdbx_validate_close_contact.dist 
1 1 O   A HOH 1683 ? ? O A HOH 1688 ? ? 1.82 
2 1 O   A HOH 1728 ? ? O A HOH 1736 ? ? 1.98 
3 1 O   A HOH 1679 ? ? O A HOH 1755 ? ? 2.04 
4 1 OE1 A GLU 1327 ? ? O A HOH 1601 ? ? 2.11 
# 
_pdbx_validate_symm_contact.id                1 
_pdbx_validate_symm_contact.PDB_model_num     1 
_pdbx_validate_symm_contact.auth_atom_id_1    O 
_pdbx_validate_symm_contact.auth_asym_id_1    A 
_pdbx_validate_symm_contact.auth_comp_id_1    HOH 
_pdbx_validate_symm_contact.auth_seq_id_1     1671 
_pdbx_validate_symm_contact.PDB_ins_code_1    ? 
_pdbx_validate_symm_contact.label_alt_id_1    ? 
_pdbx_validate_symm_contact.site_symmetry_1   1_555 
_pdbx_validate_symm_contact.auth_atom_id_2    O 
_pdbx_validate_symm_contact.auth_asym_id_2    A 
_pdbx_validate_symm_contact.auth_comp_id_2    HOH 
_pdbx_validate_symm_contact.auth_seq_id_2     1724 
_pdbx_validate_symm_contact.PDB_ins_code_2    ? 
_pdbx_validate_symm_contact.label_alt_id_2    ? 
_pdbx_validate_symm_contact.site_symmetry_2   4_456 
_pdbx_validate_symm_contact.dist              1.78 
# 
_pdbx_validate_rmsd_bond.id                        1 
_pdbx_validate_rmsd_bond.PDB_model_num             1 
_pdbx_validate_rmsd_bond.auth_atom_id_1            CD 
_pdbx_validate_rmsd_bond.auth_asym_id_1            A 
_pdbx_validate_rmsd_bond.auth_comp_id_1            GLU 
_pdbx_validate_rmsd_bond.auth_seq_id_1             1416 
_pdbx_validate_rmsd_bond.PDB_ins_code_1            ? 
_pdbx_validate_rmsd_bond.label_alt_id_1            ? 
_pdbx_validate_rmsd_bond.auth_atom_id_2            OE2 
_pdbx_validate_rmsd_bond.auth_asym_id_2            A 
_pdbx_validate_rmsd_bond.auth_comp_id_2            GLU 
_pdbx_validate_rmsd_bond.auth_seq_id_2             1416 
_pdbx_validate_rmsd_bond.PDB_ins_code_2            ? 
_pdbx_validate_rmsd_bond.label_alt_id_2            ? 
_pdbx_validate_rmsd_bond.bond_value                1.335 
_pdbx_validate_rmsd_bond.bond_target_value         1.252 
_pdbx_validate_rmsd_bond.bond_deviation            0.083 
_pdbx_validate_rmsd_bond.bond_standard_deviation   0.011 
_pdbx_validate_rmsd_bond.linker_flag               N 
# 
loop_
_pdbx_struct_special_symmetry.id 
_pdbx_struct_special_symmetry.PDB_model_num 
_pdbx_struct_special_symmetry.auth_asym_id 
_pdbx_struct_special_symmetry.auth_comp_id 
_pdbx_struct_special_symmetry.auth_seq_id 
_pdbx_struct_special_symmetry.PDB_ins_code 
_pdbx_struct_special_symmetry.label_asym_id 
_pdbx_struct_special_symmetry.label_comp_id 
_pdbx_struct_special_symmetry.label_seq_id 
1 1 A HOH 1637 ? C HOH . 
2 1 A HOH 1793 ? C HOH . 
# 
_phasing.method   MR 
# 
loop_
_pdbx_unobs_or_zero_occ_residues.id 
_pdbx_unobs_or_zero_occ_residues.PDB_model_num 
_pdbx_unobs_or_zero_occ_residues.polymer_flag 
_pdbx_unobs_or_zero_occ_residues.occupancy_flag 
_pdbx_unobs_or_zero_occ_residues.auth_asym_id 
_pdbx_unobs_or_zero_occ_residues.auth_comp_id 
_pdbx_unobs_or_zero_occ_residues.auth_seq_id 
_pdbx_unobs_or_zero_occ_residues.PDB_ins_code 
_pdbx_unobs_or_zero_occ_residues.label_asym_id 
_pdbx_unobs_or_zero_occ_residues.label_comp_id 
_pdbx_unobs_or_zero_occ_residues.label_seq_id 
1  1 Y 1 A MET 1292 ? A MET 1   
2  1 Y 1 A HIS 1293 ? A HIS 2   
3  1 Y 1 A HIS 1294 ? A HIS 3   
4  1 Y 1 A HIS 1295 ? A HIS 4   
5  1 Y 1 A HIS 1296 ? A HIS 5   
6  1 Y 1 A HIS 1297 ? A HIS 6   
7  1 Y 1 A HIS 1298 ? A HIS 7   
8  1 Y 1 A SER 1299 ? A SER 8   
9  1 Y 1 A SER 1300 ? A SER 9   
10 1 Y 1 A GLY 1301 ? A GLY 10  
11 1 Y 1 A VAL 1302 ? A VAL 11  
12 1 Y 1 A ASP 1303 ? A ASP 12  
13 1 Y 1 A LEU 1304 ? A LEU 13  
14 1 Y 1 A GLY 1305 ? A GLY 14  
15 1 Y 1 A THR 1306 ? A THR 15  
16 1 Y 1 A GLU 1307 ? A GLU 16  
17 1 Y 1 A ASN 1308 ? A ASN 17  
18 1 Y 1 A LEU 1309 ? A LEU 18  
19 1 Y 1 A TYR 1310 ? A TYR 19  
20 1 Y 1 A PHE 1311 ? A PHE 20  
21 1 Y 1 A GLN 1312 ? A GLN 21  
22 1 Y 1 A SER 1313 ? A SER 22  
23 1 Y 1 A MET 1314 ? A MET 23  
24 1 Y 1 A SER 1315 ? A SER 24  
25 1 Y 1 A ASN 1435 ? A ASN 144 
26 1 Y 1 A THR 1436 ? A THR 145 
27 1 Y 1 A ILE 1437 ? A ILE 146 
28 1 Y 1 A THR 1438 ? A THR 147 
29 1 Y 1 A LYS 1439 ? A LYS 148 
30 1 Y 1 A ARG 1440 ? A ARG 149 
# 
loop_
_chem_comp_atom.comp_id 
_chem_comp_atom.atom_id 
_chem_comp_atom.type_symbol 
_chem_comp_atom.pdbx_aromatic_flag 
_chem_comp_atom.pdbx_stereo_config 
_chem_comp_atom.pdbx_ordinal 
ALA N    N N N 1   
ALA CA   C N S 2   
ALA C    C N N 3   
ALA O    O N N 4   
ALA CB   C N N 5   
ALA OXT  O N N 6   
ALA H    H N N 7   
ALA H2   H N N 8   
ALA HA   H N N 9   
ALA HB1  H N N 10  
ALA HB2  H N N 11  
ALA HB3  H N N 12  
ALA HXT  H N N 13  
ARG N    N N N 14  
ARG CA   C N S 15  
ARG C    C N N 16  
ARG O    O N N 17  
ARG CB   C N N 18  
ARG CG   C N N 19  
ARG CD   C N N 20  
ARG NE   N N N 21  
ARG CZ   C N N 22  
ARG NH1  N N N 23  
ARG NH2  N N N 24  
ARG OXT  O N N 25  
ARG H    H N N 26  
ARG H2   H N N 27  
ARG HA   H N N 28  
ARG HB2  H N N 29  
ARG HB3  H N N 30  
ARG HG2  H N N 31  
ARG HG3  H N N 32  
ARG HD2  H N N 33  
ARG HD3  H N N 34  
ARG HE   H N N 35  
ARG HH11 H N N 36  
ARG HH12 H N N 37  
ARG HH21 H N N 38  
ARG HH22 H N N 39  
ARG HXT  H N N 40  
ASN N    N N N 41  
ASN CA   C N S 42  
ASN C    C N N 43  
ASN O    O N N 44  
ASN CB   C N N 45  
ASN CG   C N N 46  
ASN OD1  O N N 47  
ASN ND2  N N N 48  
ASN OXT  O N N 49  
ASN H    H N N 50  
ASN H2   H N N 51  
ASN HA   H N N 52  
ASN HB2  H N N 53  
ASN HB3  H N N 54  
ASN HD21 H N N 55  
ASN HD22 H N N 56  
ASN HXT  H N N 57  
ASP N    N N N 58  
ASP CA   C N S 59  
ASP C    C N N 60  
ASP O    O N N 61  
ASP CB   C N N 62  
ASP CG   C N N 63  
ASP OD1  O N N 64  
ASP OD2  O N N 65  
ASP OXT  O N N 66  
ASP H    H N N 67  
ASP H2   H N N 68  
ASP HA   H N N 69  
ASP HB2  H N N 70  
ASP HB3  H N N 71  
ASP HD2  H N N 72  
ASP HXT  H N N 73  
CYS N    N N N 74  
CYS CA   C N R 75  
CYS C    C N N 76  
CYS O    O N N 77  
CYS CB   C N N 78  
CYS SG   S N N 79  
CYS OXT  O N N 80  
CYS H    H N N 81  
CYS H2   H N N 82  
CYS HA   H N N 83  
CYS HB2  H N N 84  
CYS HB3  H N N 85  
CYS HG   H N N 86  
CYS HXT  H N N 87  
GLN N    N N N 88  
GLN CA   C N S 89  
GLN C    C N N 90  
GLN O    O N N 91  
GLN CB   C N N 92  
GLN CG   C N N 93  
GLN CD   C N N 94  
GLN OE1  O N N 95  
GLN NE2  N N N 96  
GLN OXT  O N N 97  
GLN H    H N N 98  
GLN H2   H N N 99  
GLN HA   H N N 100 
GLN HB2  H N N 101 
GLN HB3  H N N 102 
GLN HG2  H N N 103 
GLN HG3  H N N 104 
GLN HE21 H N N 105 
GLN HE22 H N N 106 
GLN HXT  H N N 107 
GLU N    N N N 108 
GLU CA   C N S 109 
GLU C    C N N 110 
GLU O    O N N 111 
GLU CB   C N N 112 
GLU CG   C N N 113 
GLU CD   C N N 114 
GLU OE1  O N N 115 
GLU OE2  O N N 116 
GLU OXT  O N N 117 
GLU H    H N N 118 
GLU H2   H N N 119 
GLU HA   H N N 120 
GLU HB2  H N N 121 
GLU HB3  H N N 122 
GLU HG2  H N N 123 
GLU HG3  H N N 124 
GLU HE2  H N N 125 
GLU HXT  H N N 126 
GLY N    N N N 127 
GLY CA   C N N 128 
GLY C    C N N 129 
GLY O    O N N 130 
GLY OXT  O N N 131 
GLY H    H N N 132 
GLY H2   H N N 133 
GLY HA2  H N N 134 
GLY HA3  H N N 135 
GLY HXT  H N N 136 
HIS N    N N N 137 
HIS CA   C N S 138 
HIS C    C N N 139 
HIS O    O N N 140 
HIS CB   C N N 141 
HIS CG   C Y N 142 
HIS ND1  N Y N 143 
HIS CD2  C Y N 144 
HIS CE1  C Y N 145 
HIS NE2  N Y N 146 
HIS OXT  O N N 147 
HIS H    H N N 148 
HIS H2   H N N 149 
HIS HA   H N N 150 
HIS HB2  H N N 151 
HIS HB3  H N N 152 
HIS HD1  H N N 153 
HIS HD2  H N N 154 
HIS HE1  H N N 155 
HIS HE2  H N N 156 
HIS HXT  H N N 157 
HOH O    O N N 158 
HOH H1   H N N 159 
HOH H2   H N N 160 
ILE N    N N N 161 
ILE CA   C N S 162 
ILE C    C N N 163 
ILE O    O N N 164 
ILE CB   C N S 165 
ILE CG1  C N N 166 
ILE CG2  C N N 167 
ILE CD1  C N N 168 
ILE OXT  O N N 169 
ILE H    H N N 170 
ILE H2   H N N 171 
ILE HA   H N N 172 
ILE HB   H N N 173 
ILE HG12 H N N 174 
ILE HG13 H N N 175 
ILE HG21 H N N 176 
ILE HG22 H N N 177 
ILE HG23 H N N 178 
ILE HD11 H N N 179 
ILE HD12 H N N 180 
ILE HD13 H N N 181 
ILE HXT  H N N 182 
LEU N    N N N 183 
LEU CA   C N S 184 
LEU C    C N N 185 
LEU O    O N N 186 
LEU CB   C N N 187 
LEU CG   C N N 188 
LEU CD1  C N N 189 
LEU CD2  C N N 190 
LEU OXT  O N N 191 
LEU H    H N N 192 
LEU H2   H N N 193 
LEU HA   H N N 194 
LEU HB2  H N N 195 
LEU HB3  H N N 196 
LEU HG   H N N 197 
LEU HD11 H N N 198 
LEU HD12 H N N 199 
LEU HD13 H N N 200 
LEU HD21 H N N 201 
LEU HD22 H N N 202 
LEU HD23 H N N 203 
LEU HXT  H N N 204 
LYS N    N N N 205 
LYS CA   C N S 206 
LYS C    C N N 207 
LYS O    O N N 208 
LYS CB   C N N 209 
LYS CG   C N N 210 
LYS CD   C N N 211 
LYS CE   C N N 212 
LYS NZ   N N N 213 
LYS OXT  O N N 214 
LYS H    H N N 215 
LYS H2   H N N 216 
LYS HA   H N N 217 
LYS HB2  H N N 218 
LYS HB3  H N N 219 
LYS HG2  H N N 220 
LYS HG3  H N N 221 
LYS HD2  H N N 222 
LYS HD3  H N N 223 
LYS HE2  H N N 224 
LYS HE3  H N N 225 
LYS HZ1  H N N 226 
LYS HZ2  H N N 227 
LYS HZ3  H N N 228 
LYS HXT  H N N 229 
MET N    N N N 230 
MET CA   C N S 231 
MET C    C N N 232 
MET O    O N N 233 
MET CB   C N N 234 
MET CG   C N N 235 
MET SD   S N N 236 
MET CE   C N N 237 
MET OXT  O N N 238 
MET H    H N N 239 
MET H2   H N N 240 
MET HA   H N N 241 
MET HB2  H N N 242 
MET HB3  H N N 243 
MET HG2  H N N 244 
MET HG3  H N N 245 
MET HE1  H N N 246 
MET HE2  H N N 247 
MET HE3  H N N 248 
MET HXT  H N N 249 
PHE N    N N N 250 
PHE CA   C N S 251 
PHE C    C N N 252 
PHE O    O N N 253 
PHE CB   C N N 254 
PHE CG   C Y N 255 
PHE CD1  C Y N 256 
PHE CD2  C Y N 257 
PHE CE1  C Y N 258 
PHE CE2  C Y N 259 
PHE CZ   C Y N 260 
PHE OXT  O N N 261 
PHE H    H N N 262 
PHE H2   H N N 263 
PHE HA   H N N 264 
PHE HB2  H N N 265 
PHE HB3  H N N 266 
PHE HD1  H N N 267 
PHE HD2  H N N 268 
PHE HE1  H N N 269 
PHE HE2  H N N 270 
PHE HZ   H N N 271 
PHE HXT  H N N 272 
PRO N    N N N 273 
PRO CA   C N S 274 
PRO C    C N N 275 
PRO O    O N N 276 
PRO CB   C N N 277 
PRO CG   C N N 278 
PRO CD   C N N 279 
PRO OXT  O N N 280 
PRO H    H N N 281 
PRO HA   H N N 282 
PRO HB2  H N N 283 
PRO HB3  H N N 284 
PRO HG2  H N N 285 
PRO HG3  H N N 286 
PRO HD2  H N N 287 
PRO HD3  H N N 288 
PRO HXT  H N N 289 
SER N    N N N 290 
SER CA   C N S 291 
SER C    C N N 292 
SER O    O N N 293 
SER CB   C N N 294 
SER OG   O N N 295 
SER OXT  O N N 296 
SER H    H N N 297 
SER H2   H N N 298 
SER HA   H N N 299 
SER HB2  H N N 300 
SER HB3  H N N 301 
SER HG   H N N 302 
SER HXT  H N N 303 
THR N    N N N 304 
THR CA   C N S 305 
THR C    C N N 306 
THR O    O N N 307 
THR CB   C N R 308 
THR OG1  O N N 309 
THR CG2  C N N 310 
THR OXT  O N N 311 
THR H    H N N 312 
THR H2   H N N 313 
THR HA   H N N 314 
THR HB   H N N 315 
THR HG1  H N N 316 
THR HG21 H N N 317 
THR HG22 H N N 318 
THR HG23 H N N 319 
THR HXT  H N N 320 
TRP N    N N N 321 
TRP CA   C N S 322 
TRP C    C N N 323 
TRP O    O N N 324 
TRP CB   C N N 325 
TRP CG   C Y N 326 
TRP CD1  C Y N 327 
TRP CD2  C Y N 328 
TRP NE1  N Y N 329 
TRP CE2  C Y N 330 
TRP CE3  C Y N 331 
TRP CZ2  C Y N 332 
TRP CZ3  C Y N 333 
TRP CH2  C Y N 334 
TRP OXT  O N N 335 
TRP H    H N N 336 
TRP H2   H N N 337 
TRP HA   H N N 338 
TRP HB2  H N N 339 
TRP HB3  H N N 340 
TRP HD1  H N N 341 
TRP HE1  H N N 342 
TRP HE3  H N N 343 
TRP HZ2  H N N 344 
TRP HZ3  H N N 345 
TRP HH2  H N N 346 
TRP HXT  H N N 347 
TYR N    N N N 348 
TYR CA   C N S 349 
TYR C    C N N 350 
TYR O    O N N 351 
TYR CB   C N N 352 
TYR CG   C Y N 353 
TYR CD1  C Y N 354 
TYR CD2  C Y N 355 
TYR CE1  C Y N 356 
TYR CE2  C Y N 357 
TYR CZ   C Y N 358 
TYR OH   O N N 359 
TYR OXT  O N N 360 
TYR H    H N N 361 
TYR H2   H N N 362 
TYR HA   H N N 363 
TYR HB2  H N N 364 
TYR HB3  H N N 365 
TYR HD1  H N N 366 
TYR HD2  H N N 367 
TYR HE1  H N N 368 
TYR HE2  H N N 369 
TYR HH   H N N 370 
TYR HXT  H N N 371 
VAL N    N N N 372 
VAL CA   C N S 373 
VAL C    C N N 374 
VAL O    O N N 375 
VAL CB   C N N 376 
VAL CG1  C N N 377 
VAL CG2  C N N 378 
VAL OXT  O N N 379 
VAL H    H N N 380 
VAL H2   H N N 381 
VAL HA   H N N 382 
VAL HB   H N N 383 
VAL HG11 H N N 384 
VAL HG12 H N N 385 
VAL HG13 H N N 386 
VAL HG21 H N N 387 
VAL HG22 H N N 388 
VAL HG23 H N N 389 
VAL HXT  H N N 390 
Y1P N1   N N N 391 
Y1P C4   C N N 392 
Y1P C5   C N N 393 
Y1P C6   C N N 394 
Y1P C7   C Y N 395 
Y1P C8   C Y N 396 
Y1P C10  C Y N 397 
Y1P N    N N N 398 
Y1P C    C N N 399 
Y1P O    O N N 400 
Y1P C1   C N N 401 
Y1P C11  C N N 402 
Y1P C12  C N N 403 
Y1P C2   C N N 404 
Y1P C3   C N N 405 
Y1P C9   C Y N 406 
Y1P N2   N N N 407 
Y1P O1   O N N 408 
Y1P O2   O N N 409 
Y1P O3   O Y N 410 
Y1P H8   H N N 411 
Y1P H9   H N N 412 
Y1P H11  H N N 413 
Y1P H10  H N N 414 
Y1P H12  H N N 415 
Y1P H14  H N N 416 
Y1P H7   H N N 417 
Y1P H    H N N 418 
Y1P H1   H N N 419 
Y1P H2   H N N 420 
Y1P H4   H N N 421 
Y1P H3   H N N 422 
Y1P H15  H N N 423 
Y1P H16  H N N 424 
Y1P H18  H N N 425 
Y1P H17  H N N 426 
Y1P H6   H N N 427 
Y1P H5   H N N 428 
Y1P H13  H N N 429 
# 
loop_
_chem_comp_bond.comp_id 
_chem_comp_bond.atom_id_1 
_chem_comp_bond.atom_id_2 
_chem_comp_bond.value_order 
_chem_comp_bond.pdbx_aromatic_flag 
_chem_comp_bond.pdbx_stereo_config 
_chem_comp_bond.pdbx_ordinal 
ALA N   CA   sing N N 1   
ALA N   H    sing N N 2   
ALA N   H2   sing N N 3   
ALA CA  C    sing N N 4   
ALA CA  CB   sing N N 5   
ALA CA  HA   sing N N 6   
ALA C   O    doub N N 7   
ALA C   OXT  sing N N 8   
ALA CB  HB1  sing N N 9   
ALA CB  HB2  sing N N 10  
ALA CB  HB3  sing N N 11  
ALA OXT HXT  sing N N 12  
ARG N   CA   sing N N 13  
ARG N   H    sing N N 14  
ARG N   H2   sing N N 15  
ARG CA  C    sing N N 16  
ARG CA  CB   sing N N 17  
ARG CA  HA   sing N N 18  
ARG C   O    doub N N 19  
ARG C   OXT  sing N N 20  
ARG CB  CG   sing N N 21  
ARG CB  HB2  sing N N 22  
ARG CB  HB3  sing N N 23  
ARG CG  CD   sing N N 24  
ARG CG  HG2  sing N N 25  
ARG CG  HG3  sing N N 26  
ARG CD  NE   sing N N 27  
ARG CD  HD2  sing N N 28  
ARG CD  HD3  sing N N 29  
ARG NE  CZ   sing N N 30  
ARG NE  HE   sing N N 31  
ARG CZ  NH1  sing N N 32  
ARG CZ  NH2  doub N N 33  
ARG NH1 HH11 sing N N 34  
ARG NH1 HH12 sing N N 35  
ARG NH2 HH21 sing N N 36  
ARG NH2 HH22 sing N N 37  
ARG OXT HXT  sing N N 38  
ASN N   CA   sing N N 39  
ASN N   H    sing N N 40  
ASN N   H2   sing N N 41  
ASN CA  C    sing N N 42  
ASN CA  CB   sing N N 43  
ASN CA  HA   sing N N 44  
ASN C   O    doub N N 45  
ASN C   OXT  sing N N 46  
ASN CB  CG   sing N N 47  
ASN CB  HB2  sing N N 48  
ASN CB  HB3  sing N N 49  
ASN CG  OD1  doub N N 50  
ASN CG  ND2  sing N N 51  
ASN ND2 HD21 sing N N 52  
ASN ND2 HD22 sing N N 53  
ASN OXT HXT  sing N N 54  
ASP N   CA   sing N N 55  
ASP N   H    sing N N 56  
ASP N   H2   sing N N 57  
ASP CA  C    sing N N 58  
ASP CA  CB   sing N N 59  
ASP CA  HA   sing N N 60  
ASP C   O    doub N N 61  
ASP C   OXT  sing N N 62  
ASP CB  CG   sing N N 63  
ASP CB  HB2  sing N N 64  
ASP CB  HB3  sing N N 65  
ASP CG  OD1  doub N N 66  
ASP CG  OD2  sing N N 67  
ASP OD2 HD2  sing N N 68  
ASP OXT HXT  sing N N 69  
CYS N   CA   sing N N 70  
CYS N   H    sing N N 71  
CYS N   H2   sing N N 72  
CYS CA  C    sing N N 73  
CYS CA  CB   sing N N 74  
CYS CA  HA   sing N N 75  
CYS C   O    doub N N 76  
CYS C   OXT  sing N N 77  
CYS CB  SG   sing N N 78  
CYS CB  HB2  sing N N 79  
CYS CB  HB3  sing N N 80  
CYS SG  HG   sing N N 81  
CYS OXT HXT  sing N N 82  
GLN N   CA   sing N N 83  
GLN N   H    sing N N 84  
GLN N   H2   sing N N 85  
GLN CA  C    sing N N 86  
GLN CA  CB   sing N N 87  
GLN CA  HA   sing N N 88  
GLN C   O    doub N N 89  
GLN C   OXT  sing N N 90  
GLN CB  CG   sing N N 91  
GLN CB  HB2  sing N N 92  
GLN CB  HB3  sing N N 93  
GLN CG  CD   sing N N 94  
GLN CG  HG2  sing N N 95  
GLN CG  HG3  sing N N 96  
GLN CD  OE1  doub N N 97  
GLN CD  NE2  sing N N 98  
GLN NE2 HE21 sing N N 99  
GLN NE2 HE22 sing N N 100 
GLN OXT HXT  sing N N 101 
GLU N   CA   sing N N 102 
GLU N   H    sing N N 103 
GLU N   H2   sing N N 104 
GLU CA  C    sing N N 105 
GLU CA  CB   sing N N 106 
GLU CA  HA   sing N N 107 
GLU C   O    doub N N 108 
GLU C   OXT  sing N N 109 
GLU CB  CG   sing N N 110 
GLU CB  HB2  sing N N 111 
GLU CB  HB3  sing N N 112 
GLU CG  CD   sing N N 113 
GLU CG  HG2  sing N N 114 
GLU CG  HG3  sing N N 115 
GLU CD  OE1  doub N N 116 
GLU CD  OE2  sing N N 117 
GLU OE2 HE2  sing N N 118 
GLU OXT HXT  sing N N 119 
GLY N   CA   sing N N 120 
GLY N   H    sing N N 121 
GLY N   H2   sing N N 122 
GLY CA  C    sing N N 123 
GLY CA  HA2  sing N N 124 
GLY CA  HA3  sing N N 125 
GLY C   O    doub N N 126 
GLY C   OXT  sing N N 127 
GLY OXT HXT  sing N N 128 
HIS N   CA   sing N N 129 
HIS N   H    sing N N 130 
HIS N   H2   sing N N 131 
HIS CA  C    sing N N 132 
HIS CA  CB   sing N N 133 
HIS CA  HA   sing N N 134 
HIS C   O    doub N N 135 
HIS C   OXT  sing N N 136 
HIS CB  CG   sing N N 137 
HIS CB  HB2  sing N N 138 
HIS CB  HB3  sing N N 139 
HIS CG  ND1  sing Y N 140 
HIS CG  CD2  doub Y N 141 
HIS ND1 CE1  doub Y N 142 
HIS ND1 HD1  sing N N 143 
HIS CD2 NE2  sing Y N 144 
HIS CD2 HD2  sing N N 145 
HIS CE1 NE2  sing Y N 146 
HIS CE1 HE1  sing N N 147 
HIS NE2 HE2  sing N N 148 
HIS OXT HXT  sing N N 149 
HOH O   H1   sing N N 150 
HOH O   H2   sing N N 151 
ILE N   CA   sing N N 152 
ILE N   H    sing N N 153 
ILE N   H2   sing N N 154 
ILE CA  C    sing N N 155 
ILE CA  CB   sing N N 156 
ILE CA  HA   sing N N 157 
ILE C   O    doub N N 158 
ILE C   OXT  sing N N 159 
ILE CB  CG1  sing N N 160 
ILE CB  CG2  sing N N 161 
ILE CB  HB   sing N N 162 
ILE CG1 CD1  sing N N 163 
ILE CG1 HG12 sing N N 164 
ILE CG1 HG13 sing N N 165 
ILE CG2 HG21 sing N N 166 
ILE CG2 HG22 sing N N 167 
ILE CG2 HG23 sing N N 168 
ILE CD1 HD11 sing N N 169 
ILE CD1 HD12 sing N N 170 
ILE CD1 HD13 sing N N 171 
ILE OXT HXT  sing N N 172 
LEU N   CA   sing N N 173 
LEU N   H    sing N N 174 
LEU N   H2   sing N N 175 
LEU CA  C    sing N N 176 
LEU CA  CB   sing N N 177 
LEU CA  HA   sing N N 178 
LEU C   O    doub N N 179 
LEU C   OXT  sing N N 180 
LEU CB  CG   sing N N 181 
LEU CB  HB2  sing N N 182 
LEU CB  HB3  sing N N 183 
LEU CG  CD1  sing N N 184 
LEU CG  CD2  sing N N 185 
LEU CG  HG   sing N N 186 
LEU CD1 HD11 sing N N 187 
LEU CD1 HD12 sing N N 188 
LEU CD1 HD13 sing N N 189 
LEU CD2 HD21 sing N N 190 
LEU CD2 HD22 sing N N 191 
LEU CD2 HD23 sing N N 192 
LEU OXT HXT  sing N N 193 
LYS N   CA   sing N N 194 
LYS N   H    sing N N 195 
LYS N   H2   sing N N 196 
LYS CA  C    sing N N 197 
LYS CA  CB   sing N N 198 
LYS CA  HA   sing N N 199 
LYS C   O    doub N N 200 
LYS C   OXT  sing N N 201 
LYS CB  CG   sing N N 202 
LYS CB  HB2  sing N N 203 
LYS CB  HB3  sing N N 204 
LYS CG  CD   sing N N 205 
LYS CG  HG2  sing N N 206 
LYS CG  HG3  sing N N 207 
LYS CD  CE   sing N N 208 
LYS CD  HD2  sing N N 209 
LYS CD  HD3  sing N N 210 
LYS CE  NZ   sing N N 211 
LYS CE  HE2  sing N N 212 
LYS CE  HE3  sing N N 213 
LYS NZ  HZ1  sing N N 214 
LYS NZ  HZ2  sing N N 215 
LYS NZ  HZ3  sing N N 216 
LYS OXT HXT  sing N N 217 
MET N   CA   sing N N 218 
MET N   H    sing N N 219 
MET N   H2   sing N N 220 
MET CA  C    sing N N 221 
MET CA  CB   sing N N 222 
MET CA  HA   sing N N 223 
MET C   O    doub N N 224 
MET C   OXT  sing N N 225 
MET CB  CG   sing N N 226 
MET CB  HB2  sing N N 227 
MET CB  HB3  sing N N 228 
MET CG  SD   sing N N 229 
MET CG  HG2  sing N N 230 
MET CG  HG3  sing N N 231 
MET SD  CE   sing N N 232 
MET CE  HE1  sing N N 233 
MET CE  HE2  sing N N 234 
MET CE  HE3  sing N N 235 
MET OXT HXT  sing N N 236 
PHE N   CA   sing N N 237 
PHE N   H    sing N N 238 
PHE N   H2   sing N N 239 
PHE CA  C    sing N N 240 
PHE CA  CB   sing N N 241 
PHE CA  HA   sing N N 242 
PHE C   O    doub N N 243 
PHE C   OXT  sing N N 244 
PHE CB  CG   sing N N 245 
PHE CB  HB2  sing N N 246 
PHE CB  HB3  sing N N 247 
PHE CG  CD1  doub Y N 248 
PHE CG  CD2  sing Y N 249 
PHE CD1 CE1  sing Y N 250 
PHE CD1 HD1  sing N N 251 
PHE CD2 CE2  doub Y N 252 
PHE CD2 HD2  sing N N 253 
PHE CE1 CZ   doub Y N 254 
PHE CE1 HE1  sing N N 255 
PHE CE2 CZ   sing Y N 256 
PHE CE2 HE2  sing N N 257 
PHE CZ  HZ   sing N N 258 
PHE OXT HXT  sing N N 259 
PRO N   CA   sing N N 260 
PRO N   CD   sing N N 261 
PRO N   H    sing N N 262 
PRO CA  C    sing N N 263 
PRO CA  CB   sing N N 264 
PRO CA  HA   sing N N 265 
PRO C   O    doub N N 266 
PRO C   OXT  sing N N 267 
PRO CB  CG   sing N N 268 
PRO CB  HB2  sing N N 269 
PRO CB  HB3  sing N N 270 
PRO CG  CD   sing N N 271 
PRO CG  HG2  sing N N 272 
PRO CG  HG3  sing N N 273 
PRO CD  HD2  sing N N 274 
PRO CD  HD3  sing N N 275 
PRO OXT HXT  sing N N 276 
SER N   CA   sing N N 277 
SER N   H    sing N N 278 
SER N   H2   sing N N 279 
SER CA  C    sing N N 280 
SER CA  CB   sing N N 281 
SER CA  HA   sing N N 282 
SER C   O    doub N N 283 
SER C   OXT  sing N N 284 
SER CB  OG   sing N N 285 
SER CB  HB2  sing N N 286 
SER CB  HB3  sing N N 287 
SER OG  HG   sing N N 288 
SER OXT HXT  sing N N 289 
THR N   CA   sing N N 290 
THR N   H    sing N N 291 
THR N   H2   sing N N 292 
THR CA  C    sing N N 293 
THR CA  CB   sing N N 294 
THR CA  HA   sing N N 295 
THR C   O    doub N N 296 
THR C   OXT  sing N N 297 
THR CB  OG1  sing N N 298 
THR CB  CG2  sing N N 299 
THR CB  HB   sing N N 300 
THR OG1 HG1  sing N N 301 
THR CG2 HG21 sing N N 302 
THR CG2 HG22 sing N N 303 
THR CG2 HG23 sing N N 304 
THR OXT HXT  sing N N 305 
TRP N   CA   sing N N 306 
TRP N   H    sing N N 307 
TRP N   H2   sing N N 308 
TRP CA  C    sing N N 309 
TRP CA  CB   sing N N 310 
TRP CA  HA   sing N N 311 
TRP C   O    doub N N 312 
TRP C   OXT  sing N N 313 
TRP CB  CG   sing N N 314 
TRP CB  HB2  sing N N 315 
TRP CB  HB3  sing N N 316 
TRP CG  CD1  doub Y N 317 
TRP CG  CD2  sing Y N 318 
TRP CD1 NE1  sing Y N 319 
TRP CD1 HD1  sing N N 320 
TRP CD2 CE2  doub Y N 321 
TRP CD2 CE3  sing Y N 322 
TRP NE1 CE2  sing Y N 323 
TRP NE1 HE1  sing N N 324 
TRP CE2 CZ2  sing Y N 325 
TRP CE3 CZ3  doub Y N 326 
TRP CE3 HE3  sing N N 327 
TRP CZ2 CH2  doub Y N 328 
TRP CZ2 HZ2  sing N N 329 
TRP CZ3 CH2  sing Y N 330 
TRP CZ3 HZ3  sing N N 331 
TRP CH2 HH2  sing N N 332 
TRP OXT HXT  sing N N 333 
TYR N   CA   sing N N 334 
TYR N   H    sing N N 335 
TYR N   H2   sing N N 336 
TYR CA  C    sing N N 337 
TYR CA  CB   sing N N 338 
TYR CA  HA   sing N N 339 
TYR C   O    doub N N 340 
TYR C   OXT  sing N N 341 
TYR CB  CG   sing N N 342 
TYR CB  HB2  sing N N 343 
TYR CB  HB3  sing N N 344 
TYR CG  CD1  doub Y N 345 
TYR CG  CD2  sing Y N 346 
TYR CD1 CE1  sing Y N 347 
TYR CD1 HD1  sing N N 348 
TYR CD2 CE2  doub Y N 349 
TYR CD2 HD2  sing N N 350 
TYR CE1 CZ   doub Y N 351 
TYR CE1 HE1  sing N N 352 
TYR CE2 CZ   sing Y N 353 
TYR CE2 HE2  sing N N 354 
TYR CZ  OH   sing N N 355 
TYR OH  HH   sing N N 356 
TYR OXT HXT  sing N N 357 
VAL N   CA   sing N N 358 
VAL N   H    sing N N 359 
VAL N   H2   sing N N 360 
VAL CA  C    sing N N 361 
VAL CA  CB   sing N N 362 
VAL CA  HA   sing N N 363 
VAL C   O    doub N N 364 
VAL C   OXT  sing N N 365 
VAL CB  CG1  sing N N 366 
VAL CB  CG2  sing N N 367 
VAL CB  HB   sing N N 368 
VAL CG1 HG11 sing N N 369 
VAL CG1 HG12 sing N N 370 
VAL CG1 HG13 sing N N 371 
VAL CG2 HG21 sing N N 372 
VAL CG2 HG22 sing N N 373 
VAL CG2 HG23 sing N N 374 
VAL OXT HXT  sing N N 375 
Y1P C   O    sing N N 376 
Y1P O   C1   sing N N 377 
Y1P C1  C2   sing N N 378 
Y1P C2  N    sing N N 379 
Y1P N   C3   sing N N 380 
Y1P O1  C3   doub N N 381 
Y1P C3  N1   sing N N 382 
Y1P N1  C4   sing N N 383 
Y1P C4  C5   sing N N 384 
Y1P C5  N2   sing N N 385 
Y1P N2  C6   sing N N 386 
Y1P C6  O2   doub N N 387 
Y1P C7  C6   sing N N 388 
Y1P C7  C8   doub Y N 389 
Y1P C8  C9   sing Y N 390 
Y1P C9  C10  doub Y N 391 
Y1P C10 O3   sing Y N 392 
Y1P O3  C7   sing Y N 393 
Y1P C11 N2   sing N N 394 
Y1P C12 C11  sing N N 395 
Y1P N1  C12  sing N N 396 
Y1P C4  H8   sing N N 397 
Y1P C4  H9   sing N N 398 
Y1P C5  H11  sing N N 399 
Y1P C5  H10  sing N N 400 
Y1P C8  H12  sing N N 401 
Y1P C10 H14  sing N N 402 
Y1P N   H7   sing N N 403 
Y1P C   H    sing N N 404 
Y1P C   H1   sing N N 405 
Y1P C   H2   sing N N 406 
Y1P C1  H4   sing N N 407 
Y1P C1  H3   sing N N 408 
Y1P C11 H15  sing N N 409 
Y1P C11 H16  sing N N 410 
Y1P C12 H18  sing N N 411 
Y1P C12 H17  sing N N 412 
Y1P C2  H6   sing N N 413 
Y1P C2  H5   sing N N 414 
Y1P C9  H13  sing N N 415 
# 
_pdbx_deposit_group.group_id            G_1002190 
_pdbx_deposit_group.group_description   
;XDomainX of XOrganismX PHIP screened against crude reaction mixtures by X-ray Crystallography at the XChem facility of Diamond Light Source beamline I04-1
;
_pdbx_deposit_group.group_title         'PanDDA analysis group deposition' 
_pdbx_deposit_group.group_type          'changed state' 
# 
_atom_sites.entry_id                    5S90 
_atom_sites.fract_transf_matrix[1][1]   -0.00015121 
_atom_sites.fract_transf_matrix[1][2]   0.00216085 
_atom_sites.fract_transf_matrix[1][3]   -0.01214353 
_atom_sites.fract_transf_matrix[2][1]   -0.00554606 
_atom_sites.fract_transf_matrix[2][2]   -0.03585280 
_atom_sites.fract_transf_matrix[2][3]   -0.00631068 
_atom_sites.fract_transf_matrix[3][1]   -0.01780434 
_atom_sites.fract_transf_matrix[3][2]   0.00315887 
_atom_sites.fract_transf_matrix[3][3]   -0.00229936 
_atom_sites.fract_transf_vector[1]      -0.147305 
_atom_sites.fract_transf_vector[2]      0.456183 
_atom_sites.fract_transf_vector[3]      0.231735 
# 
loop_
_atom_type.symbol 
C 
N 
O 
S 
# 
loop_
_atom_site.group_PDB 
_atom_site.id 
_atom_site.type_symbol 
_atom_site.label_atom_id 
_atom_site.label_alt_id 
_atom_site.label_comp_id 
_atom_site.label_asym_id 
_atom_site.label_entity_id 
_atom_site.label_seq_id 
_atom_site.pdbx_PDB_ins_code 
_atom_site.Cartn_x 
_atom_site.Cartn_y 
_atom_site.Cartn_z 
_atom_site.occupancy 
_atom_site.B_iso_or_equiv 
_atom_site.pdbx_formal_charge 
_atom_site.auth_seq_id 
_atom_site.auth_comp_id 
_atom_site.auth_asym_id 
_atom_site.auth_atom_id 
_atom_site.pdbx_PDB_model_num 
ATOM   1    N N   . TYR A 1 25  ? 23.556  -2.429  -2.843  1.00 18.01 ? 1316 TYR A N   1 
ATOM   2    C CA  . TYR A 1 25  ? 23.897  -1.438  -3.872  1.00 18.53 ? 1316 TYR A CA  1 
ATOM   3    C C   . TYR A 1 25  ? 23.098  -1.684  -5.169  1.00 13.99 ? 1316 TYR A C   1 
ATOM   4    O O   . TYR A 1 25  ? 23.330  -0.966  -6.107  1.00 13.73 ? 1316 TYR A O   1 
ATOM   5    C CB  . TYR A 1 25  ? 25.410  -1.306  -3.985  1.00 28.80 ? 1316 TYR A CB  1 
ATOM   6    C CG  . TYR A 1 25  ? 26.098  -0.915  -2.695  1.00 33.23 ? 1316 TYR A CG  1 
ATOM   7    C CD1 . TYR A 1 25  ? 25.478  -0.140  -1.705  1.00 35.68 ? 1316 TYR A CD1 1 
ATOM   8    C CD2 . TYR A 1 25  ? 27.397  -1.334  -2.468  1.00 32.83 ? 1316 TYR A CD2 1 
ATOM   9    C CE1 . TYR A 1 25  ? 26.137  0.196   -0.520  1.00 35.64 ? 1316 TYR A CE1 1 
ATOM   10   C CE2 . TYR A 1 25  ? 28.065  -1.008  -1.294  1.00 33.75 ? 1316 TYR A CE2 1 
ATOM   11   C CZ  . TYR A 1 25  ? 27.441  -0.238  -0.315  1.00 36.40 ? 1316 TYR A CZ  1 
ATOM   12   O OH  . TYR A 1 25  ? 28.135  0.104   0.826   1.00 28.36 ? 1316 TYR A OH  1 
ATOM   13   N N   . ASP A 1 26  ? 22.193  -2.652  -5.215  1.00 11.96 ? 1317 ASP A N   1 
ATOM   14   C CA  . ASP A 1 26  ? 21.332  -2.880  -6.403  1.00 11.63 ? 1317 ASP A CA  1 
ATOM   15   C C   . ASP A 1 26  ? 20.178  -1.885  -6.368  1.00 11.09 ? 1317 ASP A C   1 
ATOM   16   O O   . ASP A 1 26  ? 19.239  -2.041  -5.547  1.00 12.00 ? 1317 ASP A O   1 
ATOM   17   C CB  . ASP A 1 26  ? 20.891  -4.322  -6.497  1.00 12.53 ? 1317 ASP A CB  1 
ATOM   18   C CG  . ASP A 1 26  ? 20.037  -4.634  -7.712  1.00 11.41 ? 1317 ASP A CG  1 
ATOM   19   O OD1 . ASP A 1 26  ? 19.491  -3.688  -8.329  1.00 11.78 ? 1317 ASP A OD1 1 
ATOM   20   O OD2 . ASP A 1 26  ? 19.940  -5.815  -8.017  1.00 15.17 ? 1317 ASP A OD2 1 
ATOM   21   N N   . ILE A 1 27  ? 20.206  -0.859  -7.206  0.50 10.70 ? 1318 ILE A N   1 
ATOM   22   C CA  . ILE A 1 27  ? 19.149  0.190   -7.154  0.50 10.87 ? 1318 ILE A CA  1 
ATOM   23   C C   . ILE A 1 27  ? 17.883  -0.242  -7.891  0.50 10.98 ? 1318 ILE A C   1 
ATOM   24   O O   . ILE A 1 27  ? 16.934  0.553   -7.884  0.50 11.94 ? 1318 ILE A O   1 
ATOM   25   C CB  . ILE A 1 27  ? 19.679  1.526   -7.679  0.50 10.56 ? 1318 ILE A CB  1 
ATOM   26   C CG1 . ILE A 1 27  ? 20.100  1.451   -9.146  0.50 11.10 ? 1318 ILE A CG1 1 
ATOM   27   C CG2 . ILE A 1 27  ? 20.810  2.012   -6.796  0.50 10.72 ? 1318 ILE A CG2 1 
ATOM   28   C CD1 . ILE A 1 27  ? 20.501  2.786   -9.705  0.50 11.10 ? 1318 ILE A CD1 1 
ATOM   29   N N   . GLN A 1 28  ? 17.849  -1.449  -8.455  1.00 10.34 ? 1319 GLN A N   1 
ATOM   30   C CA  . GLN A 1 28  ? 16.594  -1.997  -9.041  1.00 11.27 ? 1319 GLN A CA  1 
ATOM   31   C C   . GLN A 1 28  ? 15.931  -3.026  -8.139  1.00 12.18 ? 1319 GLN A C   1 
ATOM   32   O O   . GLN A 1 28  ? 14.789  -3.371  -8.411  1.00 11.73 ? 1319 GLN A O   1 
ATOM   33   C CB  . GLN A 1 28  ? 16.832  -2.636  -10.420 1.00 12.04 ? 1319 GLN A CB  1 
ATOM   34   C CG  . GLN A 1 28  ? 16.946  -1.591  -11.527 1.00 12.71 ? 1319 GLN A CG  1 
ATOM   35   C CD  . GLN A 1 28  ? 18.368  -1.171  -11.835 1.00 12.12 ? 1319 GLN A CD  1 
ATOM   36   O OE1 . GLN A 1 28  ? 19.259  -2.012  -11.979 1.00 12.48 ? 1319 GLN A OE1 1 
ATOM   37   N NE2 . GLN A 1 28  ? 18.589  0.112   -11.933 1.00 12.68 ? 1319 GLN A NE2 1 
ATOM   38   N N   . ALA A 1 29  ? 16.586  -3.495  -7.056  1.00 12.16 ? 1320 ALA A N   1 
ATOM   39   C CA  . ALA A 1 29  ? 16.115  -4.686  -6.312  1.00 11.66 ? 1320 ALA A CA  1 
ATOM   40   C C   . ALA A 1 29  ? 14.761  -4.413  -5.601  1.00 10.27 ? 1320 ALA A C   1 
ATOM   41   O O   . ALA A 1 29  ? 14.066  -5.370  -5.386  1.00 11.83 ? 1320 ALA A O   1 
ATOM   42   C CB  . ALA A 1 29  ? 17.186  -5.111  -5.313  1.00 12.55 ? 1320 ALA A CB  1 
ATOM   43   N N   . TRP A 1 30  ? 14.475  -3.160  -5.318  1.00 10.51 ? 1321 TRP A N   1 
ATOM   44   C CA  . TRP A 1 30  ? 13.215  -2.783  -4.619  1.00 11.25 ? 1321 TRP A CA  1 
ATOM   45   C C   . TRP A 1 30  ? 12.020  -3.326  -5.398  1.00 11.83 ? 1321 TRP A C   1 
ATOM   46   O O   . TRP A 1 30  ? 11.025  -3.639  -4.748  1.00 11.10 ? 1321 TRP A O   1 
ATOM   47   C CB  . TRP A 1 30  ? 13.106  -1.294  -4.450  1.00 11.56 ? 1321 TRP A CB  1 
ATOM   48   C CG  . TRP A 1 30  ? 13.009  -0.586  -5.758  1.00 11.37 ? 1321 TRP A CG  1 
ATOM   49   C CD1 . TRP A 1 30  ? 14.041  -0.188  -6.538  1.00 12.39 ? 1321 TRP A CD1 1 
ATOM   50   C CD2 . TRP A 1 30  ? 11.807  -0.234  -6.466  1.00 10.90 ? 1321 TRP A CD2 1 
ATOM   51   N NE1 . TRP A 1 30  ? 13.559  0.383   -7.680  1.00 11.70 ? 1321 TRP A NE1 1 
ATOM   52   C CE2 . TRP A 1 30  ? 12.203  0.395   -7.651  1.00 11.52 ? 1321 TRP A CE2 1 
ATOM   53   C CE3 . TRP A 1 30  ? 10.442  -0.367  -6.191  1.00 11.72 ? 1321 TRP A CE3 1 
ATOM   54   C CZ2 . TRP A 1 30  ? 11.281  0.846   -8.596  1.00 11.99 ? 1321 TRP A CZ2 1 
ATOM   55   C CZ3 . TRP A 1 30  ? 9.527   0.131   -7.095  1.00 11.93 ? 1321 TRP A CZ3 1 
ATOM   56   C CH2 . TRP A 1 30  ? 9.942   0.736   -8.271  1.00 13.20 ? 1321 TRP A CH2 1 
ATOM   57   N N   . LYS A 1 31  ? 12.074  -3.453  -6.721  1.00 11.53 ? 1322 LYS A N   1 
ATOM   58   C CA  . LYS A 1 31  ? 10.851  -3.768  -7.474  1.00 11.06 ? 1322 LYS A CA  1 
ATOM   59   C C   . LYS A 1 31  ? 10.397  -5.197  -7.206  1.00 11.49 ? 1322 LYS A C   1 
ATOM   60   O O   . LYS A 1 31  ? 9.222   -5.427  -6.800  1.00 12.25 ? 1322 LYS A O   1 
ATOM   61   C CB  . LYS A 1 31  ? 11.086  -3.494  -8.960  1.00 11.48 ? 1322 LYS A CB  1 
ATOM   62   C CG  . LYS A 1 31  ? 9.867   -3.779  -9.819  1.00 11.49 ? 1322 LYS A CG  1 
ATOM   63   C CD  . LYS A 1 31  ? 10.064  -3.374  -11.225 1.00 12.11 ? 1322 LYS A CD  1 
ATOM   64   C CE  . LYS A 1 31  ? 8.837   -3.599  -12.087 1.00 12.34 ? 1322 LYS A CE  1 
ATOM   65   N NZ  . LYS A 1 31  ? 9.103   -3.067  -13.442 1.00 13.32 ? 1322 LYS A NZ  1 
ATOM   66   N N   . LYS A 1 32  ? 11.302  -6.168  -7.302  1.00 12.19 ? 1323 LYS A N   1 
ATOM   67   C CA  . LYS A 1 32  ? 10.940  -7.559  -6.987  1.00 12.88 ? 1323 LYS A CA  1 
ATOM   68   C C   . LYS A 1 32  ? 10.608  -7.654  -5.492  1.00 11.89 ? 1323 LYS A C   1 
ATOM   69   O O   . LYS A 1 32  ? 9.729   -8.405  -5.141  1.00 12.73 ? 1323 LYS A O   1 
ATOM   70   C CB  . LYS A 1 32  ? 12.073  -8.515  -7.358  1.00 15.86 ? 1323 LYS A CB  1 
ATOM   71   C CG  . LYS A 1 32  ? 11.699  -9.982  -7.268  1.00 21.24 ? 1323 LYS A CG  1 
ATOM   72   C CD  . LYS A 1 32  ? 12.642  -10.910 -8.034  1.00 24.74 ? 1323 LYS A CD  1 
ATOM   73   N N   . GLN A 1 33  ? 11.330  -6.950  -4.655  1.00 12.79 ? 1324 GLN A N   1 
ATOM   74   C CA  . GLN A 1 33  ? 11.035  -6.992  -3.203  1.00 12.29 ? 1324 GLN A CA  1 
ATOM   75   C C   . GLN A 1 33  ? 9.593   -6.518  -2.985  1.00 12.83 ? 1324 GLN A C   1 
ATOM   76   O O   . GLN A 1 33  ? 8.843   -7.125  -2.188  1.00 12.36 ? 1324 GLN A O   1 
ATOM   77   C CB  . GLN A 1 33  ? 12.016  -6.106  -2.453  1.00 12.49 ? 1324 GLN A CB  1 
ATOM   78   C CG  . GLN A 1 33  ? 13.379  -6.759  -2.406  1.00 14.09 ? 1324 GLN A CG  1 
ATOM   79   C CD  . GLN A 1 33  ? 14.448  -5.777  -2.058  1.00 14.94 ? 1324 GLN A CD  1 
ATOM   80   O OE1 . GLN A 1 33  ? 14.230  -4.629  -1.763  1.00 16.07 ? 1324 GLN A OE1 1 
ATOM   81   N NE2 . GLN A 1 33  ? 15.690  -6.267  -2.104  1.00 16.46 ? 1324 GLN A NE2 1 
ATOM   82   N N   . CYS A 1 34  ? 9.174   -5.467  -3.673  1.00 11.84 ? 1325 CYS A N   1 
ATOM   83   C CA  . CYS A 1 34  ? 7.778   -4.973  -3.564  1.00 10.99 ? 1325 CYS A CA  1 
ATOM   84   C C   . CYS A 1 34  ? 6.819   -5.961  -4.185  1.00 11.97 ? 1325 CYS A C   1 
ATOM   85   O O   . CYS A 1 34  ? 5.718   -6.153  -3.619  1.00 12.06 ? 1325 CYS A O   1 
ATOM   86   C CB  . CYS A 1 34  ? 7.640   -3.595  -4.191  1.00 12.13 ? 1325 CYS A CB  1 
ATOM   87   S SG  . CYS A 1 34  ? 8.403   -2.288  -3.204  1.00 12.23 ? 1325 CYS A SG  1 
ATOM   88   N N   . GLU A 1 35  ? 7.142   -6.615  -5.267  1.00 11.99 ? 1326 GLU A N   1 
ATOM   89   C CA  . GLU A 1 35  ? 6.258   -7.639  -5.851  1.00 13.24 ? 1326 GLU A CA  1 
ATOM   90   C C   . GLU A 1 35  ? 6.023   -8.711  -4.812  1.00 13.31 ? 1326 GLU A C   1 
ATOM   91   O O   . GLU A 1 35  ? 4.862   -9.180  -4.648  1.00 15.15 ? 1326 GLU A O   1 
ATOM   92   C CB  . GLU A 1 35  ? 6.864   -8.250  -7.111  1.00 15.59 ? 1326 GLU A CB  1 
ATOM   93   C CG  . GLU A 1 35  ? 6.886   -7.294  -8.286  1.00 18.39 ? 1326 GLU A CG  1 
ATOM   94   C CD  . GLU A 1 35  ? 7.748   -7.720  -9.478  1.00 20.28 ? 1326 GLU A CD  1 
ATOM   95   O OE1 . GLU A 1 35  ? 8.528   -8.677  -9.360  1.00 24.66 ? 1326 GLU A OE1 1 
ATOM   96   O OE2 . GLU A 1 35  ? 7.683   -7.034  -10.512 1.00 23.33 ? 1326 GLU A OE2 1 
ATOM   97   N N   . GLU A 1 36  ? 7.084   -9.132  -4.139  1.00 14.67 ? 1327 GLU A N   1 
ATOM   98   C CA  . GLU A 1 36  ? 6.975   -10.268 -3.197  1.00 15.31 ? 1327 GLU A CA  1 
ATOM   99   C C   . GLU A 1 36  ? 6.142   -9.824  -2.003  1.00 14.02 ? 1327 GLU A C   1 
ATOM   100  O O   . GLU A 1 36  ? 5.327   -10.614 -1.524  1.00 14.59 ? 1327 GLU A O   1 
ATOM   101  C CB  . GLU A 1 36  ? 8.387   -10.717 -2.825  1.00 19.41 ? 1327 GLU A CB  1 
ATOM   102  C CG  . GLU A 1 36  ? 9.096   -11.426 -3.975  1.00 24.84 ? 1327 GLU A CG  1 
ATOM   103  C CD  . GLU A 1 36  ? 8.348   -12.598 -4.597  1.00 32.71 ? 1327 GLU A CD  1 
ATOM   104  O OE1 . GLU A 1 36  ? 7.674   -13.362 -3.846  1.00 36.73 ? 1327 GLU A OE1 1 
ATOM   105  O OE2 . GLU A 1 36  ? 8.381   -12.723 -5.837  1.00 37.35 ? 1327 GLU A OE2 1 
ATOM   106  N N   . LEU A 1 37  ? 6.372   -8.611  -1.543  1.00 12.59 ? 1328 LEU A N   1 
ATOM   107  C CA  . LEU A 1 37  ? 5.597   -8.091  -0.402  1.00 12.27 ? 1328 LEU A CA  1 
ATOM   108  C C   . LEU A 1 37  ? 4.128   -7.939  -0.795  1.00 11.70 ? 1328 LEU A C   1 
ATOM   109  O O   . LEU A 1 37  ? 3.247   -8.292  0.006   1.00 13.03 ? 1328 LEU A O   1 
ATOM   110  C CB  . LEU A 1 37  ? 6.189   -6.774  0.073   1.00 13.02 ? 1328 LEU A CB  1 
ATOM   111  C CG  . LEU A 1 37  ? 5.436   -6.084  1.218   1.00 13.99 ? 1328 LEU A CG  1 
ATOM   112  C CD1 . LEU A 1 37  ? 5.200   -6.991  2.424   1.00 14.76 ? 1328 LEU A CD1 1 
ATOM   113  C CD2 . LEU A 1 37  ? 6.188   -4.865  1.630   1.00 14.78 ? 1328 LEU A CD2 1 
ATOM   114  N N   . LEU A 1 38  ? 3.832   -7.503  -2.011  1.00 11.28 ? 1329 LEU A N   1 
ATOM   115  C CA  . LEU A 1 38  ? 2.418   -7.463  -2.433  1.00 11.90 ? 1329 LEU A CA  1 
ATOM   116  C C   . LEU A 1 38  ? 1.850   -8.871  -2.460  1.00 12.99 ? 1329 LEU A C   1 
ATOM   117  O O   . LEU A 1 38  ? 0.707   -9.069  -2.081  1.00 14.67 ? 1329 LEU A O   1 
ATOM   118  C CB  . LEU A 1 38  ? 2.293   -6.761  -3.783  1.00 11.38 ? 1329 LEU A CB  1 
ATOM   119  C CG  . LEU A 1 38  ? 2.549   -5.267  -3.743  1.00 11.76 ? 1329 LEU A CG  1 
ATOM   120  C CD1 . LEU A 1 38  ? 2.712   -4.694  -5.157  1.00 12.79 ? 1329 LEU A CD1 1 
ATOM   121  C CD2 . LEU A 1 38  ? 1.358   -4.567  -3.075  1.00 13.53 ? 1329 LEU A CD2 1 
ATOM   122  N N   . ASN A 1 39  ? 2.576   -9.858  -2.951  1.00 14.31 ? 1330 ASN A N   1 
ATOM   123  C CA  . ASN A 1 39  ? 2.118   -11.260 -2.930  1.00 16.29 ? 1330 ASN A CA  1 
ATOM   124  C C   . ASN A 1 39  ? 1.759   -11.634 -1.480  1.00 15.82 ? 1330 ASN A C   1 
ATOM   125  O O   . ASN A 1 39  ? 0.715   -12.306 -1.292  1.00 17.91 ? 1330 ASN A O   1 
ATOM   126  C CB  . ASN A 1 39  ? 3.162   -12.207 -3.526  1.00 18.22 ? 1330 ASN A CB  1 
ATOM   127  C CG  . ASN A 1 39  ? 3.291   -12.088 -5.027  1.00 21.29 ? 1330 ASN A CG  1 
ATOM   128  O OD1 . ASN A 1 39  ? 2.387   -11.605 -5.699  1.00 25.06 ? 1330 ASN A OD1 1 
ATOM   129  N ND2 . ASN A 1 39  ? 4.411   -12.550 -5.567  1.00 22.43 ? 1330 ASN A ND2 1 
ATOM   130  N N   . LEU A 1 40  ? 2.611   -11.307 -0.512  1.00 14.46 ? 1331 LEU A N   1 
ATOM   131  C CA  . LEU A 1 40  ? 2.333   -11.658 0.903   1.00 14.93 ? 1331 LEU A CA  1 
ATOM   132  C C   . LEU A 1 40  ? 1.035   -10.955 1.315   1.00 14.20 ? 1331 LEU A C   1 
ATOM   133  O O   . LEU A 1 40  ? 0.176   -11.553 2.005   1.00 14.81 ? 1331 LEU A O   1 
ATOM   134  C CB  . LEU A 1 40  ? 3.463   -11.222 1.833   1.00 15.65 ? 1331 LEU A CB  1 
ATOM   135  C CG  . LEU A 1 40  ? 4.724   -12.083 1.802   1.00 17.20 ? 1331 LEU A CG  1 
ATOM   136  C CD1 . LEU A 1 40  ? 5.748   -11.519 2.781   1.00 19.43 ? 1331 LEU A CD1 1 
ATOM   137  C CD2 . LEU A 1 40  ? 4.424   -13.569 2.068   1.00 17.91 ? 1331 LEU A CD2 1 
ATOM   138  N N   . ILE A 1 41  ? 0.884   -9.680  0.968   1.00 12.43 ? 1332 ILE A N   1 
ATOM   139  C CA  . ILE A 1 41  ? -0.296  -8.875  1.376   1.00 11.85 ? 1332 ILE A CA  1 
ATOM   140  C C   . ILE A 1 41  ? -1.539  -9.532  0.764   1.00 11.63 ? 1332 ILE A C   1 
ATOM   141  O O   . ILE A 1 41  ? -2.556  -9.672  1.465   1.00 12.17 ? 1332 ILE A O   1 
ATOM   142  C CB  . ILE A 1 41  ? -0.098  -7.408  0.959   1.00 11.28 ? 1332 ILE A CB  1 
ATOM   143  C CG1 . ILE A 1 41  ? 0.920   -6.785  1.906   1.00 13.16 ? 1332 ILE A CG1 1 
ATOM   144  C CG2 . ILE A 1 41  ? -1.428  -6.674  0.972   1.00 11.14 ? 1332 ILE A CG2 1 
ATOM   145  C CD1 . ILE A 1 41  ? 1.433   -5.492  1.404   1.00 14.22 ? 1332 ILE A CD1 1 
ATOM   146  N N   . PHE A 1 42  ? -1.514  -9.944  -0.483  1.00 12.43 ? 1333 PHE A N   1 
ATOM   147  C CA  . PHE A 1 42  ? -2.698  -10.556 -1.131  1.00 14.84 ? 1333 PHE A CA  1 
ATOM   148  C C   . PHE A 1 42  ? -3.053  -11.880 -0.457  1.00 16.91 ? 1333 PHE A C   1 
ATOM   149  O O   . PHE A 1 42  ? -4.279  -12.151 -0.356  1.00 20.82 ? 1333 PHE A O   1 
ATOM   150  C CB  . PHE A 1 42  ? -2.488  -10.706 -2.639  1.00 14.39 ? 1333 PHE A CB  1 
ATOM   151  C CG  . PHE A 1 42  ? -2.937  -9.516  -3.435  1.00 14.62 ? 1333 PHE A CG  1 
ATOM   152  C CD1 . PHE A 1 42  ? -2.083  -8.453  -3.711  1.00 14.01 ? 1333 PHE A CD1 1 
ATOM   153  C CD2 . PHE A 1 42  ? -4.227  -9.468  -3.920  1.00 15.15 ? 1333 PHE A CD2 1 
ATOM   154  C CE1 . PHE A 1 42  ? -2.529  -7.380  -4.457  1.00 14.21 ? 1333 PHE A CE1 1 
ATOM   155  C CE2 . PHE A 1 42  ? -4.673  -8.358  -4.640  1.00 15.54 ? 1333 PHE A CE2 1 
ATOM   156  C CZ  . PHE A 1 42  ? -3.817  -7.321  -4.889  1.00 14.98 ? 1333 PHE A CZ  1 
ATOM   157  N N   . GLN A 1 43  ? -2.080  -12.611 0.076   1.00 15.64 ? 1334 GLN A N   1 
ATOM   158  C CA  . GLN A 1 43  ? -2.348  -13.896 0.786   1.00 17.74 ? 1334 GLN A CA  1 
ATOM   159  C C   . GLN A 1 43  ? -2.934  -13.670 2.168   1.00 17.42 ? 1334 GLN A C   1 
ATOM   160  O O   . GLN A 1 43  ? -3.579  -14.577 2.732   1.00 20.33 ? 1334 GLN A O   1 
ATOM   161  C CB  . GLN A 1 43  ? -1.078  -14.719 0.982   1.00 19.69 ? 1334 GLN A CB  1 
ATOM   162  C CG  . GLN A 1 43  ? -0.662  -15.497 -0.243  1.00 22.86 ? 1334 GLN A CG  1 
ATOM   163  C CD  . GLN A 1 43  ? -1.726  -16.480 -0.676  1.00 23.73 ? 1334 GLN A CD  1 
ATOM   164  O OE1 . GLN A 1 43  ? -2.247  -17.276 0.135   1.00 24.02 ? 1334 GLN A OE1 1 
ATOM   165  N NE2 . GLN A 1 43  ? -2.086  -16.403 -1.957  1.00 22.82 ? 1334 GLN A NE2 1 
ATOM   166  N N   A CYS A 1 44  ? -2.671  -12.493 2.756   0.27 16.91 ? 1335 CYS A N   1 
ATOM   167  N N   B CYS A 1 44  ? -2.741  -12.476 2.698   0.30 14.35 ? 1335 CYS A N   1 
ATOM   168  C CA  A CYS A 1 44  ? -3.171  -12.062 4.092   0.27 16.77 ? 1335 CYS A CA  1 
ATOM   169  C CA  B CYS A 1 44  ? -3.165  -12.105 4.058   0.30 13.07 ? 1335 CYS A CA  1 
ATOM   170  C C   A CYS A 1 44  ? -4.686  -11.836 4.038   0.27 14.82 ? 1335 CYS A C   1 
ATOM   171  C C   B CYS A 1 44  ? -4.670  -11.803 4.073   0.30 12.77 ? 1335 CYS A C   1 
ATOM   172  O O   A CYS A 1 44  ? -5.150  -11.029 3.219   0.27 12.98 ? 1335 CYS A O   1 
ATOM   173  O O   B CYS A 1 44  ? -5.118  -10.945 3.317   0.30 10.93 ? 1335 CYS A O   1 
ATOM   174  C CB  A CYS A 1 44  ? -2.545  -10.749 4.553   0.27 18.30 ? 1335 CYS A CB  1 
ATOM   175  C CB  B CYS A 1 44  ? -2.348  -10.904 4.486   0.30 12.06 ? 1335 CYS A CB  1 
ATOM   176  S SG  A CYS A 1 44  ? -0.810  -10.857 5.053   0.27 23.15 ? 1335 CYS A SG  1 
ATOM   177  S SG  B CYS A 1 44  ? -2.706  -10.447 6.187   0.30 11.15 ? 1335 CYS A SG  1 
ATOM   178  N N   . GLU A 1 45  ? -5.441  -12.459 4.941   1.00 12.60 ? 1336 GLU A N   1 
ATOM   179  C CA  . GLU A 1 45  ? -6.890  -12.203 5.013   1.00 12.74 ? 1336 GLU A CA  1 
ATOM   180  C C   . GLU A 1 45  ? -7.215  -10.743 5.371   1.00 10.65 ? 1336 GLU A C   1 
ATOM   181  O O   . GLU A 1 45  ? -8.248  -10.259 4.978   1.00 11.99 ? 1336 GLU A O   1 
ATOM   182  C CB  . GLU A 1 45  ? -7.501  -13.100 6.072   1.00 13.35 ? 1336 GLU A CB  1 
ATOM   183  C CG  . GLU A 1 45  ? -7.561  -14.557 5.620   1.00 15.69 ? 1336 GLU A CG  1 
ATOM   184  C CD  . GLU A 1 45  ? -8.103  -15.508 6.650   1.00 17.79 ? 1336 GLU A CD  1 
ATOM   185  O OE1 . GLU A 1 45  ? -8.579  -15.048 7.728   1.00 20.30 ? 1336 GLU A OE1 1 
ATOM   186  O OE2 . GLU A 1 45  ? -8.081  -16.720 6.331   1.00 17.83 ? 1336 GLU A OE2 1 
ATOM   187  N N   . ASP A 1 46  ? -6.307  -10.074 6.066   1.00 11.72 ? 1337 ASP A N   1 
ATOM   188  C CA  . ASP A 1 46  ? -6.534  -8.651  6.440   1.00 11.66 ? 1337 ASP A CA  1 
ATOM   189  C C   . ASP A 1 46  ? -6.473  -7.747  5.212   1.00 11.92 ? 1337 ASP A C   1 
ATOM   190  O O   . ASP A 1 46  ? -6.946  -6.605  5.317   1.00 12.15 ? 1337 ASP A O   1 
ATOM   191  C CB  . ASP A 1 46  ? -5.559  -8.129  7.483   1.00 11.82 ? 1337 ASP A CB  1 
ATOM   192  C CG  . ASP A 1 46  ? -5.818  -8.665  8.877   1.00 12.29 ? 1337 ASP A CG  1 
ATOM   193  O OD1 . ASP A 1 46  ? -6.961  -9.094  9.117   1.00 13.72 ? 1337 ASP A OD1 1 
ATOM   194  O OD2 . ASP A 1 46  ? -4.932  -8.565  9.697   1.00 13.69 ? 1337 ASP A OD2 1 
ATOM   195  N N   . SER A 1 47  ? -6.034  -8.232  4.054   1.00 10.41 ? 1338 SER A N   1 
ATOM   196  C CA  . SER A 1 47  ? -6.104  -7.391  2.836   1.00 10.38 ? 1338 SER A CA  1 
ATOM   197  C C   . SER A 1 47  ? -7.412  -7.523  2.081   1.00 10.19 ? 1338 SER A C   1 
ATOM   198  O O   . SER A 1 47  ? -7.595  -6.807  1.138   1.00 9.70  ? 1338 SER A O   1 
ATOM   199  C CB  . SER A 1 47  ? -4.961  -7.618  1.881   1.00 9.88  ? 1338 SER A CB  1 
ATOM   200  O OG  . SER A 1 47  ? -5.058  -8.902  1.230   1.00 11.36 ? 1338 SER A OG  1 
ATOM   201  N N   . GLU A 1 48  ? -8.301  -8.396  2.558   0.57 10.86 ? 1339 GLU A N   1 
ATOM   202  C CA  . GLU A 1 48  ? -9.572  -8.702  1.860   0.57 11.53 ? 1339 GLU A CA  1 
ATOM   203  C C   . GLU A 1 48  ? -10.242 -7.409  1.389   0.57 10.62 ? 1339 GLU A C   1 
ATOM   204  O O   . GLU A 1 48  ? -10.617 -7.303  0.225   0.57 11.77 ? 1339 GLU A O   1 
ATOM   205  C CB  . GLU A 1 48  ? -10.479 -9.572  2.740   0.57 13.13 ? 1339 GLU A CB  1 
ATOM   206  C CG  . GLU A 1 48  ? -11.733 -10.013 2.011   0.57 15.21 ? 1339 GLU A CG  1 
ATOM   207  C CD  . GLU A 1 48  ? -12.549 -11.070 2.727   0.57 16.46 ? 1339 GLU A CD  1 
ATOM   208  O OE1 . GLU A 1 48  ? -11.945 -11.867 3.501   0.57 21.23 ? 1339 GLU A OE1 1 
ATOM   209  O OE2 . GLU A 1 48  ? -13.774 -11.091 2.496   0.57 19.89 ? 1339 GLU A OE2 1 
ATOM   210  N N   . PRO A 1 49  ? -10.440 -6.391  2.260   1.00 9.69  ? 1340 PRO A N   1 
ATOM   211  C CA  . PRO A 1 49  ? -11.160 -5.181  1.868   1.00 9.70  ? 1340 PRO A CA  1 
ATOM   212  C C   . PRO A 1 49  ? -10.437 -4.279  0.890   1.00 8.86  ? 1340 PRO A C   1 
ATOM   213  O O   . PRO A 1 49  ? -11.064 -3.376  0.378   1.00 9.18  ? 1340 PRO A O   1 
ATOM   214  C CB  . PRO A 1 49  ? -11.356 -4.425  3.193   1.00 9.75  ? 1340 PRO A CB  1 
ATOM   215  C CG  . PRO A 1 49  ? -11.209 -5.498  4.251   1.00 10.31 ? 1340 PRO A CG  1 
ATOM   216  C CD  . PRO A 1 49  ? -10.110 -6.400  3.700   1.00 9.91  ? 1340 PRO A CD  1 
ATOM   217  N N   . PHE A 1 50  ? -9.162  -4.515  0.662   1.00 9.06  ? 1341 PHE A N   1 
ATOM   218  C CA  . PHE A 1 50  ? -8.240  -3.538  0.049   1.00 9.15  ? 1341 PHE A CA  1 
ATOM   219  C C   . PHE A 1 50  ? -7.675  -4.065  -1.252  1.00 10.39 ? 1341 PHE A C   1 
ATOM   220  O O   . PHE A 1 50  ? -6.713  -3.472  -1.733  1.00 11.44 ? 1341 PHE A O   1 
ATOM   221  C CB  . PHE A 1 50  ? -7.142  -3.181  1.060   1.00 8.41  ? 1341 PHE A CB  1 
ATOM   222  C CG  . PHE A 1 50  ? -7.699  -2.715  2.386   1.00 8.02  ? 1341 PHE A CG  1 
ATOM   223  C CD1 . PHE A 1 50  ? -8.456  -1.560  2.498   1.00 8.86  ? 1341 PHE A CD1 1 
ATOM   224  C CD2 . PHE A 1 50  ? -7.535  -3.493  3.515   1.00 8.62  ? 1341 PHE A CD2 1 
ATOM   225  C CE1 . PHE A 1 50  ? -9.028  -1.225  3.701   1.00 8.99  ? 1341 PHE A CE1 1 
ATOM   226  C CE2 . PHE A 1 50  ? -8.097  -3.151  4.718   1.00 8.57  ? 1341 PHE A CE2 1 
ATOM   227  C CZ  . PHE A 1 50  ? -8.833  -2.004  4.795   1.00 8.87  ? 1341 PHE A CZ  1 
ATOM   228  N N   . ARG A 1 51  ? -8.260  -5.105  -1.825  1.00 10.90 ? 1342 ARG A N   1 
ATOM   229  C CA  . ARG A 1 51  ? -7.676  -5.755  -3.004  1.00 11.85 ? 1342 ARG A CA  1 
ATOM   230  C C   . ARG A 1 51  ? -8.215  -5.180  -4.283  1.00 12.68 ? 1342 ARG A C   1 
ATOM   231  O O   . ARG A 1 51  ? -7.575  -5.422  -5.340  1.00 16.11 ? 1342 ARG A O   1 
ATOM   232  C CB  . ARG A 1 51  ? -7.956  -7.248  -2.992  1.00 11.81 ? 1342 ARG A CB  1 
ATOM   233  C CG  . ARG A 1 51  ? -7.206  -7.942  -1.884  1.00 12.31 ? 1342 ARG A CG  1 
ATOM   234  C CD  . ARG A 1 51  ? -7.623  -9.383  -1.831  1.00 13.55 ? 1342 ARG A CD  1 
ATOM   235  N NE  . ARG A 1 51  ? -7.087  -9.942  -0.616  1.00 14.64 ? 1342 ARG A NE  1 
ATOM   236  C CZ  . ARG A 1 51  ? -7.505  -11.076 -0.068  1.00 15.76 ? 1342 ARG A CZ  1 
ATOM   237  N NH1 . ARG A 1 51  ? -8.446  -11.789 -0.685  1.00 16.94 ? 1342 ARG A NH1 1 
ATOM   238  N NH2 . ARG A 1 51  ? -6.994  -11.531 1.046   1.00 15.70 ? 1342 ARG A NH2 1 
ATOM   239  N N   . GLN A 1 52  ? -9.336  -4.458  -4.242  0.57 12.75 ? 1343 GLN A N   1 
ATOM   240  C CA  . GLN A 1 52  ? -9.991  -3.937  -5.463  0.57 13.94 ? 1343 GLN A CA  1 
ATOM   241  C C   . GLN A 1 52  ? -10.746 -2.664  -5.097  0.57 14.20 ? 1343 GLN A C   1 
ATOM   242  O O   . GLN A 1 52  ? -10.933 -2.356  -3.918  0.57 12.95 ? 1343 GLN A O   1 
ATOM   243  C CB  . GLN A 1 52  ? -10.864 -5.020  -6.110  0.57 15.68 ? 1343 GLN A CB  1 
ATOM   244  C CG  . GLN A 1 52  ? -10.210 -6.399  -6.259  0.57 18.24 ? 1343 GLN A CG  1 
ATOM   245  C CD  . GLN A 1 52  ? -9.058  -6.508  -7.237  0.57 19.64 ? 1343 GLN A CD  1 
ATOM   246  O OE1 . GLN A 1 52  ? -8.962  -5.761  -8.214  0.57 21.43 ? 1343 GLN A OE1 1 
ATOM   247  N NE2 . GLN A 1 52  ? -8.179  -7.472  -6.993  0.57 19.04 ? 1343 GLN A NE2 1 
ATOM   248  N N   . PRO A 1 53  ? -11.188 -1.857  -6.081  0.57 14.63 ? 1344 PRO A N   1 
ATOM   249  C CA  . PRO A 1 53  ? -11.758 -0.555  -5.777  0.57 14.81 ? 1344 PRO A CA  1 
ATOM   250  C C   . PRO A 1 53  ? -13.055 -0.680  -4.980  0.57 15.12 ? 1344 PRO A C   1 
ATOM   251  O O   . PRO A 1 53  ? -13.825 -1.608  -5.154  0.57 13.91 ? 1344 PRO A O   1 
ATOM   252  C CB  . PRO A 1 53  ? -11.997 0.097   -7.143  0.57 14.96 ? 1344 PRO A CB  1 
ATOM   253  C CG  . PRO A 1 53  ? -11.090 -0.679  -8.070  0.57 15.36 ? 1344 PRO A CG  1 
ATOM   254  C CD  . PRO A 1 53  ? -11.087 -2.095  -7.529  0.57 14.85 ? 1344 PRO A CD  1 
ATOM   255  N N   . VAL A 1 54  ? -13.264 0.281   -4.094  0.57 14.98 ? 1345 VAL A N   1 
ATOM   256  C CA  . VAL A 1 54  ? -14.591 0.464   -3.467  0.57 15.49 ? 1345 VAL A CA  1 
ATOM   257  C C   . VAL A 1 54  ? -15.590 0.655   -4.598  0.57 16.17 ? 1345 VAL A C   1 
ATOM   258  O O   . VAL A 1 54  ? -15.380 1.539   -5.461  0.57 16.73 ? 1345 VAL A O   1 
ATOM   259  C CB  . VAL A 1 54  ? -14.641 1.649   -2.495  0.57 15.07 ? 1345 VAL A CB  1 
ATOM   260  C CG1 . VAL A 1 54  ? -16.033 1.794   -1.895  0.57 15.40 ? 1345 VAL A CG1 1 
ATOM   261  C CG2 . VAL A 1 54  ? -13.572 1.522   -1.430  0.57 14.97 ? 1345 VAL A CG2 1 
ATOM   262  N N   . ASP A 1 55  ? -16.656 -0.121  -4.530  1.00 14.98 ? 1346 ASP A N   1 
ATOM   263  C CA  . ASP A 1 55  ? -17.795 -0.083  -5.471  1.00 17.18 ? 1346 ASP A CA  1 
ATOM   264  C C   . ASP A 1 55  ? -18.744 0.982   -4.944  1.00 15.39 ? 1346 ASP A C   1 
ATOM   265  O O   . ASP A 1 55  ? -19.305 0.803   -3.861  1.00 16.28 ? 1346 ASP A O   1 
ATOM   266  C CB  . ASP A 1 55  ? -18.472 -1.455  -5.492  1.00 19.71 ? 1346 ASP A CB  1 
ATOM   267  C CG  . ASP A 1 55  ? -19.634 -1.612  -6.462  1.00 24.26 ? 1346 ASP A CG  1 
ATOM   268  O OD1 . ASP A 1 55  ? -20.114 -0.604  -6.985  1.00 23.92 ? 1346 ASP A OD1 1 
ATOM   269  O OD2 . ASP A 1 55  ? -20.083 -2.766  -6.657  1.00 27.72 ? 1346 ASP A OD2 1 
ATOM   270  N N   . LEU A 1 56  ? -19.041 1.980   -5.764  1.00 19.74 ? 1347 LEU A N   1 
ATOM   271  C CA  . LEU A 1 56  ? -19.938 3.081   -5.336  1.00 19.95 ? 1347 LEU A CA  1 
ATOM   272  C C   . LEU A 1 56  ? -21.378 2.584   -5.260  1.00 17.75 ? 1347 LEU A C   1 
ATOM   273  O O   . LEU A 1 56  ? -22.211 3.168   -4.561  1.00 19.16 ? 1347 LEU A O   1 
ATOM   274  C CB  . LEU A 1 56  ? -19.796 4.248   -6.314  1.00 23.05 ? 1347 LEU A CB  1 
ATOM   275  C CG  . LEU A 1 56  ? -18.386 4.800   -6.480  1.00 27.88 ? 1347 LEU A CG  1 
ATOM   276  C CD1 . LEU A 1 56  ? -18.397 6.083   -7.305  1.00 30.03 ? 1347 LEU A CD1 1 
ATOM   277  C CD2 . LEU A 1 56  ? -17.703 5.008   -5.135  1.00 30.97 ? 1347 LEU A CD2 1 
ATOM   278  N N   . LEU A 1 57  ? -21.703 1.447   -5.879  1.00 19.48 ? 1348 LEU A N   1 
ATOM   279  C CA  . LEU A 1 57  ? -23.044 0.877   -5.637  1.00 20.11 ? 1348 LEU A CA  1 
ATOM   280  C C   . LEU A 1 57  ? -23.169 0.343   -4.202  1.00 19.58 ? 1348 LEU A C   1 
ATOM   281  O O   . LEU A 1 57  ? -24.230 0.424   -3.632  1.00 19.61 ? 1348 LEU A O   1 
ATOM   282  C CB  . LEU A 1 57  ? -23.321 -0.210  -6.684  1.00 24.52 ? 1348 LEU A CB  1 
ATOM   283  C CG  . LEU A 1 57  ? -23.355 0.283   -8.133  1.00 29.54 ? 1348 LEU A CG  1 
ATOM   284  C CD1 . LEU A 1 57  ? -23.341 -0.878  -9.124  1.00 32.06 ? 1348 LEU A CD1 1 
ATOM   285  C CD2 . LEU A 1 57  ? -24.592 1.138   -8.359  1.00 32.29 ? 1348 LEU A CD2 1 
ATOM   286  N N   . GLU A 1 58  ? -22.100 -0.183  -3.597  1.00 17.82 ? 1349 GLU A N   1 
ATOM   287  C CA  . GLU A 1 58  ? -22.134 -0.643  -2.184  1.00 15.28 ? 1349 GLU A CA  1 
ATOM   288  C C   . GLU A 1 58  ? -21.985 0.535   -1.197  1.00 13.51 ? 1349 GLU A C   1 
ATOM   289  O O   . GLU A 1 58  ? -22.485 0.480   -0.091  1.00 14.40 ? 1349 GLU A O   1 
ATOM   290  C CB  . GLU A 1 58  ? -21.004 -1.633  -1.984  1.00 13.65 ? 1349 GLU A CB  1 
ATOM   291  C CG  . GLU A 1 58  ? -21.234 -2.959  -2.712  1.00 14.95 ? 1349 GLU A CG  1 
ATOM   292  C CD  . GLU A 1 58  ? -20.160 -3.972  -2.434  1.00 15.80 ? 1349 GLU A CD  1 
ATOM   293  O OE1 . GLU A 1 58  ? -19.171 -3.628  -1.791  1.00 15.71 ? 1349 GLU A OE1 1 
ATOM   294  O OE2 . GLU A 1 58  ? -20.333 -5.145  -2.838  1.00 17.85 ? 1349 GLU A OE2 1 
ATOM   295  N N   . TYR A 1 59  ? -21.219 1.547   -1.598  1.00 12.82 ? 1350 TYR A N   1 
ATOM   296  C CA  . TYR A 1 59  ? -20.869 2.719   -0.730  1.00 13.10 ? 1350 TYR A CA  1 
ATOM   297  C C   . TYR A 1 59  ? -21.113 3.977   -1.518  1.00 13.59 ? 1350 TYR A C   1 
ATOM   298  O O   . TYR A 1 59  ? -20.213 4.590   -2.054  1.00 13.24 ? 1350 TYR A O   1 
ATOM   299  C CB  . TYR A 1 59  ? -19.408 2.636   -0.292  1.00 12.52 ? 1350 TYR A CB  1 
ATOM   300  C CG  . TYR A 1 59  ? -19.136 1.475   0.628   1.00 11.96 ? 1350 TYR A CG  1 
ATOM   301  C CD1 . TYR A 1 59  ? -19.315 1.571   1.983   1.00 12.72 ? 1350 TYR A CD1 1 
ATOM   302  C CD2 . TYR A 1 59  ? -18.763 0.238   0.099   1.00 11.71 ? 1350 TYR A CD2 1 
ATOM   303  C CE1 . TYR A 1 59  ? -19.087 0.491   2.814   1.00 13.39 ? 1350 TYR A CE1 1 
ATOM   304  C CE2 . TYR A 1 59  ? -18.548 -0.857  0.913   1.00 11.14 ? 1350 TYR A CE2 1 
ATOM   305  C CZ  . TYR A 1 59  ? -18.680 -0.717  2.290   1.00 11.80 ? 1350 TYR A CZ  1 
ATOM   306  O OH  . TYR A 1 59  ? -18.400 -1.769  3.123   1.00 13.87 ? 1350 TYR A OH  1 
ATOM   307  N N   . PRO A 1 60  ? -22.402 4.367   -1.648  1.00 14.82 ? 1351 PRO A N   1 
ATOM   308  C CA  . PRO A 1 60  ? -22.736 5.450   -2.572  1.00 13.85 ? 1351 PRO A CA  1 
ATOM   309  C C   . PRO A 1 60  ? -22.054 6.789   -2.244  1.00 11.92 ? 1351 PRO A C   1 
ATOM   310  O O   . PRO A 1 60  ? -21.892 7.584   -3.129  1.00 12.44 ? 1351 PRO A O   1 
ATOM   311  C CB  . PRO A 1 60  ? -24.268 5.576   -2.405  1.00 15.36 ? 1351 PRO A CB  1 
ATOM   312  C CG  . PRO A 1 60  ? -24.688 4.198   -2.004  1.00 17.47 ? 1351 PRO A CG  1 
ATOM   313  C CD  . PRO A 1 60  ? -23.588 3.686   -1.099  1.00 16.00 ? 1351 PRO A CD  1 
ATOM   314  N N   . ASP A 1 61  ? -21.714 7.006   -0.989  1.00 11.68 ? 1352 ASP A N   1 
ATOM   315  C CA  . ASP A 1 61  ? -21.092 8.274   -0.573  1.00 11.39 ? 1352 ASP A CA  1 
ATOM   316  C C   . ASP A 1 61  ? -19.567 8.182   -0.593  1.00 10.64 ? 1352 ASP A C   1 
ATOM   317  O O   . ASP A 1 61  ? -18.898 9.123   -0.133  1.00 10.47 ? 1352 ASP A O   1 
ATOM   318  C CB  . ASP A 1 61  ? -21.562 8.630   0.831   1.00 12.85 ? 1352 ASP A CB  1 
ATOM   319  C CG  . ASP A 1 61  ? -20.951 7.780   1.913   1.00 13.97 ? 1352 ASP A CG  1 
ATOM   320  O OD1 . ASP A 1 61  ? -20.438 6.676   1.550   1.00 15.09 ? 1352 ASP A OD1 1 
ATOM   321  O OD2 . ASP A 1 61  ? -20.968 8.181   3.076   1.00 15.95 ? 1352 ASP A OD2 1 
ATOM   322  N N   . TYR A 1 62  ? -18.969 7.141   -1.146  1.00 10.08 ? 1353 TYR A N   1 
ATOM   323  C CA  . TYR A 1 62  ? -17.530 6.933   -0.886  1.00 10.49 ? 1353 TYR A CA  1 
ATOM   324  C C   . TYR A 1 62  ? -16.705 8.104   -1.407  1.00 10.29 ? 1353 TYR A C   1 
ATOM   325  O O   . TYR A 1 62  ? -15.809 8.607   -0.752  1.00 10.04 ? 1353 TYR A O   1 
ATOM   326  C CB  . TYR A 1 62  ? -17.065 5.610   -1.505  1.00 9.82  ? 1353 TYR A CB  1 
ATOM   327  C CG  . TYR A 1 62  ? -15.648 5.245   -1.124  1.00 9.89  ? 1353 TYR A CG  1 
ATOM   328  C CD1 . TYR A 1 62  ? -15.360 4.873   0.172   1.00 9.65  ? 1353 TYR A CD1 1 
ATOM   329  C CD2 . TYR A 1 62  ? -14.603 5.361   -2.040  1.00 10.39 ? 1353 TYR A CD2 1 
ATOM   330  C CE1 . TYR A 1 62  ? -14.075 4.555   0.576   1.00 9.33  ? 1353 TYR A CE1 1 
ATOM   331  C CE2 . TYR A 1 62  ? -13.321 5.011   -1.657  1.00 9.78  ? 1353 TYR A CE2 1 
ATOM   332  C CZ  . TYR A 1 62  ? -13.056 4.660   -0.347  1.00 9.81  ? 1353 TYR A CZ  1 
ATOM   333  O OH  . TYR A 1 62  ? -11.770 4.405   0.042   1.00 9.55  ? 1353 TYR A OH  1 
ATOM   334  N N   . ARG A 1 63  ? -17.010 8.567   -2.615  1.00 10.66 ? 1354 ARG A N   1 
ATOM   335  C CA  . ARG A 1 63  ? -16.250 9.662   -3.242  1.00 12.23 ? 1354 ARG A CA  1 
ATOM   336  C C   . ARG A 1 63  ? -16.635 11.033  -2.734  1.00 11.43 ? 1354 ARG A C   1 
ATOM   337  O O   . ARG A 1 63  ? -15.900 11.980  -2.992  1.00 13.18 ? 1354 ARG A O   1 
ATOM   338  C CB  . ARG A 1 63  ? -16.364 9.658   -4.777  1.00 13.78 ? 1354 ARG A CB  1 
ATOM   339  C CG  . ARG A 1 63  ? -15.800 8.409   -5.399  1.00 16.48 ? 1354 ARG A CG  1 
ATOM   340  C CD  . ARG A 1 63  ? -14.375 8.075   -5.017  1.00 18.81 ? 1354 ARG A CD  1 
ATOM   341  N NE  . ARG A 1 63  ? -13.518 9.132   -5.523  1.00 20.07 ? 1354 ARG A NE  1 
ATOM   342  C CZ  . ARG A 1 63  ? -13.090 9.249   -6.785  1.00 26.97 ? 1354 ARG A CZ  1 
ATOM   343  N NH1 . ARG A 1 63  ? -13.387 8.331   -7.698  1.00 25.77 ? 1354 ARG A NH1 1 
ATOM   344  N NH2 . ARG A 1 63  ? -12.332 10.273  -7.113  1.00 28.19 ? 1354 ARG A NH2 1 
ATOM   345  N N   . ASP A 1 64  ? -17.669 11.107  -1.918  1.00 11.00 ? 1355 ASP A N   1 
ATOM   346  C CA  . ASP A 1 64  ? -17.970 12.335  -1.178  1.00 11.75 ? 1355 ASP A CA  1 
ATOM   347  C C   . ASP A 1 64  ? -16.957 12.532  -0.074  1.00 11.40 ? 1355 ASP A C   1 
ATOM   348  O O   . ASP A 1 64  ? -16.728 13.660  0.324   1.00 14.82 ? 1355 ASP A O   1 
ATOM   349  C CB  . ASP A 1 64  ? -19.336 12.316  -0.486  1.00 11.88 ? 1355 ASP A CB  1 
ATOM   350  C CG  . ASP A 1 64  ? -20.537 12.066  -1.379  1.00 14.38 ? 1355 ASP A CG  1 
ATOM   351  O OD1 . ASP A 1 64  ? -20.372 12.069  -2.612  1.00 18.74 ? 1355 ASP A OD1 1 
ATOM   352  O OD2 . ASP A 1 64  ? -21.617 11.891  -0.842  1.00 15.43 ? 1355 ASP A OD2 1 
ATOM   353  N N   A ILE A 1 65  ? -16.340 11.456  0.400   0.25 11.25 ? 1356 ILE A N   1 
ATOM   354  N N   B ILE A 1 65  ? -16.372 11.430  0.404   0.25 9.93  ? 1356 ILE A N   1 
ATOM   355  C CA  A ILE A 1 65  ? -15.368 11.508  1.523   0.25 11.41 ? 1356 ILE A CA  1 
ATOM   356  C CA  B ILE A 1 65  ? -15.426 11.398  1.551   0.25 9.22  ? 1356 ILE A CA  1 
ATOM   357  C C   A ILE A 1 65  ? -13.955 11.329  0.975   0.25 10.85 ? 1356 ILE A C   1 
ATOM   358  C C   B ILE A 1 65  ? -13.993 11.261  1.047   0.25 9.56  ? 1356 ILE A C   1 
ATOM   359  O O   A ILE A 1 65  ? -13.050 12.081  1.371   0.25 11.92 ? 1356 ILE A O   1 
ATOM   360  O O   B ILE A 1 65  ? -13.109 11.905  1.645   0.25 10.36 ? 1356 ILE A O   1 
ATOM   361  C CB  A ILE A 1 65  ? -15.757 10.456  2.576   0.25 11.95 ? 1356 ILE A CB  1 
ATOM   362  C CB  B ILE A 1 65  ? -15.766 10.247  2.517   0.25 8.15  ? 1356 ILE A CB  1 
ATOM   363  C CG1 A ILE A 1 65  ? -17.205 10.675  3.022   0.25 13.04 ? 1356 ILE A CG1 1 
ATOM   364  C CG1 B ILE A 1 65  ? -17.249 10.201  2.886   0.25 7.49  ? 1356 ILE A CG1 1 
ATOM   365  C CG2 A ILE A 1 65  ? -14.777 10.487  3.734   0.25 11.72 ? 1356 ILE A CG2 1 
ATOM   366  C CG2 B ILE A 1 65  ? -14.886 10.347  3.747   0.25 8.15  ? 1356 ILE A CG2 1 
ATOM   367  C CD1 A ILE A 1 65  ? -17.850 9.482   3.646   0.25 14.43 ? 1356 ILE A CD1 1 
ATOM   368  C CD1 B ILE A 1 65  ? -17.789 11.530  3.401   0.25 6.95  ? 1356 ILE A CD1 1 
ATOM   369  N N   . ILE A 1 66  ? -13.778 10.395  0.059   1.00 9.96  ? 1357 ILE A N   1 
ATOM   370  C CA  . ILE A 1 66  ? -12.435 10.009  -0.396  1.00 10.50 ? 1357 ILE A CA  1 
ATOM   371  C C   . ILE A 1 66  ? -12.177 10.597  -1.780  1.00 11.00 ? 1357 ILE A C   1 
ATOM   372  O O   . ILE A 1 66  ? -12.814 10.173  -2.736  1.00 12.74 ? 1357 ILE A O   1 
ATOM   373  C CB  . ILE A 1 66  ? -12.323 8.473   -0.366  1.00 10.22 ? 1357 ILE A CB  1 
ATOM   374  C CG1 . ILE A 1 66  ? -12.537 7.911   1.043   1.00 10.76 ? 1357 ILE A CG1 1 
ATOM   375  C CG2 . ILE A 1 66  ? -11.009 8.052   -0.991  1.00 10.71 ? 1357 ILE A CG2 1 
ATOM   376  C CD1 . ILE A 1 66  ? -11.624 8.490   2.150   1.00 10.69 ? 1357 ILE A CD1 1 
ATOM   377  N N   . ASP A 1 67  ? -11.167 11.440  -1.835  1.00 12.38 ? 1358 ASP A N   1 
ATOM   378  C CA  . ASP A 1 67  ? -10.766 12.174  -3.067  1.00 15.12 ? 1358 ASP A CA  1 
ATOM   379  C C   . ASP A 1 67  ? -10.001 11.236  -3.986  1.00 13.97 ? 1358 ASP A C   1 
ATOM   380  O O   . ASP A 1 67  ? -10.094 11.345  -5.205  1.00 15.06 ? 1358 ASP A O   1 
ATOM   381  C CB  . ASP A 1 67  ? -9.847  13.347  -2.698  1.00 18.79 ? 1358 ASP A CB  1 
ATOM   382  C CG  . ASP A 1 67  ? -10.466 14.514  -1.935  1.00 25.39 ? 1358 ASP A CG  1 
ATOM   383  O OD1 . ASP A 1 67  ? -11.684 14.659  -2.015  1.00 26.32 ? 1358 ASP A OD1 1 
ATOM   384  O OD2 . ASP A 1 67  ? -9.712  15.277  -1.264  1.00 32.51 ? 1358 ASP A OD2 1 
ATOM   385  N N   . THR A 1 68  ? -9.126  10.414  -3.422  1.00 11.95 ? 1359 THR A N   1 
ATOM   386  C CA  . THR A 1 68  ? -8.198  9.607   -4.254  1.00 12.86 ? 1359 THR A CA  1 
ATOM   387  C C   . THR A 1 68  ? -8.266  8.159   -3.789  1.00 11.47 ? 1359 THR A C   1 
ATOM   388  O O   . THR A 1 68  ? -7.528  7.735   -2.899  1.00 12.10 ? 1359 THR A O   1 
ATOM   389  C CB  . THR A 1 68  ? -6.753  10.096  -4.175  1.00 13.78 ? 1359 THR A CB  1 
ATOM   390  O OG1 . THR A 1 68  ? -6.807  11.478  -4.460  1.00 16.45 ? 1359 THR A OG1 1 
ATOM   391  C CG2 . THR A 1 68  ? -5.877  9.378   -5.187  1.00 15.88 ? 1359 THR A CG2 1 
ATOM   392  N N   . PRO A 1 69  ? -9.122  7.364   -4.424  1.00 12.31 ? 1360 PRO A N   1 
ATOM   393  C CA  . PRO A 1 69  ? -9.207  5.946   -4.085  1.00 12.37 ? 1360 PRO A CA  1 
ATOM   394  C C   . PRO A 1 69  ? -7.873  5.273   -4.390  1.00 10.85 ? 1360 PRO A C   1 
ATOM   395  O O   . PRO A 1 69  ? -7.138  5.650   -5.282  1.00 11.82 ? 1360 PRO A O   1 
ATOM   396  C CB  . PRO A 1 69  ? -10.300 5.442   -5.001  1.00 13.43 ? 1360 PRO A CB  1 
ATOM   397  C CG  . PRO A 1 69  ? -11.163 6.670   -5.234  1.00 16.02 ? 1360 PRO A CG  1 
ATOM   398  C CD  . PRO A 1 69  ? -10.133 7.778   -5.422  1.00 14.57 ? 1360 PRO A CD  1 
ATOM   399  N N   . MET A 1 70  ? -7.585  4.250   -3.632  1.00 10.19 ? 1361 MET A N   1 
ATOM   400  C CA  . MET A 1 70  ? -6.411  3.391   -3.901  1.00 9.33  ? 1361 MET A CA  1 
ATOM   401  C C   . MET A 1 70  ? -6.669  2.006   -3.342  1.00 9.16  ? 1361 MET A C   1 
ATOM   402  O O   . MET A 1 70  ? -7.374  1.861   -2.370  1.00 9.01  ? 1361 MET A O   1 
ATOM   403  C CB  . MET A 1 70  ? -5.176  4.003   -3.261  1.00 9.67  ? 1361 MET A CB  1 
ATOM   404  C CG  . MET A 1 70  ? -3.854  3.331   -3.628  1.00 9.53  ? 1361 MET A CG  1 
ATOM   405  S SD  . MET A 1 70  ? -3.554  3.163   -5.400  1.00 10.30 ? 1361 MET A SD  1 
ATOM   406  C CE  . MET A 1 70  ? -3.643  4.863   -5.960  1.00 11.98 ? 1361 MET A CE  1 
ATOM   407  N N   . ASP A 1 71  ? -6.075  1.003   -3.955  1.00 8.75  ? 1362 ASP A N   1 
ATOM   408  C CA  . ASP A 1 71  ? -6.218  -0.384  -3.506  1.00 8.87  ? 1362 ASP A CA  1 
ATOM   409  C C   . ASP A 1 71  ? -4.968  -1.115  -3.954  1.00 8.33  ? 1362 ASP A C   1 
ATOM   410  O O   . ASP A 1 71  ? -4.202  -0.636  -4.769  1.00 8.74  ? 1362 ASP A O   1 
ATOM   411  C CB  . ASP A 1 71  ? -7.481  -1.001  -4.124  1.00 10.03 ? 1362 ASP A CB  1 
ATOM   412  C CG  . ASP A 1 71  ? -7.315  -1.053  -5.616  1.00 12.26 ? 1362 ASP A CG  1 
ATOM   413  O OD1 . ASP A 1 71  ? -7.621  -0.030  -6.253  1.00 14.37 ? 1362 ASP A OD1 1 
ATOM   414  O OD2 . ASP A 1 71  ? -6.799  -2.063  -6.105  1.00 12.66 ? 1362 ASP A OD2 1 
ATOM   415  N N   . PHE A 1 72  ? -4.792  -2.331  -3.465  1.00 8.14  ? 1363 PHE A N   1 
ATOM   416  C CA  . PHE A 1 72  ? -3.546  -3.069  -3.732  1.00 8.68  ? 1363 PHE A CA  1 
ATOM   417  C C   . PHE A 1 72  ? -3.460  -3.579  -5.158  1.00 9.11  ? 1363 PHE A C   1 
ATOM   418  O O   . PHE A 1 72  ? -2.339  -3.779  -5.652  1.00 9.37  ? 1363 PHE A O   1 
ATOM   419  C CB  . PHE A 1 72  ? -3.347  -4.206  -2.734  1.00 8.10  ? 1363 PHE A CB  1 
ATOM   420  C CG  . PHE A 1 72  ? -2.895  -3.717  -1.391  1.00 8.08  ? 1363 PHE A CG  1 
ATOM   421  C CD1 . PHE A 1 72  ? -1.608  -3.280  -1.191  1.00 8.71  ? 1363 PHE A CD1 1 
ATOM   422  C CD2 . PHE A 1 72  ? -3.767  -3.673  -0.329  1.00 9.25  ? 1363 PHE A CD2 1 
ATOM   423  C CE1 . PHE A 1 72  ? -1.172  -2.842  0.047   1.00 9.76  ? 1363 PHE A CE1 1 
ATOM   424  C CE2 . PHE A 1 72  ? -3.348  -3.234  0.903   1.00 10.07 ? 1363 PHE A CE2 1 
ATOM   425  C CZ  . PHE A 1 72  ? -2.056  -2.791  1.094   1.00 9.59  ? 1363 PHE A CZ  1 
ATOM   426  N N   . ALA A 1 73  ? -4.579  -3.825  -5.826  1.00 9.66  ? 1364 ALA A N   1 
ATOM   427  C CA  . ALA A 1 73  ? -4.490  -4.252  -7.232  1.00 9.47  ? 1364 ALA A CA  1 
ATOM   428  C C   . ALA A 1 73  ? -3.982  -3.082  -8.077  1.00 9.90  ? 1364 ALA A C   1 
ATOM   429  O O   . ALA A 1 73  ? -3.112  -3.257  -8.944  1.00 10.37 ? 1364 ALA A O   1 
ATOM   430  C CB  . ALA A 1 73  ? -5.803  -4.765  -7.743  1.00 10.24 ? 1364 ALA A CB  1 
ATOM   431  N N   . THR A 1 74  ? -4.435  -1.883  -7.791  1.00 9.47  ? 1365 THR A N   1 
ATOM   432  C CA  . THR A 1 74  ? -3.943  -0.675  -8.477  1.00 9.73  ? 1365 THR A CA  1 
ATOM   433  C C   . THR A 1 74  ? -2.454  -0.507  -8.188  1.00 8.94  ? 1365 THR A C   1 
ATOM   434  O O   . THR A 1 74  ? -1.702  -0.212  -9.128  1.00 10.05 ? 1365 THR A O   1 
ATOM   435  C CB  . THR A 1 74  ? -4.735  0.553   -8.075  1.00 10.70 ? 1365 THR A CB  1 
ATOM   436  O OG1 . THR A 1 74  ? -6.104  0.297   -8.471  1.00 11.84 ? 1365 THR A OG1 1 
ATOM   437  C CG2 . THR A 1 74  ? -4.193  1.816   -8.712  1.00 11.80 ? 1365 THR A CG2 1 
ATOM   438  N N   . VAL A 1 75  ? -2.006  -0.688  -6.959  1.00 8.39  ? 1366 VAL A N   1 
ATOM   439  C CA  . VAL A 1 75  ? -0.575  -0.555  -6.626  1.00 8.92  ? 1366 VAL A CA  1 
ATOM   440  C C   . VAL A 1 75  ? 0.193   -1.606  -7.405  1.00 9.52  ? 1366 VAL A C   1 
ATOM   441  O O   . VAL A 1 75  ? 1.224   -1.263  -8.049  1.00 9.00  ? 1366 VAL A O   1 
ATOM   442  C CB  . VAL A 1 75  ? -0.341  -0.697  -5.118  1.00 9.14  ? 1366 VAL A CB  1 
ATOM   443  C CG1 . VAL A 1 75  ? 1.140   -0.775  -4.825  1.00 10.38 ? 1366 VAL A CG1 1 
ATOM   444  C CG2 . VAL A 1 75  ? -0.981  0.446   -4.388  1.00 9.49  ? 1366 VAL A CG2 1 
ATOM   445  N N   . ARG A 1 76  ? -0.256  -2.850  -7.428  1.00 9.22  ? 1367 ARG A N   1 
ATOM   446  C CA  . ARG A 1 76  ? 0.466   -3.914  -8.138  1.00 11.52 ? 1367 ARG A CA  1 
ATOM   447  C C   . ARG A 1 76  ? 0.493   -3.606  -9.627  1.00 10.62 ? 1367 ARG A C   1 
ATOM   448  O O   . ARG A 1 76  ? 1.561   -3.809  -10.267 1.00 11.75 ? 1367 ARG A O   1 
ATOM   449  C CB  . ARG A 1 76  ? -0.208  -5.262  -7.909  1.00 13.59 ? 1367 ARG A CB  1 
ATOM   450  C CG  . ARG A 1 76  ? 0.457   -6.439  -8.609  1.00 16.14 ? 1367 ARG A CG  1 
ATOM   451  C CD  . ARG A 1 76  ? -0.447  -7.617  -8.326  1.00 18.99 ? 1367 ARG A CD  1 
ATOM   452  N NE  . ARG A 1 76  ? 0.030   -8.396  -7.242  1.00 20.08 ? 1367 ARG A NE  1 
ATOM   453  C CZ  . ARG A 1 76  ? -0.627  -9.405  -6.668  1.00 19.43 ? 1367 ARG A CZ  1 
ATOM   454  N NH1 . ARG A 1 76  ? -1.894  -9.620  -6.941  1.00 17.23 ? 1367 ARG A NH1 1 
ATOM   455  N NH2 . ARG A 1 76  ? 0.001   -10.147 -5.785  1.00 21.58 ? 1367 ARG A NH2 1 
ATOM   456  N N   . GLU A 1 77  ? -0.604  -3.144  -10.204 1.00 11.06 ? 1368 GLU A N   1 
ATOM   457  C CA  . GLU A 1 77  ? -0.620  -2.869  -11.651 1.00 11.91 ? 1368 GLU A CA  1 
ATOM   458  C C   . GLU A 1 77  ? 0.317   -1.715  -11.945 1.00 10.70 ? 1368 GLU A C   1 
ATOM   459  O O   . GLU A 1 77  ? 0.966   -1.706  -13.011 1.00 11.07 ? 1368 GLU A O   1 
ATOM   460  C CB  . GLU A 1 77  ? -2.045  -2.573  -12.084 1.00 13.96 ? 1368 GLU A CB  1 
ATOM   461  C CG  . GLU A 1 77  ? -2.916  -3.818  -12.210 1.00 18.38 ? 1368 GLU A CG  1 
ATOM   462  C CD  . GLU A 1 77  ? -4.400  -3.719  -11.869 1.00 25.53 ? 1368 GLU A CD  1 
ATOM   463  O OE1 . GLU A 1 77  ? -4.900  -2.583  -11.751 1.00 28.92 ? 1368 GLU A OE1 1 
ATOM   464  O OE2 . GLU A 1 77  ? -5.055  -4.800  -11.701 1.00 28.20 ? 1368 GLU A OE2 1 
ATOM   465  N N   . THR A 1 78  ? 0.356   -0.699  -11.112 1.00 10.00 ? 1369 THR A N   1 
ATOM   466  C CA  . THR A 1 78  ? 1.248   0.454   -11.321 1.00 10.28 ? 1369 THR A CA  1 
ATOM   467  C C   . THR A 1 78  ? 2.702   -0.015  -11.300 1.00 10.31 ? 1369 THR A C   1 
ATOM   468  O O   . THR A 1 78  ? 3.512   0.364   -12.180 1.00 11.53 ? 1369 THR A O   1 
ATOM   469  C CB  . THR A 1 78  ? 1.022   1.525   -10.246 1.00 10.48 ? 1369 THR A CB  1 
ATOM   470  O OG1 . THR A 1 78  ? -0.361  1.914   -10.316 1.00 10.93 ? 1369 THR A OG1 1 
ATOM   471  C CG2 . THR A 1 78  ? 1.889   2.747   -10.429 1.00 10.60 ? 1369 THR A CG2 1 
ATOM   472  N N   . LEU A 1 79  ? 3.036   -0.864  -10.348 1.00 9.57  ? 1370 LEU A N   1 
ATOM   473  C CA  . LEU A 1 79  ? 4.398   -1.436  -10.241 1.00 10.77 ? 1370 LEU A CA  1 
ATOM   474  C C   . LEU A 1 79  ? 4.709   -2.227  -11.514 1.00 10.06 ? 1370 LEU A C   1 
ATOM   475  O O   . LEU A 1 79  ? 5.792   -2.055  -12.126 1.00 10.72 ? 1370 LEU A O   1 
ATOM   476  C CB  . LEU A 1 79  ? 4.465   -2.334  -9.003  1.00 10.54 ? 1370 LEU A CB  1 
ATOM   477  C CG  . LEU A 1 79  ? 5.846   -2.936  -8.686  1.00 11.75 ? 1370 LEU A CG  1 
ATOM   478  C CD1 . LEU A 1 79  ? 6.848   -1.847  -8.346  1.00 11.99 ? 1370 LEU A CD1 1 
ATOM   479  C CD2 . LEU A 1 79  ? 5.701   -3.914  -7.525  1.00 12.43 ? 1370 LEU A CD2 1 
ATOM   480  N N   . GLU A 1 80  ? 3.810   -3.113  -11.898 1.00 11.59 ? 1371 GLU A N   1 
ATOM   481  C CA  . GLU A 1 80  ? 4.061   -4.060  -13.024 1.00 12.87 ? 1371 GLU A CA  1 
ATOM   482  C C   . GLU A 1 80  ? 4.113   -3.276  -14.334 1.00 12.51 ? 1371 GLU A C   1 
ATOM   483  O O   . GLU A 1 80  ? 4.732   -3.775  -15.283 1.00 14.01 ? 1371 GLU A O   1 
ATOM   484  C CB  . GLU A 1 80  ? 3.028   -5.178  -13.047 1.00 14.03 ? 1371 GLU A CB  1 
ATOM   485  C CG  . GLU A 1 80  ? 3.196   -6.089  -11.824 1.00 16.91 ? 1371 GLU A CG  1 
ATOM   486  C CD  . GLU A 1 80  ? 4.610   -6.628  -11.641 1.00 23.01 ? 1371 GLU A CD  1 
ATOM   487  O OE1 . GLU A 1 80  ? 4.914   -7.639  -12.332 1.00 30.77 ? 1371 GLU A OE1 1 
ATOM   488  O OE2 . GLU A 1 80  ? 5.463   -5.990  -10.933 1.00 23.80 ? 1371 GLU A OE2 1 
ATOM   489  N N   . ALA A 1 81  ? 3.434   -2.167  -14.453 1.00 11.45 ? 1372 ALA A N   1 
ATOM   490  C CA  . ALA A 1 81  ? 3.462   -1.313  -15.659 1.00 12.95 ? 1372 ALA A CA  1 
ATOM   491  C C   . ALA A 1 81  ? 4.778   -0.565  -15.773 1.00 13.41 ? 1372 ALA A C   1 
ATOM   492  O O   . ALA A 1 81  ? 5.021   0.121   -16.777 1.00 13.58 ? 1372 ALA A O   1 
ATOM   493  C CB  . ALA A 1 81  ? 2.319   -0.371  -15.618 1.00 13.00 ? 1372 ALA A CB  1 
ATOM   494  N N   . GLY A 1 82  ? 5.602   -0.610  -14.725 1.00 11.33 ? 1373 GLY A N   1 
ATOM   495  C CA  . GLY A 1 82  ? 6.809   0.230   -14.697 1.00 11.06 ? 1373 GLY A CA  1 
ATOM   496  C C   . GLY A 1 82  ? 6.487   1.675   -14.485 1.00 11.89 ? 1373 GLY A C   1 
ATOM   497  O O   . GLY A 1 82  ? 7.111   2.539   -15.076 1.00 12.14 ? 1373 GLY A O   1 
ATOM   498  N N   . ASN A 1 83  ? 5.523   1.991   -13.621 1.00 10.16 ? 1374 ASN A N   1 
ATOM   499  C CA  . ASN A 1 83  ? 5.095   3.381   -13.392 1.00 11.70 ? 1374 ASN A CA  1 
ATOM   500  C C   . ASN A 1 83  ? 5.380   3.816   -11.947 1.00 10.95 ? 1374 ASN A C   1 
ATOM   501  O O   . ASN A 1 83  ? 4.988   4.878   -11.578 1.00 11.59 ? 1374 ASN A O   1 
ATOM   502  C CB  . ASN A 1 83  ? 3.616   3.541   -13.690 1.00 13.05 ? 1374 ASN A CB  1 
ATOM   503  C CG  . ASN A 1 83  ? 3.300   3.391   -15.154 1.00 14.18 ? 1374 ASN A CG  1 
ATOM   504  O OD1 . ASN A 1 83  ? 4.155   3.332   -16.055 1.00 15.99 ? 1374 ASN A OD1 1 
ATOM   505  N ND2 . ASN A 1 83  ? 2.032   3.451   -15.415 1.00 15.53 ? 1374 ASN A ND2 1 
ATOM   506  N N   . TYR A 1 84  ? 6.189   3.029   -11.252 1.00 11.88 ? 1375 TYR A N   1 
ATOM   507  C CA  . TYR A 1 84  ? 6.853   3.520   -10.028 1.00 11.57 ? 1375 TYR A CA  1 
ATOM   508  C C   . TYR A 1 84  ? 8.345   3.665   -10.349 1.00 11.38 ? 1375 TYR A C   1 
ATOM   509  O O   . TYR A 1 84  ? 8.957   2.756   -10.874 1.00 12.71 ? 1375 TYR A O   1 
ATOM   510  C CB  . TYR A 1 84  ? 6.668   2.603   -8.826  1.00 11.02 ? 1375 TYR A CB  1 
ATOM   511  C CG  . TYR A 1 84  ? 5.279   2.582   -8.239  1.00 9.65  ? 1375 TYR A CG  1 
ATOM   512  C CD1 . TYR A 1 84  ? 4.659   3.753   -7.856  1.00 9.75  ? 1375 TYR A CD1 1 
ATOM   513  C CD2 . TYR A 1 84  ? 4.596   1.404   -8.054  1.00 9.55  ? 1375 TYR A CD2 1 
ATOM   514  C CE1 . TYR A 1 84  ? 3.374   3.747   -7.305  1.00 10.60 ? 1375 TYR A CE1 1 
ATOM   515  C CE2 . TYR A 1 84  ? 3.342   1.367   -7.484  1.00 9.98  ? 1375 TYR A CE2 1 
ATOM   516  C CZ  . TYR A 1 84  ? 2.717   2.537   -7.113  1.00 9.59  ? 1375 TYR A CZ  1 
ATOM   517  O OH  . TYR A 1 84  ? 1.457   2.455   -6.562  1.00 10.85 ? 1375 TYR A OH  1 
ATOM   518  N N   . GLU A 1 85  ? 8.885   4.809   -9.966  1.00 12.44 ? 1376 GLU A N   1 
ATOM   519  C CA  . GLU A 1 85  ? 10.341  5.010   -10.078 1.00 14.84 ? 1376 GLU A CA  1 
ATOM   520  C C   . GLU A 1 85  ? 11.101  4.534   -8.839  1.00 15.11 ? 1376 GLU A C   1 
ATOM   521  O O   . GLU A 1 85  ? 12.314  4.173   -8.970  1.00 17.38 ? 1376 GLU A O   1 
ATOM   522  C CB  . GLU A 1 85  ? 10.622  6.483   -10.288 1.00 15.15 ? 1376 GLU A CB  1 
ATOM   523  C CG  . GLU A 1 85  ? 12.079  6.663   -10.723 1.00 17.15 ? 1376 GLU A CG  1 
ATOM   524  C CD  . GLU A 1 85  ? 12.478  8.091   -10.987 1.00 20.93 ? 1376 GLU A CD  1 
ATOM   525  O OE1 . GLU A 1 85  ? 11.612  8.960   -10.864 1.00 25.84 ? 1376 GLU A OE1 1 
ATOM   526  O OE2 . GLU A 1 85  ? 13.668  8.317   -11.390 1.00 24.58 ? 1376 GLU A OE2 1 
ATOM   527  N N   . SER A 1 86  ? 10.465  4.567   -7.673  1.00 13.64 ? 1377 SER A N   1 
ATOM   528  C CA  . SER A 1 86  ? 11.142  4.258   -6.403  1.00 13.51 ? 1377 SER A CA  1 
ATOM   529  C C   . SER A 1 86  ? 10.159  3.547   -5.509  1.00 11.86 ? 1377 SER A C   1 
ATOM   530  O O   . SER A 1 86  ? 8.926   3.688   -5.665  1.00 12.03 ? 1377 SER A O   1 
ATOM   531  C CB  . SER A 1 86  ? 11.598  5.503   -5.738  1.00 13.13 ? 1377 SER A CB  1 
ATOM   532  O OG  . SER A 1 86  ? 10.486  6.276   -5.326  1.00 14.36 ? 1377 SER A OG  1 
ATOM   533  N N   . PRO A 1 87  ? 10.655  2.869   -4.481  1.00 10.95 ? 1378 PRO A N   1 
ATOM   534  C CA  . PRO A 1 87  ? 9.755   2.266   -3.514  1.00 11.52 ? 1378 PRO A CA  1 
ATOM   535  C C   . PRO A 1 87  ? 9.069   3.343   -2.676  1.00 10.61 ? 1378 PRO A C   1 
ATOM   536  O O   . PRO A 1 87  ? 8.008   3.029   -2.132  1.00 11.05 ? 1378 PRO A O   1 
ATOM   537  C CB  . PRO A 1 87  ? 10.665  1.422   -2.625  1.00 11.28 ? 1378 PRO A CB  1 
ATOM   538  C CG  . PRO A 1 87  ? 12.055  2.049   -2.806  1.00 11.77 ? 1378 PRO A CG  1 
ATOM   539  C CD  . PRO A 1 87  ? 12.068  2.511   -4.239  1.00 11.55 ? 1378 PRO A CD  1 
ATOM   540  N N   . MET A 1 88  ? 9.601   4.553   -2.565  1.00 10.24 ? 1379 MET A N   1 
ATOM   541  C CA  . MET A 1 88  ? 8.925   5.644   -1.829  1.00 11.29 ? 1379 MET A CA  1 
ATOM   542  C C   . MET A 1 88  ? 7.581   5.923   -2.494  1.00 10.70 ? 1379 MET A C   1 
ATOM   543  O O   . MET A 1 88  ? 6.607   6.219   -1.813  1.00 9.89  ? 1379 MET A O   1 
ATOM   544  C CB  . MET A 1 88  ? 9.776   6.919   -1.753  1.00 11.75 ? 1379 MET A CB  1 
ATOM   545  C CG  . MET A 1 88  ? 11.039  6.716   -0.931  1.00 12.77 ? 1379 MET A CG  1 
ATOM   546  S SD  . MET A 1 88  ? 12.426  5.959   -1.804  1.00 15.05 ? 1379 MET A SD  1 
ATOM   547  C CE  . MET A 1 88  ? 12.992  7.421   -2.666  1.00 17.18 ? 1379 MET A CE  1 
ATOM   548  N N   . GLU A 1 89  ? 7.540   5.944   -3.817  1.00 10.04 ? 1380 GLU A N   1 
ATOM   549  C CA  . GLU A 1 89  ? 6.267   6.227   -4.518  1.00 10.46 ? 1380 GLU A CA  1 
ATOM   550  C C   . GLU A 1 89  ? 5.244   5.132   -4.218  1.00 9.43  ? 1380 GLU A C   1 
ATOM   551  O O   . GLU A 1 89  ? 4.056   5.429   -3.992  1.00 9.72  ? 1380 GLU A O   1 
ATOM   552  C CB  . GLU A 1 89  ? 6.502   6.277   -6.012  1.00 11.28 ? 1380 GLU A CB  1 
ATOM   553  C CG  . GLU A 1 89  ? 7.284   7.489   -6.463  1.00 12.54 ? 1380 GLU A CG  1 
ATOM   554  C CD  . GLU A 1 89  ? 7.511   7.498   -7.948  1.00 13.36 ? 1380 GLU A CD  1 
ATOM   555  O OE1 . GLU A 1 89  ? 7.202   6.481   -8.603  1.00 13.62 ? 1380 GLU A OE1 1 
ATOM   556  O OE2 . GLU A 1 89  ? 8.124   8.475   -8.411  1.00 17.04 ? 1380 GLU A OE2 1 
ATOM   557  N N   . LEU A 1 90  ? 5.661   3.876   -4.271  1.00 9.07  ? 1381 LEU A N   1 
ATOM   558  C CA  . LEU A 1 90  ? 4.751   2.760   -3.952  1.00 10.06 ? 1381 LEU A CA  1 
ATOM   559  C C   . LEU A 1 90  ? 4.258   2.906   -2.520  1.00 9.65  ? 1381 LEU A C   1 
ATOM   560  O O   . LEU A 1 90  ? 3.079   2.695   -2.225  1.00 9.83  ? 1381 LEU A O   1 
ATOM   561  C CB  . LEU A 1 90  ? 5.452   1.430   -4.217  1.00 9.69  ? 1381 LEU A CB  1 
ATOM   562  C CG  . LEU A 1 90  ? 4.680   0.165   -3.857  1.00 9.59  ? 1381 LEU A CG  1 
ATOM   563  C CD1 . LEU A 1 90  ? 5.008   -0.965  -4.831  1.00 10.81 ? 1381 LEU A CD1 1 
ATOM   564  C CD2 . LEU A 1 90  ? 4.970   -0.256  -2.402  1.00 10.03 ? 1381 LEU A CD2 1 
ATOM   565  N N   A CYS A 1 91  ? 5.165   3.244   -1.608  0.25 10.01 ? 1382 CYS A N   1 
ATOM   566  N N   B CYS A 1 91  ? 5.152   3.248   -1.596  0.25 10.21 ? 1382 CYS A N   1 
ATOM   567  C CA  A CYS A 1 91  ? 4.832   3.391   -0.172  0.25 10.40 ? 1382 CYS A CA  1 
ATOM   568  C CA  B CYS A 1 91  ? 4.769   3.424   -0.173  0.25 10.66 ? 1382 CYS A CA  1 
ATOM   569  C C   A CYS A 1 91  ? 3.774   4.490   0.011   0.25 10.59 ? 1382 CYS A C   1 
ATOM   570  C C   B CYS A 1 91  ? 3.704   4.495   -0.020  0.25 10.74 ? 1382 CYS A C   1 
ATOM   571  O O   A CYS A 1 91  ? 2.857   4.284   0.804   0.25 10.09 ? 1382 CYS A O   1 
ATOM   572  O O   B CYS A 1 91  ? 2.789   4.321   0.776   0.25 10.17 ? 1382 CYS A O   1 
ATOM   573  C CB  A CYS A 1 91  ? 6.119   3.637   0.611   0.25 10.51 ? 1382 CYS A CB  1 
ATOM   574  C CB  B CYS A 1 91  ? 5.962   3.846   0.662   0.25 11.22 ? 1382 CYS A CB  1 
ATOM   575  S SG  A CYS A 1 91  ? 5.921   3.629   2.413   0.25 11.74 ? 1382 CYS A SG  1 
ATOM   576  S SG  B CYS A 1 91  ? 6.989   2.427   1.070   0.25 12.86 ? 1382 CYS A SG  1 
ATOM   577  N N   . LYS A 1 92  ? 3.874   5.604   -0.720  1.00 10.62 ? 1383 LYS A N   1 
ATOM   578  C CA  . LYS A 1 92  ? 2.878   6.681   -0.650  1.00 11.03 ? 1383 LYS A CA  1 
ATOM   579  C C   . LYS A 1 92  ? 1.502   6.140   -1.053  1.00 10.35 ? 1383 LYS A C   1 
ATOM   580  O O   . LYS A 1 92  ? 0.516   6.415   -0.365  1.00 10.01 ? 1383 LYS A O   1 
ATOM   581  C CB  . LYS A 1 92  ? 3.326   7.820   -1.556  1.00 12.65 ? 1383 LYS A CB  1 
ATOM   582  C CG  . LYS A 1 92  ? 2.430   9.040   -1.507  1.00 15.01 ? 1383 LYS A CG  1 
ATOM   583  C CD  . LYS A 1 92  ? 2.942   10.191  -2.379  1.00 18.65 ? 1383 LYS A CD  1 
ATOM   584  C CE  . LYS A 1 92  ? 1.936   11.338  -2.479  1.00 22.88 ? 1383 LYS A CE  1 
ATOM   585  N NZ  . LYS A 1 92  ? 2.420   12.508  -3.293  1.00 25.12 ? 1383 LYS A NZ  1 
ATOM   586  N N   . ASP A 1 93  ? 1.406   5.358   -2.121  1.00 9.43  ? 1384 ASP A N   1 
ATOM   587  C CA  . ASP A 1 93  ? 0.100   4.834   -2.533  1.00 9.21  ? 1384 ASP A CA  1 
ATOM   588  C C   . ASP A 1 93  ? -0.401  3.812   -1.513  1.00 8.81  ? 1384 ASP A C   1 
ATOM   589  O O   . ASP A 1 93  ? -1.594  3.810   -1.212  1.00 8.84  ? 1384 ASP A O   1 
ATOM   590  C CB  . ASP A 1 93  ? 0.170   4.192   -3.914  1.00 9.44  ? 1384 ASP A CB  1 
ATOM   591  C CG  . ASP A 1 93  ? 0.166   5.193   -5.060  1.00 11.75 ? 1384 ASP A CG  1 
ATOM   592  O OD1 . ASP A 1 93  ? -0.019  6.424   -4.782  1.00 15.39 ? 1384 ASP A OD1 1 
ATOM   593  O OD2 . ASP A 1 93  ? 0.425   4.778   -6.176  1.00 11.81 ? 1384 ASP A OD2 1 
ATOM   594  N N   . VAL A 1 94  ? 0.445   2.947   -0.975  1.00 8.68  ? 1385 VAL A N   1 
ATOM   595  C CA  . VAL A 1 94  ? -0.035  1.955   0.009   1.00 8.22  ? 1385 VAL A CA  1 
ATOM   596  C C   . VAL A 1 94  ? -0.543  2.719   1.236   1.00 8.40  ? 1385 VAL A C   1 
ATOM   597  O O   . VAL A 1 94  ? -1.584  2.378   1.808   1.00 8.11  ? 1385 VAL A O   1 
ATOM   598  C CB  . VAL A 1 94  ? 1.058   0.948   0.368   1.00 8.58  ? 1385 VAL A CB  1 
ATOM   599  C CG1 . VAL A 1 94  ? 0.634   0.123   1.576   1.00 8.80  ? 1385 VAL A CG1 1 
ATOM   600  C CG2 . VAL A 1 94  ? 1.364   0.028   -0.812  1.00 8.50  ? 1385 VAL A CG2 1 
ATOM   601  N N   . ARG A 1 95  ? 0.182   3.755   1.663   1.00 8.30  ? 1386 ARG A N   1 
ATOM   602  C CA  . ARG A 1 95  ? -0.242  4.502   2.851   1.00 8.72  ? 1386 ARG A CA  1 
ATOM   603  C C   . ARG A 1 95  ? -1.577  5.174   2.607   1.00 8.73  ? 1386 ARG A C   1 
ATOM   604  O O   . ARG A 1 95  ? -2.356  5.354   3.547   1.00 8.52  ? 1386 ARG A O   1 
ATOM   605  C CB  . ARG A 1 95  ? 0.872   5.437   3.288   1.00 9.07  ? 1386 ARG A CB  1 
ATOM   606  C CG  . ARG A 1 95  ? 2.020   4.674   3.907   1.00 10.43 ? 1386 ARG A CG  1 
ATOM   607  C CD  . ARG A 1 95  ? 3.219   5.554   4.071   1.00 12.79 ? 1386 ARG A CD  1 
ATOM   608  N NE  . ARG A 1 95  ? 4.268   4.869   4.782   1.00 14.89 ? 1386 ARG A NE  1 
ATOM   609  C CZ  . ARG A 1 95  ? 5.462   5.381   4.997   1.00 19.71 ? 1386 ARG A CZ  1 
ATOM   610  N NH1 . ARG A 1 95  ? 5.823   6.519   4.428   1.00 20.73 ? 1386 ARG A NH1 1 
ATOM   611  N NH2 . ARG A 1 95  ? 6.333   4.688   5.704   1.00 22.72 ? 1386 ARG A NH2 1 
ATOM   612  N N   . LEU A 1 96  ? -1.849  5.548   1.377   1.00 8.37  ? 1387 LEU A N   1 
ATOM   613  C CA  . LEU A 1 96  ? -3.136  6.166   0.975   1.00 8.82  ? 1387 LEU A CA  1 
ATOM   614  C C   . LEU A 1 96  ? -4.255  5.139   1.158   1.00 8.43  ? 1387 LEU A C   1 
ATOM   615  O O   . LEU A 1 96  ? -5.361  5.515   1.573   1.00 8.13  ? 1387 LEU A O   1 
ATOM   616  C CB  . LEU A 1 96  ? -3.032  6.650   -0.463  1.00 9.52  ? 1387 LEU A CB  1 
ATOM   617  C CG  . LEU A 1 96  ? -4.286  7.265   -1.045  1.00 10.20 ? 1387 LEU A CG  1 
ATOM   618  C CD1 . LEU A 1 96  ? -4.758  8.477   -0.283  1.00 10.64 ? 1387 LEU A CD1 1 
ATOM   619  C CD2 . LEU A 1 96  ? -4.062  7.600   -2.498  1.00 10.43 ? 1387 LEU A CD2 1 
ATOM   620  N N   . ILE A 1 97  ? -4.005  3.854   0.882   1.00 8.33  ? 1388 ILE A N   1 
ATOM   621  C CA  . ILE A 1 97  ? -5.061  2.838   1.155   1.00 7.71  ? 1388 ILE A CA  1 
ATOM   622  C C   . ILE A 1 97  ? -5.450  2.969   2.621   1.00 8.19  ? 1388 ILE A C   1 
ATOM   623  O O   . ILE A 1 97  ? -6.631  2.952   2.971   1.00 8.32  ? 1388 ILE A O   1 
ATOM   624  C CB  . ILE A 1 97  ? -4.542  1.439   0.825   1.00 8.60  ? 1388 ILE A CB  1 
ATOM   625  C CG1 . ILE A 1 97  ? -4.176  1.344   -0.654  1.00 8.10  ? 1388 ILE A CG1 1 
ATOM   626  C CG2 . ILE A 1 97  ? -5.549  0.372   1.187   1.00 8.92  ? 1388 ILE A CG2 1 
ATOM   627  C CD1 . ILE A 1 97  ? -3.455  0.061   -1.032  1.00 8.34  ? 1388 ILE A CD1 1 
ATOM   628  N N   . PHE A 1 98  ? -4.447  3.054   3.488   1.00 7.59  ? 1389 PHE A N   1 
ATOM   629  C CA  . PHE A 1 98  ? -4.727  3.028   4.936   1.00 7.96  ? 1389 PHE A CA  1 
ATOM   630  C C   . PHE A 1 98  ? -5.358  4.332   5.393   1.00 8.04  ? 1389 PHE A C   1 
ATOM   631  O O   . PHE A 1 98  ? -6.260  4.311   6.222   1.00 8.08  ? 1389 PHE A O   1 
ATOM   632  C CB  . PHE A 1 98  ? -3.467  2.669   5.712   1.00 8.59  ? 1389 PHE A CB  1 
ATOM   633  C CG  . PHE A 1 98  ? -2.884  1.330   5.308   1.00 9.01  ? 1389 PHE A CG  1 
ATOM   634  C CD1 . PHE A 1 98  ? -3.704  0.228   5.169   1.00 11.29 ? 1389 PHE A CD1 1 
ATOM   635  C CD2 . PHE A 1 98  ? -1.537  1.148   5.057   1.00 10.55 ? 1389 PHE A CD2 1 
ATOM   636  C CE1 . PHE A 1 98  ? -3.195  -1.020  4.831   1.00 12.77 ? 1389 PHE A CE1 1 
ATOM   637  C CE2 . PHE A 1 98  ? -1.046  -0.110  4.686   1.00 11.04 ? 1389 PHE A CE2 1 
ATOM   638  C CZ  . PHE A 1 98  ? -1.882  -1.163  4.596   1.00 12.50 ? 1389 PHE A CZ  1 
ATOM   639  N N   . SER A 1 99  ? -4.854  5.469   4.908   1.00 8.27  ? 1390 SER A N   1 
ATOM   640  C CA  . SER A 1 99  ? -5.470  6.740   5.320   1.00 8.84  ? 1390 SER A CA  1 
ATOM   641  C C   . SER A 1 99  ? -6.888  6.825   4.782   1.00 8.40  ? 1390 SER A C   1 
ATOM   642  O O   . SER A 1 99  ? -7.747  7.387   5.476   1.00 9.06  ? 1390 SER A O   1 
ATOM   643  C CB  . SER A 1 99  ? -4.599  7.911   4.905   1.00 8.64  ? 1390 SER A CB  1 
ATOM   644  O OG  . SER A 1 99  ? -4.458  8.036   3.516   1.00 10.23 ? 1390 SER A OG  1 
ATOM   645  N N   . ASN A 1 100 ? -7.182  6.289   3.610   1.00 8.62  ? 1391 ASN A N   1 
ATOM   646  C CA  . ASN A 1 100 ? -8.560  6.281   3.109   1.00 8.41  ? 1391 ASN A CA  1 
ATOM   647  C C   . ASN A 1 100 ? -9.437  5.489   4.081   1.00 8.17  ? 1391 ASN A C   1 
ATOM   648  O O   . ASN A 1 100 ? -10.585 5.891   4.337   1.00 8.80  ? 1391 ASN A O   1 
ATOM   649  C CB  . ASN A 1 100 ? -8.647  5.715   1.713   1.00 8.57  ? 1391 ASN A CB  1 
ATOM   650  C CG  . ASN A 1 100 ? -8.150  6.662   0.649   1.00 8.54  ? 1391 ASN A CG  1 
ATOM   651  O OD1 . ASN A 1 100 ? -7.958  7.869   0.863   1.00 9.46  ? 1391 ASN A OD1 1 
ATOM   652  N ND2 . ASN A 1 100 ? -7.995  6.140   -0.536  1.00 9.96  ? 1391 ASN A ND2 1 
ATOM   653  N N   . SER A 1 101 ? -8.963  4.355   4.585   1.00 8.39  ? 1392 SER A N   1 
ATOM   654  C CA  . SER A 1 101 ? -9.770  3.547   5.517   1.00 8.81  ? 1392 SER A CA  1 
ATOM   655  C C   . SER A 1 101 ? -10.020 4.337   6.794   1.00 8.05  ? 1392 SER A C   1 
ATOM   656  O O   . SER A 1 101 ? -11.154 4.336   7.298   1.00 8.46  ? 1392 SER A O   1 
ATOM   657  C CB  . SER A 1 101 ? -9.102  2.227   5.745   1.00 8.42  ? 1392 SER A CB  1 
ATOM   658  O OG  . SER A 1 101 ? -9.960  1.371   6.505   1.00 9.25  ? 1392 SER A OG  1 
ATOM   659  N N   . LYS A 1 102 ? -9.003  5.009   7.289   1.00 8.17  ? 1393 LYS A N   1 
ATOM   660  C CA  . LYS A 1 102 ? -9.140  5.807   8.523   1.00 8.88  ? 1393 LYS A CA  1 
ATOM   661  C C   . LYS A 1 102 ? -10.121 6.959   8.298   1.00 8.92  ? 1393 LYS A C   1 
ATOM   662  O O   . LYS A 1 102 ? -10.910 7.274   9.220   1.00 9.55  ? 1393 LYS A O   1 
ATOM   663  C CB  . LYS A 1 102 ? -7.767  6.301   8.938   1.00 9.34  ? 1393 LYS A CB  1 
ATOM   664  C CG  . LYS A 1 102 ? -7.741  6.955   10.314  1.00 10.83 ? 1393 LYS A CG  1 
ATOM   665  C CD  . LYS A 1 102 ? -6.338  7.252   10.752  1.00 12.90 ? 1393 LYS A CD  1 
ATOM   666  C CE  . LYS A 1 102 ? -6.292  7.696   12.195  1.00 13.77 ? 1393 LYS A CE  1 
ATOM   667  N NZ  . LYS A 1 102 ? -4.891  7.770   12.657  1.00 14.91 ? 1393 LYS A NZ  1 
ATOM   668  N N   . ALA A 1 103 ? -10.124 7.566   7.134   1.00 8.64  ? 1394 ALA A N   1 
ATOM   669  C CA  . ALA A 1 103 ? -11.020 8.693   6.816   1.00 8.78  ? 1394 ALA A CA  1 
ATOM   670  C C   . ALA A 1 103 ? -12.425 8.177   6.631   1.00 9.45  ? 1394 ALA A C   1 
ATOM   671  O O   . ALA A 1 103 ? -13.371 8.828   6.987   1.00 10.52 ? 1394 ALA A O   1 
ATOM   672  C CB  . ALA A 1 103 ? -10.490 9.407   5.604   1.00 9.16  ? 1394 ALA A CB  1 
ATOM   673  N N   . TYR A 1 104 ? -12.628 7.006   6.061   1.00 8.87  ? 1395 TYR A N   1 
ATOM   674  C CA  . TYR A 1 104 ? -13.975 6.537   5.726   1.00 9.23  ? 1395 TYR A CA  1 
ATOM   675  C C   . TYR A 1 104 ? -14.639 5.923   6.951   1.00 8.99  ? 1395 TYR A C   1 
ATOM   676  O O   . TYR A 1 104 ? -15.867 5.850   7.020   1.00 9.45  ? 1395 TYR A O   1 
ATOM   677  C CB  . TYR A 1 104 ? -13.992 5.571   4.549   1.00 8.86  ? 1395 TYR A CB  1 
ATOM   678  C CG  . TYR A 1 104 ? -15.373 5.357   4.055   1.00 8.93  ? 1395 TYR A CG  1 
ATOM   679  C CD1 . TYR A 1 104 ? -16.071 6.363   3.420   1.00 9.33  ? 1395 TYR A CD1 1 
ATOM   680  C CD2 . TYR A 1 104 ? -16.038 4.162   4.240   1.00 10.71 ? 1395 TYR A CD2 1 
ATOM   681  C CE1 . TYR A 1 104 ? -17.383 6.204   3.035   1.00 9.49  ? 1395 TYR A CE1 1 
ATOM   682  C CE2 . TYR A 1 104 ? -17.348 3.984   3.875   1.00 10.26 ? 1395 TYR A CE2 1 
ATOM   683  C CZ  . TYR A 1 104 ? -18.015 5.008   3.255   1.00 9.47  ? 1395 TYR A CZ  1 
ATOM   684  O OH  . TYR A 1 104 ? -19.308 4.835   2.880   1.00 12.49 ? 1395 TYR A OH  1 
ATOM   685  N N   . THR A 1 105 ? -13.889 5.361   7.892   1.00 8.84  ? 1396 THR A N   1 
ATOM   686  C CA  . THR A 1 105 ? -14.524 4.559   8.949   1.00 8.35  ? 1396 THR A CA  1 
ATOM   687  C C   . THR A 1 105 ? -15.351 5.448   9.875   1.00 10.37 ? 1396 THR A C   1 
ATOM   688  O O   . THR A 1 105 ? -14.924 6.510   10.341  1.00 10.18 ? 1396 THR A O   1 
ATOM   689  C CB  . THR A 1 105 ? -13.464 3.782   9.714   1.00 8.19  ? 1396 THR A CB  1 
ATOM   690  O OG1 . THR A 1 105 ? -14.173 2.836   10.521  1.00 9.00  ? 1396 THR A OG1 1 
ATOM   691  C CG2 . THR A 1 105 ? -12.535 4.643   10.539  1.00 8.79  ? 1396 THR A CG2 1 
ATOM   692  N N   . PRO A 1 106 ? -16.539 4.971   10.251  1.00 9.54  ? 1397 PRO A N   1 
ATOM   693  C CA  . PRO A 1 106 ? -17.385 5.718   11.186  1.00 10.04 ? 1397 PRO A CA  1 
ATOM   694  C C   . PRO A 1 106 ? -17.042 5.393   12.632  1.00 10.02 ? 1397 PRO A C   1 
ATOM   695  O O   . PRO A 1 106 ? -17.628 5.971   13.544  1.00 10.53 ? 1397 PRO A O   1 
ATOM   696  C CB  . PRO A 1 106 ? -18.775 5.195   10.847  1.00 11.07 ? 1397 PRO A CB  1 
ATOM   697  C CG  . PRO A 1 106 ? -18.551 3.754   10.415  1.00 10.90 ? 1397 PRO A CG  1 
ATOM   698  C CD  . PRO A 1 106 ? -17.200 3.770   9.742   1.00 10.66 ? 1397 PRO A CD  1 
ATOM   699  N N   . SER A 1 107 ? -16.125 4.465   12.858  1.00 9.59  ? 1398 SER A N   1 
ATOM   700  C CA  . SER A 1 107 ? -15.721 4.025   14.182  1.00 9.53  ? 1398 SER A CA  1 
ATOM   701  C C   . SER A 1 107 ? -14.290 3.539   14.125  1.00 9.72  ? 1398 SER A C   1 
ATOM   702  O O   . SER A 1 107 ? -13.914 2.843   13.163  1.00 9.74  ? 1398 SER A O   1 
ATOM   703  C CB  . SER A 1 107 ? -16.590 2.901   14.662  1.00 10.05 ? 1398 SER A CB  1 
ATOM   704  O OG  . SER A 1 107 ? -16.093 2.463   15.891  1.00 11.39 ? 1398 SER A OG  1 
ATOM   705  N N   . LYS A 1 108 ? -13.511 3.779   15.167  1.00 9.97  ? 1399 LYS A N   1 
ATOM   706  C CA  . LYS A 1 108 ? -12.149 3.252   15.210  1.00 11.18 ? 1399 LYS A CA  1 
ATOM   707  C C   . LYS A 1 108 ? -12.158 1.775   15.537  1.00 11.24 ? 1399 LYS A C   1 
ATOM   708  O O   . LYS A 1 108 ? -11.097 1.149   15.476  1.00 12.32 ? 1399 LYS A O   1 
ATOM   709  C CB  . LYS A 1 108 ? -11.294 4.071   16.165  1.00 13.90 ? 1399 LYS A CB  1 
ATOM   710  C CG  . LYS A 1 108 ? -10.882 5.366   15.440  1.00 15.96 ? 1399 LYS A CG  1 
ATOM   711  C CD  . LYS A 1 108 ? -10.042 6.319   16.179  1.00 18.58 ? 1399 LYS A CD  1 
ATOM   712  C CE  . LYS A 1 108 ? -9.770  7.563   15.386  1.00 17.57 ? 1399 LYS A CE  1 
ATOM   713  N NZ  . LYS A 1 108 ? -8.608  8.256   15.984  1.00 21.73 ? 1399 LYS A NZ  1 
ATOM   714  N N   . ARG A 1 109 ? -13.323 1.208   15.832  0.57 10.14 ? 1400 ARG A N   1 
ATOM   715  C CA  . ARG A 1 109 ? -13.449 -0.243  16.121  0.57 10.60 ? 1400 ARG A CA  1 
ATOM   716  C C   . ARG A 1 109 ? -14.270 -0.906  15.010  0.57 9.28  ? 1400 ARG A C   1 
ATOM   717  O O   . ARG A 1 109 ? -14.897 -1.958  15.219  0.57 9.11  ? 1400 ARG A O   1 
ATOM   718  C CB  . ARG A 1 109 ? -14.045 -0.410  17.520  0.57 11.77 ? 1400 ARG A CB  1 
ATOM   719  C CG  . ARG A 1 109 ? -13.135 0.054   18.650  0.57 13.69 ? 1400 ARG A CG  1 
ATOM   720  C CD  . ARG A 1 109 ? -13.829 0.020   20.004  0.57 15.33 ? 1400 ARG A CD  1 
ATOM   721  N NE  . ARG A 1 109 ? -14.205 -1.327  20.421  0.57 17.94 ? 1400 ARG A NE  1 
ATOM   722  C CZ  . ARG A 1 109 ? -15.433 -1.723  20.776  0.57 18.91 ? 1400 ARG A CZ  1 
ATOM   723  N NH1 . ARG A 1 109 ? -16.447 -0.871  20.793  0.57 20.22 ? 1400 ARG A NH1 1 
ATOM   724  N NH2 . ARG A 1 109 ? -15.633 -2.976  21.142  0.57 19.50 ? 1400 ARG A NH2 1 
ATOM   725  N N   . SER A 1 110 ? -14.253 -0.361  13.804  0.57 8.11  ? 1401 SER A N   1 
ATOM   726  C CA  . SER A 1 110 ? -14.915 -1.068  12.695  0.57 7.69  ? 1401 SER A CA  1 
ATOM   727  C C   . SER A 1 110 ? -14.048 -2.261  12.269  0.57 7.57  ? 1401 SER A C   1 
ATOM   728  O O   . SER A 1 110 ? -12.812 -2.257  12.389  0.57 7.49  ? 1401 SER A O   1 
ATOM   729  C CB  . SER A 1 110 ? -15.208 -0.149  11.557  0.57 7.39  ? 1401 SER A CB  1 
ATOM   730  O OG  . SER A 1 110 ? -14.012 0.044   10.799  0.57 6.87  ? 1401 SER A OG  1 
ATOM   731  N N   . ARG A 1 111 ? -14.701 -3.282  11.734  0.57 7.75  ? 1402 ARG A N   1 
ATOM   732  C CA  . ARG A 1 111 ? -13.997 -4.460  11.207  0.57 8.32  ? 1402 ARG A CA  1 
ATOM   733  C C   . ARG A 1 111 ? -12.957 -4.015  10.175  0.57 8.43  ? 1402 ARG A C   1 
ATOM   734  O O   . ARG A 1 111 ? -11.803 -4.423  10.235  0.57 8.30  ? 1402 ARG A O   1 
ATOM   735  C CB  . ARG A 1 111 ? -15.013 -5.383  10.546  0.57 8.47  ? 1402 ARG A CB  1 
ATOM   736  C CG  . ARG A 1 111 ? -14.364 -6.604  9.931   0.57 8.69  ? 1402 ARG A CG  1 
ATOM   737  C CD  . ARG A 1 111 ? -13.999 -7.609  11.000  0.57 9.19  ? 1402 ARG A CD  1 
ATOM   738  N NE  . ARG A 1 111 ? -13.048 -8.574  10.500  0.57 10.18 ? 1402 ARG A NE  1 
ATOM   739  C CZ  . ARG A 1 111 ? -13.332 -9.672  9.825   0.57 10.50 ? 1402 ARG A CZ  1 
ATOM   740  N NH1 . ARG A 1 111 ? -14.581 -10.007 9.566   0.57 11.19 ? 1402 ARG A NH1 1 
ATOM   741  N NH2 . ARG A 1 111 ? -12.341 -10.439 9.401   0.57 11.36 ? 1402 ARG A NH2 1 
ATOM   742  N N   . ILE A 1 112 ? -13.386 -3.250  9.185   1.00 8.57  ? 1403 ILE A N   1 
ATOM   743  C CA  . ILE A 1 112 ? -12.483 -2.984  8.037   1.00 8.27  ? 1403 ILE A CA  1 
ATOM   744  C C   . ILE A 1 112 ? -11.342 -2.081  8.493   1.00 8.97  ? 1403 ILE A C   1 
ATOM   745  O O   . ILE A 1 112 ? -10.168 -2.326  8.134   1.00 8.78  ? 1403 ILE A O   1 
ATOM   746  C CB  . ILE A 1 112 ? -13.284 -2.472  6.844   1.00 8.69  ? 1403 ILE A CB  1 
ATOM   747  C CG1 . ILE A 1 112 ? -14.188 -3.580  6.337   1.00 9.11  ? 1403 ILE A CG1 1 
ATOM   748  C CG2 . ILE A 1 112 ? -12.353 -1.967  5.769   1.00 9.45  ? 1403 ILE A CG2 1 
ATOM   749  C CD1 . ILE A 1 112 ? -15.227 -3.126  5.369   1.00 9.66  ? 1403 ILE A CD1 1 
ATOM   750  N N   . TYR A 1 113 ? -11.611 -1.039  9.278   1.00 8.08  ? 1404 TYR A N   1 
ATOM   751  C CA  . TYR A 1 113 ? -10.513 -0.210  9.781   1.00 8.15  ? 1404 TYR A CA  1 
ATOM   752  C C   . TYR A 1 113 ? -9.556  -1.005  10.648  1.00 8.94  ? 1404 TYR A C   1 
ATOM   753  O O   . TYR A 1 113 ? -8.346  -0.832  10.566  1.00 9.06  ? 1404 TYR A O   1 
ATOM   754  C CB  . TYR A 1 113 ? -11.077 1.000   10.505  1.00 9.01  ? 1404 TYR A CB  1 
ATOM   755  C CG  . TYR A 1 113 ? -10.002 1.846   11.119  1.00 8.50  ? 1404 TYR A CG  1 
ATOM   756  C CD1 . TYR A 1 113 ? -9.105  2.539   10.332  1.00 9.89  ? 1404 TYR A CD1 1 
ATOM   757  C CD2 . TYR A 1 113 ? -9.925  1.993   12.482  1.00 9.39  ? 1404 TYR A CD2 1 
ATOM   758  C CE1 . TYR A 1 113 ? -8.143  3.360   10.909  1.00 9.45  ? 1404 TYR A CE1 1 
ATOM   759  C CE2 . TYR A 1 113 ? -8.969  2.807   13.065  1.00 11.17 ? 1404 TYR A CE2 1 
ATOM   760  C CZ  . TYR A 1 113 ? -8.111  3.534   12.274  1.00 10.46 ? 1404 TYR A CZ  1 
ATOM   761  O OH  . TYR A 1 113 ? -7.133  4.320   12.865  1.00 12.93 ? 1404 TYR A OH  1 
ATOM   762  N N   A SER A 1 114 ? -10.086 -1.869  11.513  0.27 9.74  ? 1405 SER A N   1 
ATOM   763  N N   B SER A 1 114 ? -10.074 -1.867  11.517  0.30 8.91  ? 1405 SER A N   1 
ATOM   764  C CA  A SER A 1 114 ? -9.234  -2.702  12.400  0.27 10.71 ? 1405 SER A CA  1 
ATOM   765  C CA  B SER A 1 114 ? -9.198  -2.690  12.387  0.30 9.27  ? 1405 SER A CA  1 
ATOM   766  C C   A SER A 1 114 ? -8.297  -3.558  11.534  0.27 10.62 ? 1405 SER A C   1 
ATOM   767  C C   B SER A 1 114 ? -8.279  -3.551  11.509  0.30 9.59  ? 1405 SER A C   1 
ATOM   768  O O   A SER A 1 114 ? -7.127  -3.709  11.891  0.27 11.15 ? 1405 SER A O   1 
ATOM   769  O O   B SER A 1 114 ? -7.107  -3.709  11.836  0.30 10.02 ? 1405 SER A O   1 
ATOM   770  C CB  A SER A 1 114 ? -10.060 -3.536  13.348  0.27 11.47 ? 1405 SER A CB  1 
ATOM   771  C CB  B SER A 1 114 ? -10.012 -3.515  13.336  0.30 9.20  ? 1405 SER A CB  1 
ATOM   772  O OG  A SER A 1 114 ? -10.566 -4.702  12.707  0.27 13.59 ? 1405 SER A OG  1 
ATOM   773  O OG  B SER A 1 114 ? -10.805 -2.684  14.160  0.30 9.04  ? 1405 SER A OG  1 
ATOM   774  N N   . MET A 1 115 ? -8.791  -4.091  10.419  0.57 10.80 ? 1406 MET A N   1 
ATOM   775  C CA  . MET A 1 115 ? -7.988  -4.878  9.450   0.57 11.59 ? 1406 MET A CA  1 
ATOM   776  C C   . MET A 1 115 ? -6.909  -3.982  8.843   0.57 10.59 ? 1406 MET A C   1 
ATOM   777  O O   . MET A 1 115 ? -5.773  -4.440  8.624   0.57 10.76 ? 1406 MET A O   1 
ATOM   778  C CB  . MET A 1 115 ? -8.868  -5.400  8.320   0.57 12.97 ? 1406 MET A CB  1 
ATOM   779  C CG  . MET A 1 115 ? -9.754  -6.541  8.694   0.57 14.54 ? 1406 MET A CG  1 
ATOM   780  S SD  . MET A 1 115 ? -10.241 -7.343  7.166   0.57 16.70 ? 1406 MET A SD  1 
ATOM   781  C CE  . MET A 1 115 ? -12.001 -7.443  7.432   0.57 17.76 ? 1406 MET A CE  1 
ATOM   782  N N   . SER A 1 116 ? -7.278  -2.754  8.509   1.00 9.44  ? 1407 SER A N   1 
ATOM   783  C CA  . SER A 1 116 ? -6.304  -1.809  7.929   1.00 9.00  ? 1407 SER A CA  1 
ATOM   784  C C   . SER A 1 116 ? -5.144  -1.581  8.892   1.00 8.60  ? 1407 SER A C   1 
ATOM   785  O O   . SER A 1 116 ? -4.017  -1.483  8.431   1.00 9.71  ? 1407 SER A O   1 
ATOM   786  C CB  . SER A 1 116 ? -6.950  -0.526  7.555   1.00 9.46  ? 1407 SER A CB  1 
ATOM   787  O OG  . SER A 1 116 ? -7.077  0.408   8.603   1.00 9.36  ? 1407 SER A OG  1 
ATOM   788  N N   . LEU A 1 117 ? -5.400  -1.462  10.186  1.00 8.72  ? 1408 LEU A N   1 
ATOM   789  C CA  . LEU A 1 117 ? -4.304  -1.150  11.112  1.00 9.27  ? 1408 LEU A CA  1 
ATOM   790  C C   . LEU A 1 117 ? -3.326  -2.314  11.188  1.00 9.32  ? 1408 LEU A C   1 
ATOM   791  O O   . LEU A 1 117 ? -2.110  -2.080  11.293  1.00 9.58  ? 1408 LEU A O   1 
ATOM   792  C CB  . LEU A 1 117 ? -4.859  -0.795  12.483  1.00 9.62  ? 1408 LEU A CB  1 
ATOM   793  C CG  . LEU A 1 117 ? -5.639  0.504   12.540  1.00 10.71 ? 1408 LEU A CG  1 
ATOM   794  C CD1 . LEU A 1 117 ? -6.090  0.748   13.951  1.00 12.88 ? 1408 LEU A CD1 1 
ATOM   795  C CD2 . LEU A 1 117 ? -4.831  1.685   12.026  1.00 11.69 ? 1408 LEU A CD2 1 
ATOM   796  N N   . ARG A 1 118 ? -3.840  -3.539  11.213  1.00 9.59  ? 1409 ARG A N   1 
ATOM   797  C CA  . ARG A 1 118 ? -2.936  -4.719  11.284  1.00 8.72  ? 1409 ARG A CA  1 
ATOM   798  C C   . ARG A 1 118 ? -2.136  -4.836  10.002  1.00 9.42  ? 1409 ARG A C   1 
ATOM   799  O O   . ARG A 1 118 ? -0.902  -5.057  10.031  1.00 9.77  ? 1409 ARG A O   1 
ATOM   800  C CB  . ARG A 1 118 ? -3.718  -6.001  11.533  1.00 9.38  ? 1409 ARG A CB  1 
ATOM   801  C CG  . ARG A 1 118 ? -4.350  -6.112  12.910  1.00 9.80  ? 1409 ARG A CG  1 
ATOM   802  C CD  . ARG A 1 118 ? -4.871  -7.530  13.159  1.00 10.72 ? 1409 ARG A CD  1 
ATOM   803  N NE  . ARG A 1 118 ? -5.940  -7.849  12.260  1.00 11.01 ? 1409 ARG A NE  1 
ATOM   804  C CZ  . ARG A 1 118 ? -7.235  -7.729  12.493  1.00 12.95 ? 1409 ARG A CZ  1 
ATOM   805  N NH1 . ARG A 1 118 ? -7.642  -7.231  13.632  1.00 14.24 ? 1409 ARG A NH1 1 
ATOM   806  N NH2 . ARG A 1 118 ? -8.126  -8.015  11.538  1.00 12.73 ? 1409 ARG A NH2 1 
ATOM   807  N N   . LEU A 1 119 ? -2.809  -4.616  8.895   1.00 8.69  ? 1410 LEU A N   1 
ATOM   808  C CA  . LEU A 1 119 ? -2.122  -4.711  7.616   1.00 8.88  ? 1410 LEU A CA  1 
ATOM   809  C C   . LEU A 1 119 ? -1.090  -3.627  7.465   1.00 9.12  ? 1410 LEU A C   1 
ATOM   810  O O   . LEU A 1 119 ? 0.008   -3.881  6.906   1.00 9.16  ? 1410 LEU A O   1 
ATOM   811  C CB  . LEU A 1 119 ? -3.146  -4.708  6.504   1.00 9.96  ? 1410 LEU A CB  1 
ATOM   812  C CG  . LEU A 1 119 ? -2.608  -5.146  5.147   1.00 10.57 ? 1410 LEU A CG  1 
ATOM   813  C CD1 . LEU A 1 119 ? -2.211  -6.624  5.137   1.00 12.71 ? 1410 LEU A CD1 1 
ATOM   814  C CD2 . LEU A 1 119 ? -3.655  -4.897  4.095   1.00 10.88 ? 1410 LEU A CD2 1 
ATOM   815  N N   . SER A 1 120 ? -1.395  -2.450  7.943   1.00 8.75  ? 1411 SER A N   1 
ATOM   816  C CA  . SER A 1 120 ? -0.427  -1.342  7.947   1.00 9.86  ? 1411 SER A CA  1 
ATOM   817  C C   . SER A 1 120 ? 0.808   -1.711  8.758   1.00 9.87  ? 1411 SER A C   1 
ATOM   818  O O   . SER A 1 120 ? 1.918   -1.446  8.305   1.00 10.05 ? 1411 SER A O   1 
ATOM   819  C CB  . SER A 1 120 ? -1.062  -0.085  8.449   1.00 10.40 ? 1411 SER A CB  1 
ATOM   820  O OG  . SER A 1 120 ? -0.132  0.976   8.562   1.00 10.74 ? 1411 SER A OG  1 
ATOM   821  N N   . ALA A 1 121 ? 0.623   -2.271  9.950   1.00 9.59  ? 1412 ALA A N   1 
ATOM   822  C CA  . ALA A 1 121 ? 1.791   -2.674  10.764  1.00 10.74 ? 1412 ALA A CA  1 
ATOM   823  C C   . ALA A 1 121 ? 2.630   -3.676  10.001  1.00 10.37 ? 1412 ALA A C   1 
ATOM   824  O O   . ALA A 1 121 ? 3.872   -3.576  10.027  1.00 11.83 ? 1412 ALA A O   1 
ATOM   825  C CB  . ALA A 1 121 ? 1.357   -3.244  12.088  1.00 11.32 ? 1412 ALA A CB  1 
ATOM   826  N N   . PHE A 1 122 ? 1.974   -4.640  9.391   1.00 9.89  ? 1413 PHE A N   1 
ATOM   827  C CA  . PHE A 1 122 ? 2.648   -5.679  8.596   1.00 11.16 ? 1413 PHE A CA  1 
ATOM   828  C C   . PHE A 1 122 ? 3.440   -4.999  7.470   1.00 12.06 ? 1413 PHE A C   1 
ATOM   829  O O   . PHE A 1 122 ? 4.644   -5.324  7.243   1.00 12.46 ? 1413 PHE A O   1 
ATOM   830  C CB  . PHE A 1 122 ? 1.631   -6.699  8.109   1.00 12.04 ? 1413 PHE A CB  1 
ATOM   831  C CG  . PHE A 1 122 ? 2.207   -7.794  7.243   1.00 13.87 ? 1413 PHE A CG  1 
ATOM   832  C CD1 . PHE A 1 122 ? 2.862   -8.881  7.809   1.00 18.47 ? 1413 PHE A CD1 1 
ATOM   833  C CD2 . PHE A 1 122 ? 2.147   -7.722  5.862   1.00 14.70 ? 1413 PHE A CD2 1 
ATOM   834  C CE1 . PHE A 1 122 ? 3.360   -9.904  7.018   1.00 19.31 ? 1413 PHE A CE1 1 
ATOM   835  C CE2 . PHE A 1 122 ? 2.692   -8.718  5.066   1.00 16.29 ? 1413 PHE A CE2 1 
ATOM   836  C CZ  . PHE A 1 122 ? 3.292   -9.818  5.645   1.00 17.89 ? 1413 PHE A CZ  1 
ATOM   837  N N   . PHE A 1 123 ? 2.780   -4.108  6.721   1.00 10.51 ? 1414 PHE A N   1 
ATOM   838  C CA  . PHE A 1 123 ? 3.413   -3.471  5.570   1.00 10.29 ? 1414 PHE A CA  1 
ATOM   839  C C   . PHE A 1 123 ? 4.613   -2.675  6.060   1.00 10.16 ? 1414 PHE A C   1 
ATOM   840  O O   . PHE A 1 123 ? 5.691   -2.788  5.414   1.00 11.16 ? 1414 PHE A O   1 
ATOM   841  C CB  . PHE A 1 123 ? 2.409   -2.575  4.870   1.00 10.15 ? 1414 PHE A CB  1 
ATOM   842  C CG  . PHE A 1 123 ? 3.048   -1.711  3.801   1.00 10.31 ? 1414 PHE A CG  1 
ATOM   843  C CD1 . PHE A 1 123 ? 3.394   -2.285  2.587   1.00 10.69 ? 1414 PHE A CD1 1 
ATOM   844  C CD2 . PHE A 1 123 ? 3.343   -0.374  4.046   1.00 10.64 ? 1414 PHE A CD2 1 
ATOM   845  C CE1 . PHE A 1 123 ? 4.040   -1.514  1.633   1.00 10.67 ? 1414 PHE A CE1 1 
ATOM   846  C CE2 . PHE A 1 123 ? 3.937   0.394   3.055   1.00 11.14 ? 1414 PHE A CE2 1 
ATOM   847  C CZ  . PHE A 1 123 ? 4.311   -0.209  1.885   1.00 11.02 ? 1414 PHE A CZ  1 
ATOM   848  N N   . GLU A 1 124 ? 4.476   -1.852  7.080   1.00 11.09 ? 1415 GLU A N   1 
ATOM   849  C CA  . GLU A 1 124 ? 5.567   -0.990  7.561   1.00 12.50 ? 1415 GLU A CA  1 
ATOM   850  C C   . GLU A 1 124 ? 6.745   -1.850  8.031   1.00 13.37 ? 1415 GLU A C   1 
ATOM   851  O O   . GLU A 1 124 ? 7.894   -1.521  7.687   1.00 16.17 ? 1415 GLU A O   1 
ATOM   852  C CB  . GLU A 1 124 ? 5.064   -0.044  8.636   1.00 13.78 ? 1415 GLU A CB  1 
ATOM   853  C CG  . GLU A 1 124 ? 4.071   0.981   8.093   1.00 14.12 ? 1415 GLU A CG  1 
ATOM   854  C CD  . GLU A 1 124 ? 4.580   1.975   7.048   1.00 15.29 ? 1415 GLU A CD  1 
ATOM   855  O OE1 . GLU A 1 124 ? 5.815   2.216   7.026   1.00 18.34 ? 1415 GLU A OE1 1 
ATOM   856  O OE2 . GLU A 1 124 ? 3.785   2.492   6.255   1.00 14.19 ? 1415 GLU A OE2 1 
ATOM   857  N N   . GLU A 1 125 ? 6.465   -2.965  8.686   1.00 13.56 ? 1416 GLU A N   1 
ATOM   858  C CA  . GLU A 1 125 ? 7.496   -3.915  9.206   1.00 16.49 ? 1416 GLU A CA  1 
ATOM   859  C C   . GLU A 1 125 ? 8.318   -4.399  8.026   1.00 15.79 ? 1416 GLU A C   1 
ATOM   860  O O   . GLU A 1 125 ? 9.549   -4.426  8.131   1.00 17.24 ? 1416 GLU A O   1 
ATOM   861  C CB  . GLU A 1 125 ? 6.774   -5.075  9.897   1.00 16.33 ? 1416 GLU A CB  1 
ATOM   862  C CG  . GLU A 1 125 ? 7.587   -6.215  10.518  1.00 21.72 ? 1416 GLU A CG  1 
ATOM   863  C CD  . GLU A 1 125 ? 6.598   -7.143  11.223  1.00 23.38 ? 1416 GLU A CD  1 
ATOM   864  O OE1 . GLU A 1 125 ? 6.021   -6.612  12.219  1.00 22.54 ? 1416 GLU A OE1 1 
ATOM   865  O OE2 . GLU A 1 125 ? 6.219   -8.304  10.683  1.00 23.85 ? 1416 GLU A OE2 1 
ATOM   866  N N   . HIS A 1 126 ? 7.677   -4.681  6.905   1.00 14.75 ? 1417 HIS A N   1 
ATOM   867  C CA  . HIS A 1 126 ? 8.289   -5.326  5.723   1.00 15.91 ? 1417 HIS A CA  1 
ATOM   868  C C   . HIS A 1 126 ? 8.891   -4.265  4.790   1.00 15.69 ? 1417 HIS A C   1 
ATOM   869  O O   . HIS A 1 126 ? 9.969   -4.575  4.193   1.00 17.68 ? 1417 HIS A O   1 
ATOM   870  C CB  . HIS A 1 126 ? 7.290   -6.283  5.070   1.00 17.46 ? 1417 HIS A CB  1 
ATOM   871  C CG  . HIS A 1 126 ? 7.072   -7.549  5.840   1.00 21.84 ? 1417 HIS A CG  1 
ATOM   872  N ND1 . HIS A 1 126 ? 6.360   -7.605  7.034   1.00 22.78 ? 1417 HIS A ND1 1 
ATOM   873  C CD2 . HIS A 1 126 ? 7.442   -8.817  5.562   1.00 21.88 ? 1417 HIS A CD2 1 
ATOM   874  C CE1 . HIS A 1 126 ? 6.363   -8.854  7.473   1.00 25.62 ? 1417 HIS A CE1 1 
ATOM   875  N NE2 . HIS A 1 126 ? 7.009   -9.616  6.579   1.00 27.85 ? 1417 HIS A NE2 1 
ATOM   876  N N   . ILE A 1 127 ? 8.340   -3.054  4.698   1.00 14.97 ? 1418 ILE A N   1 
ATOM   877  C CA  . ILE A 1 127 ? 8.838   -2.072  3.691   1.00 13.95 ? 1418 ILE A CA  1 
ATOM   878  C C   . ILE A 1 127 ? 10.087  -1.335  4.177   1.00 15.74 ? 1418 ILE A C   1 
ATOM   879  O O   . ILE A 1 127 ? 10.846  -0.815  3.362   1.00 14.67 ? 1418 ILE A O   1 
ATOM   880  C CB  . ILE A 1 127 ? 7.732   -1.067  3.303   1.00 13.59 ? 1418 ILE A CB  1 
ATOM   881  C CG1 . ILE A 1 127 ? 8.006   -0.506  1.897   1.00 16.15 ? 1418 ILE A CG1 1 
ATOM   882  C CG2 . ILE A 1 127 ? 7.571   0.022   4.325   1.00 14.31 ? 1418 ILE A CG2 1 
ATOM   883  C CD1 . ILE A 1 127 ? 8.047   -1.526  0.800   1.00 17.00 ? 1418 ILE A CD1 1 
ATOM   884  N N   A SER A 1 128 ? 10.294  -1.307  5.494   0.25 15.11 ? 1419 SER A N   1 
ATOM   885  N N   B SER A 1 128 ? 10.317  -1.302  5.488   0.25 15.41 ? 1419 SER A N   1 
ATOM   886  C CA  A SER A 1 128 ? 11.419  -0.617  6.176   0.25 15.01 ? 1419 SER A CA  1 
ATOM   887  C CA  B SER A 1 128 ? 11.431  -0.534  6.099   0.25 15.48 ? 1419 SER A CA  1 
ATOM   888  C C   A SER A 1 128 ? 12.764  -0.944  5.506   0.25 14.38 ? 1419 SER A C   1 
ATOM   889  C C   B SER A 1 128 ? 12.785  -0.933  5.482   0.25 14.60 ? 1419 SER A C   1 
ATOM   890  O O   A SER A 1 128 ? 13.505  0.014   5.171   0.25 14.74 ? 1419 SER A O   1 
ATOM   891  O O   B SER A 1 128 ? 13.562  -0.006  5.148   0.25 15.01 ? 1419 SER A O   1 
ATOM   892  C CB  A SER A 1 128 ? 11.439  -0.962  7.647   0.25 15.33 ? 1419 SER A CB  1 
ATOM   893  C CB  B SER A 1 128 ? 11.447  -0.667  7.598   0.25 16.09 ? 1419 SER A CB  1 
ATOM   894  O OG  A SER A 1 128 ? 11.513  -2.365  7.832   0.25 16.75 ? 1419 SER A OG  1 
ATOM   895  O OG  B SER A 1 128 ? 12.494  0.123   8.138   0.25 18.26 ? 1419 SER A OG  1 
ATOM   896  N N   . SER A 1 129 ? 13.053  -2.230  5.317   1.00 13.49 ? 1420 SER A N   1 
ATOM   897  C CA  . SER A 1 129 ? 14.369  -2.691  4.763   1.00 16.11 ? 1420 SER A CA  1 
ATOM   898  C C   . SER A 1 129 ? 14.422  -2.402  3.265   1.00 14.59 ? 1420 SER A C   1 
ATOM   899  O O   . SER A 1 129 ? 15.513  -2.078  2.734   1.00 16.34 ? 1420 SER A O   1 
ATOM   900  C CB  . SER A 1 129 ? 14.652  -4.125  5.041   1.00 17.46 ? 1420 SER A CB  1 
ATOM   901  O OG  . SER A 1 129 ? 13.731  -5.009  4.428   1.00 21.94 ? 1420 SER A OG  1 
ATOM   902  N N   . VAL A 1 130 ? 13.274  -2.427  2.591   1.00 14.20 ? 1421 VAL A N   1 
ATOM   903  C CA  . VAL A 1 130 ? 13.214  -2.121  1.127   1.00 13.33 ? 1421 VAL A CA  1 
ATOM   904  C C   . VAL A 1 130 ? 13.590  -0.668  0.911   1.00 13.45 ? 1421 VAL A C   1 
ATOM   905  O O   . VAL A 1 130 ? 14.411  -0.386  0.009   1.00 14.33 ? 1421 VAL A O   1 
ATOM   906  C CB  . VAL A 1 130 ? 11.819  -2.401  0.563   1.00 14.14 ? 1421 VAL A CB  1 
ATOM   907  C CG1 . VAL A 1 130 ? 11.769  -2.023  -0.925  1.00 13.54 ? 1421 VAL A CG1 1 
ATOM   908  C CG2 . VAL A 1 130 ? 11.441  -3.827  0.746   1.00 13.53 ? 1421 VAL A CG2 1 
ATOM   909  N N   . LEU A 1 131 ? 13.045  0.247   1.679   1.00 12.99 ? 1422 LEU A N   1 
ATOM   910  C CA  . LEU A 1 131 ? 13.344  1.665   1.578   1.00 13.23 ? 1422 LEU A CA  1 
ATOM   911  C C   . LEU A 1 131 ? 14.797  1.927   1.969   1.00 14.29 ? 1422 LEU A C   1 
ATOM   912  O O   . LEU A 1 131 ? 15.465  2.608   1.224   1.00 13.82 ? 1422 LEU A O   1 
ATOM   913  C CB  . LEU A 1 131 ? 12.425  2.465   2.502   1.00 13.45 ? 1422 LEU A CB  1 
ATOM   914  C CG  . LEU A 1 131 ? 10.949  2.405   2.121   1.00 13.73 ? 1422 LEU A CG  1 
ATOM   915  C CD1 . LEU A 1 131 ? 10.052  2.899   3.230   1.00 14.41 ? 1422 LEU A CD1 1 
ATOM   916  C CD2 . LEU A 1 131 ? 10.679  3.200   0.857   1.00 15.47 ? 1422 LEU A CD2 1 
ATOM   917  N N   . SER A 1 132 ? 15.242  1.356   3.079   1.00 14.72 ? 1423 SER A N   1 
ATOM   918  C CA  . SER A 1 132 ? 16.635  1.551   3.538   1.00 14.32 ? 1423 SER A CA  1 
ATOM   919  C C   . SER A 1 132 ? 17.607  1.062   2.452   1.00 14.24 ? 1423 SER A C   1 
ATOM   920  O O   . SER A 1 132 ? 18.625  1.755   2.198   1.00 15.54 ? 1423 SER A O   1 
ATOM   921  C CB  . SER A 1 132 ? 16.851  0.815   4.859   1.00 15.03 ? 1423 SER A CB  1 
ATOM   922  O OG  . SER A 1 132 ? 16.090  1.429   5.888   1.00 19.42 ? 1423 SER A OG  1 
ATOM   923  N N   . ASP A 1 133 ? 17.404  -0.141  1.947   1.00 13.02 ? 1424 ASP A N   1 
ATOM   924  C CA  . ASP A 1 133 ? 18.344  -0.721  0.949   1.00 13.83 ? 1424 ASP A CA  1 
ATOM   925  C C   . ASP A 1 133 ? 18.353  0.170   -0.289  1.00 13.59 ? 1424 ASP A C   1 
ATOM   926  O O   . ASP A 1 133 ? 19.434  0.453   -0.846  1.00 13.55 ? 1424 ASP A O   1 
ATOM   927  C CB  . ASP A 1 133 ? 18.008  -2.140  0.529   1.00 15.67 ? 1424 ASP A CB  1 
ATOM   928  C CG  . ASP A 1 133 ? 18.324  -3.190  1.565   1.00 18.95 ? 1424 ASP A CG  1 
ATOM   929  O OD1 . ASP A 1 133 ? 18.857  -2.822  2.643   1.00 21.80 ? 1424 ASP A OD1 1 
ATOM   930  O OD2 . ASP A 1 133 ? 18.050  -4.360  1.276   1.00 21.72 ? 1424 ASP A OD2 1 
ATOM   931  N N   . TYR A 1 134 ? 17.191  0.573   -0.788  1.00 13.88 ? 1425 TYR A N   1 
ATOM   932  C CA  . TYR A 1 134 ? 17.128  1.437   -1.985  1.00 12.01 ? 1425 TYR A CA  1 
ATOM   933  C C   . TYR A 1 134 ? 17.870  2.745   -1.732  1.00 12.62 ? 1425 TYR A C   1 
ATOM   934  O O   . TYR A 1 134 ? 18.695  3.145   -2.564  1.00 12.55 ? 1425 TYR A O   1 
ATOM   935  C CB  . TYR A 1 134 ? 15.677  1.731   -2.369  1.00 11.45 ? 1425 TYR A CB  1 
ATOM   936  C CG  . TYR A 1 134 ? 15.551  2.686   -3.510  1.00 11.85 ? 1425 TYR A CG  1 
ATOM   937  C CD1 . TYR A 1 134 ? 15.782  2.285   -4.812  1.00 11.98 ? 1425 TYR A CD1 1 
ATOM   938  C CD2 . TYR A 1 134 ? 15.299  4.009   -3.275  1.00 13.61 ? 1425 TYR A CD2 1 
ATOM   939  C CE1 . TYR A 1 134 ? 15.662  3.170   -5.857  1.00 13.07 ? 1425 TYR A CE1 1 
ATOM   940  C CE2 . TYR A 1 134 ? 15.193  4.914   -4.297  1.00 13.40 ? 1425 TYR A CE2 1 
ATOM   941  C CZ  . TYR A 1 134 ? 15.365  4.485   -5.602  1.00 13.72 ? 1425 TYR A CZ  1 
ATOM   942  O OH  . TYR A 1 134 ? 15.291  5.343   -6.651  1.00 17.38 ? 1425 TYR A OH  1 
ATOM   943  N N   . LYS A 1 135 ? 17.600  3.415   -0.614  1.00 12.55 ? 1426 LYS A N   1 
ATOM   944  C CA  . LYS A 1 135 ? 18.230  4.720   -0.369  1.00 13.68 ? 1426 LYS A CA  1 
ATOM   945  C C   . LYS A 1 135 ? 19.752  4.556   -0.217  1.00 11.63 ? 1426 LYS A C   1 
ATOM   946  O O   . LYS A 1 135 ? 20.460  5.434   -0.722  1.00 13.04 ? 1426 LYS A O   1 
ATOM   947  C CB  . LYS A 1 135 ? 17.591  5.391   0.852   1.00 15.06 ? 1426 LYS A CB  1 
ATOM   948  C CG  . LYS A 1 135 ? 16.119  5.757   0.636   1.00 16.73 ? 1426 LYS A CG  1 
ATOM   949  C CD  . LYS A 1 135 ? 15.475  6.344   1.893   1.00 19.26 ? 1426 LYS A CD  1 
ATOM   950  C CE  . LYS A 1 135 ? 13.961  6.247   1.846   1.00 21.97 ? 1426 LYS A CE  1 
ATOM   951  N NZ  . LYS A 1 135 ? 13.339  6.757   3.092   1.00 25.23 ? 1426 LYS A NZ  1 
ATOM   952  N N   . SER A 1 136 ? 20.187  3.467   0.382   1.00 13.20 ? 1427 SER A N   1 
ATOM   953  C CA  . SER A 1 136 ? 21.622  3.142   0.542   1.00 14.64 ? 1427 SER A CA  1 
ATOM   954  C C   . SER A 1 136 ? 22.280  2.940   -0.820  1.00 14.75 ? 1427 SER A C   1 
ATOM   955  O O   . SER A 1 136 ? 23.336  3.534   -1.137  1.00 13.93 ? 1427 SER A O   1 
ATOM   956  C CB  . SER A 1 136 ? 21.777  1.876   1.354   1.00 18.21 ? 1427 SER A CB  1 
ATOM   957  O OG  . SER A 1 136 ? 23.135  1.502   1.404   1.00 26.72 ? 1427 SER A OG  1 
ATOM   958  N N   . ALA A 1 137 ? 21.612  2.144   -1.649  1.00 13.61 ? 1428 ALA A N   1 
ATOM   959  C CA  . ALA A 1 137 ? 22.120  1.770   -2.982  1.00 13.30 ? 1428 ALA A CA  1 
ATOM   960  C C   . ALA A 1 137 ? 22.212  3.029   -3.814  1.00 13.34 ? 1428 ALA A C   1 
ATOM   961  O O   . ALA A 1 137 ? 23.178  3.193   -4.589  1.00 14.01 ? 1428 ALA A O   1 
ATOM   962  C CB  . ALA A 1 137 ? 21.228  0.730   -3.604  1.00 14.68 ? 1428 ALA A CB  1 
ATOM   963  N N   . LEU A 1 138 ? 21.229  3.913   -3.705  0.50 13.64 ? 1429 LEU A N   1 
ATOM   964  C CA  . LEU A 1 138 ? 21.192  5.129   -4.544  0.50 14.30 ? 1429 LEU A CA  1 
ATOM   965  C C   . LEU A 1 138 ? 22.257  6.122   -4.060  0.50 14.08 ? 1429 LEU A C   1 
ATOM   966  O O   . LEU A 1 138 ? 22.930  6.730   -4.907  0.50 14.05 ? 1429 LEU A O   1 
ATOM   967  C CB  . LEU A 1 138 ? 19.769  5.689   -4.549  0.50 15.57 ? 1429 LEU A CB  1 
ATOM   968  C CG  . LEU A 1 138 ? 19.442  6.560   -5.756  0.50 15.43 ? 1429 LEU A CG  1 
ATOM   969  C CD1 . LEU A 1 138 ? 19.384  5.730   -7.032  0.50 15.57 ? 1429 LEU A CD1 1 
ATOM   970  C CD2 . LEU A 1 138 ? 18.135  7.298   -5.535  0.50 15.50 ? 1429 LEU A CD2 1 
ATOM   971  N N   . ARG A 1 139 ? 22.458  6.248   -2.746  1.00 13.50 ? 1430 ARG A N   1 
ATOM   972  C CA  . ARG A 1 139 ? 23.567  7.073   -2.224  1.00 14.03 ? 1430 ARG A CA  1 
ATOM   973  C C   . ARG A 1 139 ? 24.908  6.530   -2.749  1.00 12.14 ? 1430 ARG A C   1 
ATOM   974  O O   . ARG A 1 139 ? 25.744  7.314   -3.147  1.00 13.95 ? 1430 ARG A O   1 
ATOM   975  C CB  . ARG A 1 139 ? 23.599  7.184   -0.696  1.00 13.93 ? 1430 ARG A CB  1 
ATOM   976  C CG  . ARG A 1 139 ? 22.445  7.973   -0.101  1.00 15.47 ? 1430 ARG A CG  1 
ATOM   977  C CD  . ARG A 1 139 ? 22.598  8.256   1.384   1.00 17.01 ? 1430 ARG A CD  1 
ATOM   978  N NE  . ARG A 1 139 ? 22.356  7.078   2.186   1.00 17.52 ? 1430 ARG A NE  1 
ATOM   979  C CZ  . ARG A 1 139 ? 21.215  6.741   2.798   1.00 17.61 ? 1430 ARG A CZ  1 
ATOM   980  N NH1 . ARG A 1 139 ? 20.120  7.445   2.544   1.00 21.45 ? 1430 ARG A NH1 1 
ATOM   981  N NH2 . ARG A 1 139 ? 21.171  5.661   3.551   1.00 17.20 ? 1430 ARG A NH2 1 
ATOM   982  N N   . PHE A 1 140 ? 25.093  5.231   -2.723  1.00 11.34 ? 1431 PHE A N   1 
ATOM   983  C CA  . PHE A 1 140 ? 26.340  4.636   -3.235  1.00 11.72 ? 1431 PHE A CA  1 
ATOM   984  C C   . PHE A 1 140 ? 26.491  4.980   -4.712  1.00 11.88 ? 1431 PHE A C   1 
ATOM   985  O O   . PHE A 1 140 ? 27.569  5.415   -5.144  1.00 11.86 ? 1431 PHE A O   1 
ATOM   986  C CB  . PHE A 1 140 ? 26.342  3.141   -2.996  1.00 11.84 ? 1431 PHE A CB  1 
ATOM   987  C CG  . PHE A 1 140 ? 27.665  2.516   -3.337  1.00 12.73 ? 1431 PHE A CG  1 
ATOM   988  C CD1 . PHE A 1 140 ? 28.777  2.687   -2.531  1.00 14.76 ? 1431 PHE A CD1 1 
ATOM   989  C CD2 . PHE A 1 140 ? 27.801  1.842   -4.521  1.00 13.26 ? 1431 PHE A CD2 1 
ATOM   990  C CE1 . PHE A 1 140 ? 29.968  2.063   -2.867  1.00 15.38 ? 1431 PHE A CE1 1 
ATOM   991  C CE2 . PHE A 1 140 ? 29.009  1.266   -4.871  1.00 16.36 ? 1431 PHE A CE2 1 
ATOM   992  C CZ  . PHE A 1 140 ? 30.078  1.392   -4.045  1.00 16.17 ? 1431 PHE A CZ  1 
ATOM   993  N N   . HIS A 1 141 ? 25.393  4.872   -5.468  1.00 13.34 ? 1432 HIS A N   1 
ATOM   994  C CA  . HIS A 1 141 ? 25.407  5.126   -6.930  1.00 15.38 ? 1432 HIS A CA  1 
ATOM   995  C C   . HIS A 1 141 ? 25.864  6.539   -7.235  1.00 17.51 ? 1432 HIS A C   1 
ATOM   996  O O   . HIS A 1 141 ? 26.567  6.734   -8.254  1.00 21.05 ? 1432 HIS A O   1 
ATOM   997  C CB  . HIS A 1 141 ? 24.025  4.931   -7.525  1.00 15.16 ? 1432 HIS A CB  1 
ATOM   998  C CG  . HIS A 1 141 ? 24.048  5.118   -9.006  1.00 15.80 ? 1432 HIS A CG  1 
ATOM   999  N ND1 . HIS A 1 141 ? 24.659  4.202   -9.815  1.00 15.23 ? 1432 HIS A ND1 1 
ATOM   1000 C CD2 . HIS A 1 141 ? 23.522  6.069   -9.805  1.00 16.39 ? 1432 HIS A CD2 1 
ATOM   1001 C CE1 . HIS A 1 141 ? 24.569  4.593   -11.068 1.00 15.31 ? 1432 HIS A CE1 1 
ATOM   1002 N NE2 . HIS A 1 141 ? 23.867  5.724   -11.105 1.00 16.13 ? 1432 HIS A NE2 1 
ATOM   1003 N N   . LYS A 1 142 ? 25.457  7.492   -6.397  1.00 18.30 ? 1433 LYS A N   1 
ATOM   1004 C CA  . LYS A 1 142 ? 25.594  8.934   -6.628  1.00 24.22 ? 1433 LYS A CA  1 
ATOM   1005 C C   . LYS A 1 142 ? 26.842  9.432   -5.910  1.00 23.19 ? 1433 LYS A C   1 
ATOM   1006 O O   . LYS A 1 142 ? 27.100  10.620  -5.998  1.00 29.83 ? 1433 LYS A O   1 
ATOM   1007 C CB  . LYS A 1 142 ? 24.324  9.656   -6.161  1.00 28.23 ? 1433 LYS A CB  1 
ATOM   1008 C CG  . LYS A 1 142 ? 23.049  9.392   -6.958  1.00 32.03 ? 1433 LYS A CG  1 
ATOM   1009 C CD  . LYS A 1 142 ? 21.998  10.473  -6.704  1.00 36.17 ? 1433 LYS A CD  1 
ATOM   1010 C CE  . LYS A 1 142 ? 20.574  9.966   -6.601  1.00 39.04 ? 1433 LYS A CE  1 
ATOM   1011 N NZ  . LYS A 1 142 ? 20.134  9.289   -7.843  1.00 42.86 ? 1433 LYS A NZ  1 
ATOM   1012 N N   . ARG A 1 143 ? 27.623  8.560   -5.268  1.00 21.47 ? 1434 ARG A N   1 
ATOM   1013 C CA  . ARG A 1 143 ? 28.789  8.957   -4.426  1.00 19.53 ? 1434 ARG A CA  1 
ATOM   1014 C C   . ARG A 1 143 ? 29.914  9.593   -5.276  1.00 23.67 ? 1434 ARG A C   1 
ATOM   1015 O O   . ARG A 1 143 ? 29.866  9.487   -6.538  1.00 25.14 ? 1434 ARG A O   1 
ATOM   1016 C CB  . ARG A 1 143 ? 29.356  7.768   -3.654  1.00 19.90 ? 1434 ARG A CB  1 
ATOM   1017 C CG  . ARG A 1 143 ? 30.153  6.818   -4.533  1.00 18.34 ? 1434 ARG A CG  1 
ATOM   1018 C CD  . ARG A 1 143 ? 30.382  5.499   -3.872  1.00 19.03 ? 1434 ARG A CD  1 
ATOM   1019 N NE  . ARG A 1 143 ? 31.302  4.695   -4.640  1.00 17.26 ? 1434 ARG A NE  1 
ATOM   1020 C CZ  . ARG A 1 143 ? 31.045  4.037   -5.742  1.00 16.35 ? 1434 ARG A CZ  1 
ATOM   1021 N NH1 . ARG A 1 143 ? 29.864  4.102   -6.339  1.00 16.17 ? 1434 ARG A NH1 1 
ATOM   1022 N NH2 . ARG A 1 143 ? 32.006  3.318   -6.305  1.00 19.97 ? 1434 ARG A NH2 1 
HETATM 1023 N N1  . Y1P B 2 .   ? -14.117 -0.997  1.052   0.57 5.32  ? 1501 Y1P A N1  1 
HETATM 1024 C C4  . Y1P B 2 .   ? -15.139 -0.506  1.989   0.57 5.36  ? 1501 Y1P A C4  1 
HETATM 1025 C C5  . Y1P B 2 .   ? -14.773 0.871   2.472   0.57 5.32  ? 1501 Y1P A C5  1 
HETATM 1026 C C6  . Y1P B 2 .   ? -13.018 1.138   4.305   0.57 5.57  ? 1501 Y1P A C6  1 
HETATM 1027 C C7  . Y1P B 2 .   ? -13.958 1.189   5.424   0.57 5.69  ? 1501 Y1P A C7  1 
HETATM 1028 C C8  . Y1P B 2 .   ? -13.819 1.661   6.676   0.57 5.94  ? 1501 Y1P A C8  1 
HETATM 1029 C C10 . Y1P B 2 .   ? -15.743 0.652   6.563   0.57 5.87  ? 1501 Y1P A C10 1 
HETATM 1030 N N   . Y1P B 2 .   ? -13.556 -2.605  -0.493  0.57 6.01  ? 1501 Y1P A N   1 
HETATM 1031 C C   . Y1P B 2 .   ? -14.239 -6.766  -0.405  0.57 6.44  ? 1501 Y1P A C   1 
HETATM 1032 O O   . Y1P B 2 .   ? -13.746 -5.431  -0.535  0.57 6.23  ? 1501 Y1P A O   1 
HETATM 1033 C C1  . Y1P B 2 .   ? -14.504 -4.666  -1.449  0.57 6.19  ? 1501 Y1P A C1  1 
HETATM 1034 C C11 . Y1P B 2 .   ? -12.449 0.485   2.038   0.57 5.46  ? 1501 Y1P A C11 1 
HETATM 1035 C C12 . Y1P B 2 .   ? -12.730 -0.901  1.528   0.57 5.51  ? 1501 Y1P A C12 1 
HETATM 1036 C C2  . Y1P B 2 .   ? -13.801 -3.361  -1.712  0.57 6.14  ? 1501 Y1P A C2  1 
HETATM 1037 C C3  . Y1P B 2 .   ? -14.508 -1.818  0.040   0.57 5.53  ? 1501 Y1P A C3  1 
HETATM 1038 C C9  . Y1P B 2 .   ? -14.983 1.300   7.379   0.57 6.02  ? 1501 Y1P A C9  1 
HETATM 1039 N N2  . Y1P B 2 .   ? -13.433 0.844   3.060   0.57 5.31  ? 1501 Y1P A N2  1 
HETATM 1040 O O1  . Y1P B 2 .   ? -15.661 -1.818  -0.364  0.57 6.13  ? 1501 Y1P A O1  1 
HETATM 1041 O O2  . Y1P B 2 .   ? -11.835 1.350   4.527   0.57 5.93  ? 1501 Y1P A O2  1 
HETATM 1042 O O3  . Y1P B 2 .   ? -15.161 0.558   5.315   0.57 6.12  ? 1501 Y1P A O3  1 
HETATM 1043 O O   . HOH C 3 .   ? 5.909   -14.475 -4.168  1.00 39.63 ? 1601 HOH A O   1 
HETATM 1044 O O   . HOH C 3 .   ? 6.696   -5.117  13.749  1.00 35.99 ? 1602 HOH A O   1 
HETATM 1045 O O   . HOH C 3 .   ? 12.094  -4.404  6.957   1.00 23.70 ? 1603 HOH A O   1 
HETATM 1046 O O   . HOH C 3 .   ? -19.924 -5.720  -5.082  1.00 45.96 ? 1604 HOH A O   1 
HETATM 1047 O O   . HOH C 3 .   ? -10.972 -6.794  11.681  1.00 15.80 ? 1605 HOH A O   1 
HETATM 1048 O O   . HOH C 3 .   ? 15.193  4.667   -8.916  1.00 24.73 ? 1606 HOH A O   1 
HETATM 1049 O O   . HOH C 3 .   ? 11.226  -6.646  3.913   1.00 34.88 ? 1607 HOH A O   1 
HETATM 1050 O O   . HOH C 3 .   ? -19.538 11.311  -4.781  1.00 51.31 ? 1608 HOH A O   1 
HETATM 1051 O O   . HOH C 3 .   ? -22.276 -3.818  -6.246  1.00 38.92 ? 1609 HOH A O   1 
HETATM 1052 O O   . HOH C 3 .   ? -15.924 -12.075 3.228   1.00 22.64 ? 1610 HOH A O   1 
HETATM 1053 O O   . HOH C 3 .   ? -13.257 13.771  3.280   1.00 17.46 ? 1611 HOH A O   1 
HETATM 1054 O O   . HOH C 3 .   ? 14.914  10.073  -12.640 1.00 33.94 ? 1612 HOH A O   1 
HETATM 1055 O O   . HOH C 3 .   ? 13.301  2.301   6.274   1.00 21.34 ? 1613 HOH A O   1 
HETATM 1056 O O   . HOH C 3 .   ? -17.225 -3.889  2.320   1.00 13.58 ? 1614 HOH A O   1 
HETATM 1057 O O   . HOH C 3 .   ? -21.475 10.649  3.634   1.00 14.36 ? 1615 HOH A O   1 
HETATM 1058 O O   . HOH C 3 .   ? -6.447  4.190   15.370  1.00 25.98 ? 1616 HOH A O   1 
HETATM 1059 O O   . HOH C 3 .   ? -6.954  -2.249  -10.189 1.00 40.32 ? 1617 HOH A O   1 
HETATM 1060 O O   . HOH C 3 .   ? 19.245  9.233   0.865   1.00 26.23 ? 1618 HOH A O   1 
HETATM 1061 O O   . HOH C 3 .   ? -11.276 3.413   2.398   1.00 11.89 ? 1619 HOH A O   1 
HETATM 1062 O O   . HOH C 3 .   ? -13.447 11.426  7.198   1.00 12.56 ? 1620 HOH A O   1 
HETATM 1063 O O   . HOH C 3 .   ? -13.529 8.716   10.118  1.00 13.74 ? 1621 HOH A O   1 
HETATM 1064 O O   . HOH C 3 .   ? 0.604   6.265   -8.324  1.00 31.04 ? 1622 HOH A O   1 
HETATM 1065 O O   . HOH C 3 .   ? -8.986  2.134   -5.683  1.00 14.93 ? 1623 HOH A O   1 
HETATM 1066 O O   . HOH C 3 .   ? -22.521 7.047   4.862   1.00 19.03 ? 1624 HOH A O   1 
HETATM 1067 O O   . HOH C 3 .   ? -22.768 1.633   2.251   1.00 30.86 ? 1625 HOH A O   1 
HETATM 1068 O O   . HOH C 3 .   ? -7.657  1.762   -10.002 1.00 31.48 ? 1626 HOH A O   1 
HETATM 1069 O O   . HOH C 3 .   ? -8.479  10.385  14.427  1.00 23.25 ? 1627 HOH A O   1 
HETATM 1070 O O   . HOH C 3 .   ? -5.782  -16.022 2.544   1.00 21.89 ? 1628 HOH A O   1 
HETATM 1071 O O   . HOH C 3 .   ? 8.402   -9.796  10.692  1.00 28.36 ? 1629 HOH A O   1 
HETATM 1072 O O   . HOH C 3 .   ? -17.036 -2.259  -2.581  1.00 13.76 ? 1630 HOH A O   1 
HETATM 1073 O O   . HOH C 3 .   ? 27.769  5.381   -10.186 1.00 45.26 ? 1631 HOH A O   1 
HETATM 1074 O O   . HOH C 3 .   ? -7.029  6.892   -7.621  1.00 25.80 ? 1632 HOH A O   1 
HETATM 1075 O O   . HOH C 3 .   ? -4.777  -17.839 0.707   1.00 16.01 ? 1633 HOH A O   1 
HETATM 1076 O O   . HOH C 3 .   ? 1.148   2.206   6.524   1.00 15.70 ? 1634 HOH A O   1 
HETATM 1077 O O   . HOH C 3 .   ? -0.975  -0.047  12.596  1.00 20.55 ? 1635 HOH A O   1 
HETATM 1078 O O   . HOH C 3 .   ? -6.390  6.850   15.503  1.00 20.04 ? 1636 HOH A O   1 
HETATM 1079 O O   . HOH C 3 .   ? 15.610  6.494   -11.169 0.50 27.62 ? 1637 HOH A O   1 
HETATM 1080 O O   . HOH C 3 .   ? 24.558  1.415   -6.083  1.00 13.88 ? 1638 HOH A O   1 
HETATM 1081 O O   . HOH C 3 .   ? -9.782  3.537   -1.536  1.00 12.79 ? 1639 HOH A O   1 
HETATM 1082 O O   . HOH C 3 .   ? -17.880 0.857   17.088  1.00 16.45 ? 1640 HOH A O   1 
HETATM 1083 O O   . HOH C 3 .   ? 3.827   -0.272  -19.153 1.00 20.44 ? 1641 HOH A O   1 
HETATM 1084 O O   . HOH C 3 .   ? 8.265   1.276   7.614   1.00 19.85 ? 1642 HOH A O   1 
HETATM 1085 O O   . HOH C 3 .   ? -2.006  8.999   2.975   1.00 13.93 ? 1643 HOH A O   1 
HETATM 1086 O O   . HOH C 3 .   ? -23.088 7.412   -5.532  1.00 21.40 ? 1644 HOH A O   1 
HETATM 1087 O O   . HOH C 3 .   ? -17.846 -5.130  0.005   0.57 9.41  ? 1645 HOH A O   1 
HETATM 1088 O O   . HOH C 3 .   ? -22.084 12.579  1.722   1.00 15.40 ? 1646 HOH A O   1 
HETATM 1089 O O   . HOH C 3 .   ? -9.389  -10.262 9.154   1.00 38.43 ? 1647 HOH A O   1 
HETATM 1090 O O   . HOH C 3 .   ? 25.741  2.132   -8.465  1.00 14.07 ? 1648 HOH A O   1 
HETATM 1091 O O   . HOH C 3 .   ? -5.739  -12.787 -2.535  1.00 21.81 ? 1649 HOH A O   1 
HETATM 1092 O O   . HOH C 3 .   ? -11.357 -9.316  -1.413  0.57 17.36 ? 1650 HOH A O   1 
HETATM 1093 O O   . HOH C 3 .   ? 11.421  8.783   -5.684  1.00 32.25 ? 1651 HOH A O   1 
HETATM 1094 O O   . HOH C 3 .   ? 0.945   -13.633 3.548   1.00 31.10 ? 1652 HOH A O   1 
HETATM 1095 O O   . HOH C 3 .   ? 9.884   -8.549  -0.142  1.00 22.39 ? 1653 HOH A O   1 
HETATM 1096 O O   . HOH C 3 .   ? -6.638  9.426   2.704   1.00 13.22 ? 1654 HOH A O   1 
HETATM 1097 O O   . HOH C 3 .   ? -8.778  0.616   16.788  1.00 21.95 ? 1655 HOH A O   1 
HETATM 1098 O O   . HOH C 3 .   ? 3.807   -5.014  -17.523 1.00 34.64 ? 1656 HOH A O   1 
HETATM 1099 O O   . HOH C 3 .   ? 7.421   -3.486  -15.615 1.00 14.42 ? 1657 HOH A O   1 
HETATM 1100 O O   . HOH C 3 .   ? -14.043 12.412  -4.940  1.00 22.68 ? 1658 HOH A O   1 
HETATM 1101 O O   . HOH C 3 .   ? 8.266   -11.284 -8.150  1.00 42.76 ? 1659 HOH A O   1 
HETATM 1102 O O   . HOH C 3 .   ? -1.513  6.110   6.030   1.00 10.67 ? 1660 HOH A O   1 
HETATM 1103 O O   . HOH C 3 .   ? -9.104  0.831   -0.527  1.00 14.17 ? 1661 HOH A O   1 
HETATM 1104 O O   . HOH C 3 .   ? -14.399 -2.946  -7.463  1.00 40.66 ? 1662 HOH A O   1 
HETATM 1105 O O   . HOH C 3 .   ? -0.036  8.647   1.109   1.00 13.20 ? 1663 HOH A O   1 
HETATM 1106 O O   . HOH C 3 .   ? -1.178  3.263   9.631   1.00 20.49 ? 1664 HOH A O   1 
HETATM 1107 O O   . HOH C 3 .   ? 6.899   7.534   0.566   1.00 18.29 ? 1665 HOH A O   1 
HETATM 1108 O O   . HOH C 3 .   ? -7.339  -9.834  -5.884  1.00 36.90 ? 1666 HOH A O   1 
HETATM 1109 O O   . HOH C 3 .   ? -5.716  2.787   8.475   1.00 11.03 ? 1667 HOH A O   1 
HETATM 1110 O O   . HOH C 3 .   ? -10.461 -1.285  -1.430  1.00 13.45 ? 1668 HOH A O   1 
HETATM 1111 O O   . HOH C 3 .   ? -0.145  -7.240  11.522  1.00 19.22 ? 1669 HOH A O   1 
HETATM 1112 O O   . HOH C 3 .   ? -3.179  -5.971  -10.064 1.00 29.86 ? 1670 HOH A O   1 
HETATM 1113 O O   . HOH C 3 .   ? -10.138 -3.334  16.750  1.00 19.60 ? 1671 HOH A O   1 
HETATM 1114 O O   . HOH C 3 .   ? 3.722   -9.223  11.389  1.00 20.20 ? 1672 HOH A O   1 
HETATM 1115 O O   . HOH C 3 .   ? 15.676  -0.492  7.817   1.00 20.54 ? 1673 HOH A O   1 
HETATM 1116 O O   . HOH C 3 .   ? 3.030   6.180   -10.139 1.00 22.70 ? 1674 HOH A O   1 
HETATM 1117 O O   . HOH C 3 .   ? -17.296 7.529   15.806  1.00 11.04 ? 1675 HOH A O   1 
HETATM 1118 O O   . HOH C 3 .   ? 13.792  -5.921  -8.811  1.00 12.96 ? 1676 HOH A O   1 
HETATM 1119 O O   . HOH C 3 .   ? -7.563  -14.188 1.583   1.00 31.10 ? 1677 HOH A O   1 
HETATM 1120 O O   . HOH C 3 .   ? 11.243  -4.439  -14.549 1.00 19.33 ? 1678 HOH A O   1 
HETATM 1121 O O   . HOH C 3 .   ? -21.978 4.094   2.956   1.00 26.94 ? 1679 HOH A O   1 
HETATM 1122 O O   . HOH C 3 .   ? 7.194   0.227   -11.399 1.00 11.48 ? 1680 HOH A O   1 
HETATM 1123 O O   . HOH C 3 .   ? 15.366  -5.075  1.167   1.00 30.20 ? 1681 HOH A O   1 
HETATM 1124 O O   . HOH C 3 .   ? -10.622 13.787  -6.425  1.00 40.37 ? 1682 HOH A O   1 
HETATM 1125 O O   . HOH C 3 .   ? -1.182  3.849   -8.494  1.00 24.57 ? 1683 HOH A O   1 
HETATM 1126 O O   . HOH C 3 .   ? -0.926  -18.305 2.366   1.00 34.31 ? 1684 HOH A O   1 
HETATM 1127 O O   . HOH C 3 .   ? -19.694 9.137   -3.872  1.00 19.73 ? 1685 HOH A O   1 
HETATM 1128 O O   . HOH C 3 .   ? -9.046  -3.554  -9.923  1.00 39.71 ? 1686 HOH A O   1 
HETATM 1129 O O   . HOH C 3 .   ? -2.286  -8.137  8.907   1.00 19.95 ? 1687 HOH A O   1 
HETATM 1130 O O   . HOH C 3 .   ? -1.417  4.499   -10.177 1.00 27.73 ? 1688 HOH A O   1 
HETATM 1131 O O   . HOH C 3 .   ? -15.468 1.123   -8.227  1.00 38.91 ? 1689 HOH A O   1 
HETATM 1132 O O   . HOH C 3 .   ? 19.202  7.797   -1.542  1.00 21.29 ? 1690 HOH A O   1 
HETATM 1133 O O   . HOH C 3 .   ? 18.151  -4.872  -1.476  1.00 20.43 ? 1691 HOH A O   1 
HETATM 1134 O O   . HOH C 3 .   ? 15.519  -2.153  -2.011  1.00 14.13 ? 1692 HOH A O   1 
HETATM 1135 O O   . HOH C 3 .   ? 19.314  -2.827  -2.857  1.00 20.50 ? 1693 HOH A O   1 
HETATM 1136 O O   . HOH C 3 .   ? 30.606  -1.224  0.779   1.00 56.91 ? 1694 HOH A O   1 
HETATM 1137 O O   . HOH C 3 .   ? -10.047 -11.886 -2.987  1.00 27.48 ? 1695 HOH A O   1 
HETATM 1138 O O   . HOH C 3 .   ? -8.166  -17.544 3.649   1.00 20.55 ? 1696 HOH A O   1 
HETATM 1139 O O   . HOH C 3 .   ? -6.377  -3.451  14.584  1.00 12.68 ? 1697 HOH A O   1 
HETATM 1140 O O   . HOH C 3 .   ? -9.093  2.061   1.954   1.00 13.62 ? 1698 HOH A O   1 
HETATM 1141 O O   . HOH C 3 .   ? 0.374   -3.568  -15.028 1.00 20.22 ? 1699 HOH A O   1 
HETATM 1142 O O   . HOH C 3 .   ? 2.968   7.546   -5.484  1.00 20.20 ? 1700 HOH A O   1 
HETATM 1143 O O   . HOH C 3 .   ? 4.958   -1.730  11.848  1.00 26.20 ? 1701 HOH A O   1 
HETATM 1144 O O   . HOH C 3 .   ? 24.793  5.712   2.510   1.00 17.43 ? 1702 HOH A O   1 
HETATM 1145 O O   . HOH C 3 .   ? 14.555  8.044   -6.362  1.00 26.36 ? 1703 HOH A O   1 
HETATM 1146 O O   . HOH C 3 .   ? -6.564  -5.920  15.879  1.00 11.78 ? 1704 HOH A O   1 
HETATM 1147 O O   . HOH C 3 .   ? 1.075   -13.201 -7.613  1.00 37.35 ? 1705 HOH A O   1 
HETATM 1148 O O   . HOH C 3 .   ? -0.717  8.797   -3.426  1.00 28.63 ? 1706 HOH A O   1 
HETATM 1149 O O   . HOH C 3 .   ? -13.219 3.357   -5.413  1.00 20.98 ? 1707 HOH A O   1 
HETATM 1150 O O   . HOH C 3 .   ? -0.510  -13.946 -3.249  1.00 21.79 ? 1708 HOH A O   1 
HETATM 1151 O O   . HOH C 3 .   ? -8.195  10.236  -0.681  1.00 14.64 ? 1709 HOH A O   1 
HETATM 1152 O O   . HOH C 3 .   ? -18.636 -1.753  5.951   1.00 26.79 ? 1710 HOH A O   1 
HETATM 1153 O O   . HOH C 3 .   ? 25.561  4.078   0.544   1.00 14.01 ? 1711 HOH A O   1 
HETATM 1154 O O   . HOH C 3 .   ? -3.686  5.236   12.205  1.00 21.50 ? 1712 HOH A O   1 
HETATM 1155 O O   . HOH C 3 .   ? 10.208  -6.852  -11.803 1.00 28.65 ? 1713 HOH A O   1 
HETATM 1156 O O   . HOH C 3 .   ? 15.106  -8.013  -5.586  1.00 21.51 ? 1714 HOH A O   1 
HETATM 1157 O O   . HOH C 3 .   ? -4.232  -14.619 6.377   1.00 22.21 ? 1715 HOH A O   1 
HETATM 1158 O O   . HOH C 3 .   ? -6.871  9.413   7.305   1.00 23.61 ? 1716 HOH A O   1 
HETATM 1159 O O   . HOH C 3 .   ? -12.037 -12.313 7.247   1.00 25.49 ? 1717 HOH A O   1 
HETATM 1160 O O   . HOH C 3 .   ? 14.104  -3.098  8.830   1.00 27.93 ? 1718 HOH A O   1 
HETATM 1161 O O   . HOH C 3 .   ? 2.822   -8.761  -6.665  1.00 24.32 ? 1719 HOH A O   1 
HETATM 1162 O O   . HOH C 3 .   ? 1.290   0.940   11.068  1.00 18.34 ? 1720 HOH A O   1 
HETATM 1163 O O   . HOH C 3 .   ? -2.150  1.353   -12.517 1.00 26.36 ? 1721 HOH A O   1 
HETATM 1164 O O   . HOH C 3 .   ? -16.108 -2.342  8.816   1.00 11.74 ? 1722 HOH A O   1 
HETATM 1165 O O   . HOH C 3 .   ? -11.179 -5.744  -2.149  1.00 12.93 ? 1723 HOH A O   1 
HETATM 1166 O O   . HOH C 3 .   ? -18.794 14.189  2.296   1.00 36.25 ? 1724 HOH A O   1 
HETATM 1167 O O   . HOH C 3 .   ? -10.132 -12.707 8.465   1.00 36.74 ? 1725 HOH A O   1 
HETATM 1168 O O   . HOH C 3 .   ? -0.048  3.156   -13.385 1.00 32.21 ? 1726 HOH A O   1 
HETATM 1169 O O   . HOH C 3 .   ? 10.653  -4.084  10.815  1.00 35.18 ? 1727 HOH A O   1 
HETATM 1170 O O   . HOH C 3 .   ? 8.733   6.665   4.652   1.00 29.63 ? 1728 HOH A O   1 
HETATM 1171 O O   . HOH C 3 .   ? -14.881 -12.695 8.438   1.00 17.30 ? 1729 HOH A O   1 
HETATM 1172 O O   . HOH C 3 .   ? 5.884   -13.495 -1.444  1.00 27.29 ? 1730 HOH A O   1 
HETATM 1173 O O   . HOH C 3 .   ? 13.560  -1.927  -10.663 1.00 14.13 ? 1731 HOH A O   1 
HETATM 1174 O O   . HOH C 3 .   ? -10.876 7.106   12.159  1.00 14.94 ? 1732 HOH A O   1 
HETATM 1175 O O   . HOH C 3 .   ? 16.577  -1.262  -4.491  1.00 12.71 ? 1733 HOH A O   1 
HETATM 1176 O O   . HOH C 3 .   ? 17.228  -5.898  -9.180  1.00 17.09 ? 1734 HOH A O   1 
HETATM 1177 O O   . HOH C 3 .   ? 2.705   13.664  -0.578  1.00 24.56 ? 1735 HOH A O   1 
HETATM 1178 O O   . HOH C 3 .   ? 9.244   5.222   5.907   1.00 25.35 ? 1736 HOH A O   1 
HETATM 1179 O O   . HOH C 3 .   ? -14.224 5.501   -7.401  1.00 40.06 ? 1737 HOH A O   1 
HETATM 1180 O O   . HOH C 3 .   ? 13.186  3.067   -11.582 1.00 20.06 ? 1738 HOH A O   1 
HETATM 1181 O O   . HOH C 3 .   ? 14.500  0.696   -10.485 1.00 16.87 ? 1739 HOH A O   1 
HETATM 1182 O O   . HOH C 3 .   ? 4.643   8.068   2.168   1.00 14.27 ? 1740 HOH A O   1 
HETATM 1183 O O   . HOH C 3 .   ? -3.878  -7.992  -8.490  1.00 25.07 ? 1741 HOH A O   1 
HETATM 1184 O O   . HOH C 3 .   ? -1.798  8.752   -5.475  1.00 30.52 ? 1742 HOH A O   1 
HETATM 1185 O O   . HOH C 3 .   ? -13.569 6.747   13.031  0.57 8.55  ? 1743 HOH A O   1 
HETATM 1186 O O   . HOH C 3 .   ? -19.062 15.595  0.406   1.00 28.07 ? 1744 HOH A O   1 
HETATM 1187 O O   . HOH C 3 .   ? 22.293  -5.130  -3.417  1.00 26.85 ? 1745 HOH A O   1 
HETATM 1188 O O   . HOH C 3 .   ? -3.782  -11.999 -6.925  1.00 25.75 ? 1746 HOH A O   1 
HETATM 1189 O O   . HOH C 3 .   ? -17.776 -6.693  -2.289  1.00 24.30 ? 1747 HOH A O   1 
HETATM 1190 O O   . HOH C 3 .   ? -11.001 2.325   -3.920  1.00 15.51 ? 1748 HOH A O   1 
HETATM 1191 O O   . HOH C 3 .   ? 11.383  8.766   1.874   1.00 35.72 ? 1749 HOH A O   1 
HETATM 1192 O O   . HOH C 3 .   ? -9.718  12.009  0.813   1.00 21.91 ? 1750 HOH A O   1 
HETATM 1193 O O   . HOH C 3 .   ? 21.640  -2.185  -0.415  1.00 32.24 ? 1751 HOH A O   1 
HETATM 1194 O O   . HOH C 3 .   ? -6.032  -12.073 9.131   1.00 27.09 ? 1752 HOH A O   1 
HETATM 1195 O O   . HOH C 3 .   ? 26.772  9.904   -1.672  1.00 35.08 ? 1753 HOH A O   1 
HETATM 1196 O O   . HOH C 3 .   ? -9.740  -9.503  -5.141  1.00 27.12 ? 1754 HOH A O   1 
HETATM 1197 O O   . HOH C 3 .   ? -21.372 3.024   4.579   1.00 38.82 ? 1755 HOH A O   1 
HETATM 1198 O O   . HOH C 3 .   ? 7.471   9.404   -3.096  1.00 30.63 ? 1756 HOH A O   1 
HETATM 1199 O O   . HOH C 3 .   ? -3.464  6.323   8.050   1.00 12.60 ? 1757 HOH A O   1 
HETATM 1200 O O   . HOH C 3 .   ? 10.475  2.838   6.982   1.00 17.53 ? 1758 HOH A O   1 
HETATM 1201 O O   . HOH C 3 .   ? -7.083  -14.976 -1.584  1.00 24.29 ? 1759 HOH A O   1 
HETATM 1202 O O   . HOH C 3 .   ? 27.839  5.558   -0.410  1.00 14.34 ? 1760 HOH A O   1 
HETATM 1203 O O   . HOH C 3 .   ? 3.823   -9.021  -9.153  1.00 30.64 ? 1761 HOH A O   1 
HETATM 1204 O O   . HOH C 3 .   ? 20.505  9.243   -3.423  1.00 26.46 ? 1762 HOH A O   1 
HETATM 1205 O O   . HOH C 3 .   ? -1.506  -3.761  14.529  1.00 19.78 ? 1763 HOH A O   1 
HETATM 1206 O O   . HOH C 3 .   ? -8.966  10.452  9.460   1.00 29.54 ? 1764 HOH A O   1 
HETATM 1207 O O   . HOH C 3 .   ? -7.773  -1.987  16.321  1.00 16.82 ? 1765 HOH A O   1 
HETATM 1208 O O   . HOH C 3 .   ? -16.130 -13.648 0.899   1.00 23.11 ? 1766 HOH A O   1 
HETATM 1209 O O   . HOH C 3 .   ? -9.251  -14.780 -2.940  1.00 26.87 ? 1767 HOH A O   1 
HETATM 1210 O O   . HOH C 3 .   ? 0.344   4.610   7.391   1.00 17.90 ? 1768 HOH A O   1 
HETATM 1211 O O   . HOH C 3 .   ? 8.829   6.393   2.016   1.00 27.01 ? 1769 HOH A O   1 
HETATM 1212 O O   . HOH C 3 .   ? -13.654 -13.733 -0.357  1.00 31.26 ? 1770 HOH A O   1 
HETATM 1213 O O   . HOH C 3 .   ? -17.600 0.249   9.280   1.00 20.05 ? 1771 HOH A O   1 
HETATM 1214 O O   . HOH C 3 .   ? 28.244  8.382   -0.237  1.00 25.98 ? 1772 HOH A O   1 
HETATM 1215 O O   . HOH C 3 .   ? 3.100   -16.297 -5.023  1.00 34.29 ? 1773 HOH A O   1 
HETATM 1216 O O   . HOH C 3 .   ? -11.746 -8.038  -3.564  1.00 22.90 ? 1774 HOH A O   1 
HETATM 1217 O O   . HOH C 3 .   ? -0.201  13.156  -0.247  1.00 24.50 ? 1775 HOH A O   1 
HETATM 1218 O O   . HOH C 3 .   ? 20.819  11.002  0.487   1.00 41.62 ? 1776 HOH A O   1 
HETATM 1219 O O   . HOH C 3 .   ? -3.321  3.996   14.541  1.00 25.30 ? 1777 HOH A O   1 
HETATM 1220 O O   . HOH C 3 .   ? 15.636  -8.024  -8.235  1.00 22.85 ? 1778 HOH A O   1 
HETATM 1221 O O   . HOH C 3 .   ? 25.472  -2.029  3.276   1.00 38.02 ? 1779 HOH A O   1 
HETATM 1222 O O   . HOH C 3 .   ? -21.407 16.079  -0.557  1.00 34.46 ? 1780 HOH A O   1 
HETATM 1223 O O   . HOH C 3 .   ? -9.435  3.221   -8.247  1.00 27.46 ? 1781 HOH A O   1 
HETATM 1224 O O   . HOH C 3 .   ? -3.798  -2.688  15.353  1.00 20.66 ? 1782 HOH A O   1 
HETATM 1225 O O   . HOH C 3 .   ? 12.578  -6.318  -11.349 1.00 22.00 ? 1783 HOH A O   1 
HETATM 1226 O O   . HOH C 3 .   ? -3.787  4.268   9.710   1.00 12.00 ? 1784 HOH A O   1 
HETATM 1227 O O   . HOH C 3 .   ? -0.885  10.464  -0.840  1.00 21.13 ? 1785 HOH A O   1 
HETATM 1228 O O   . HOH C 3 .   ? -7.121  2.612   16.923  1.00 28.63 ? 1786 HOH A O   1 
HETATM 1229 O O   . HOH C 3 .   ? 22.785  10.678  -2.908  1.00 31.95 ? 1787 HOH A O   1 
HETATM 1230 O O   . HOH C 3 .   ? 0.220   -1.598  15.169  1.00 25.86 ? 1788 HOH A O   1 
HETATM 1231 O O   . HOH C 3 .   ? 15.672  9.323   -4.452  1.00 22.84 ? 1789 HOH A O   1 
HETATM 1232 O O   . HOH C 3 .   ? 3.689   0.727   11.947  1.00 26.51 ? 1790 HOH A O   1 
HETATM 1233 O O   . HOH C 3 .   ? -3.489  5.267   -9.730  1.00 33.15 ? 1791 HOH A O   1 
HETATM 1234 O O   . HOH C 3 .   ? -11.795 3.851   -7.264  1.00 59.68 ? 1792 HOH A O   1 
HETATM 1235 O O   . HOH C 3 .   ? 14.025  -3.755  -12.973 0.50 10.79 ? 1793 HOH A O   1 
HETATM 1236 O O   . HOH C 3 .   ? -1.841  1.582   14.588  1.00 24.09 ? 1794 HOH A O   1 
HETATM 1237 O O   . HOH C 3 .   ? 16.506  8.001   -2.214  1.00 23.45 ? 1795 HOH A O   1 
# 
